data_6G88
#
_entry.id   6G88
#
_cell.length_a   79.194
_cell.length_b   128.736
_cell.length_c   238.479
_cell.angle_alpha   90.00
_cell.angle_beta   94.04
_cell.angle_gamma   90.00
#
_symmetry.space_group_name_H-M   'C 1 2 1'
#
loop_
_entity.id
_entity.type
_entity.pdbx_description
1 polymer 'Low affinity penicillin-binding protein 5 (PBP5)'
2 non-polymer '(2R)-2-[(1R)-1-{[(2Z)-2-(5-amino-1,2,4-thiadiazol-3-yl)-2-(hydroxyimino)acetyl]amino}-2-oxoethyl]-5-({2-oxo-1-[(3R)-pyr rolidin-3-yl]-2,5-dihydro-1H-pyrrol-3-yl}methyl)-3,6-dihydro-2H-1,3-thiazine-4-carboxylic acid'
3 non-polymer 'SULFATE ION'
#
_entity_poly.entity_id   1
_entity_poly.type   'polypeptide(L)'
_entity_poly.pdbx_seq_one_letter_code
;MGRHYQETQAVEAGEKTVEQFVQALNKGDYNKAAGMASKKAANKSALSEKEILEKYQNIYGAADVKGLEISNLKVDKKDD
STYSFSYKAKMNTSLGELKDLSYKGTLDRNDGKTTINWQPNLVFPEMEGNDKVSLTTQEATRGNILDRNGEPLATTGKLK
QLGVVPSKLGDGDEKTANIKAIASAFDLTEDAINQAISQSWVQPDYFVPLKIIDGATPELPAGATIQEVDGRYYPLGEAA
AQLIGYVGDITAEDIDKNPELSSNGKIGRSGLEMAFDKDLRGTTGGKLSITDTDGVEKKVLIEHEVQNGKDIKLTIDAKA
QKTAFDSLGGKAGSTVATTPKTGDLLALASSPSYDPNKMTNGISQEDYKAYEENPEQPFISRFATGYAPGSTFKMITAAI
GLDNGTIDPNEVLTINGLKWQKDSSWGSYQVTRVSDVSHVDLKTALIYSDNIYMAQETLKMGEKNFRAGLDKFIFGEDLD
LPISMNPAQISNEESFNSDILLADTGYGQGELLINPIQQAAMYSVFANNGTLVYPKLIADKETKDKKNVIGETAVQTIVP
DLREVVQDVNGTAHSLSALGIPLAAKTGTAEIKEKQDEKGKENSFLFAFNPDNQGYMMVSMLENKEDDDSATKRAPELLQ
YLNQNYQLE
;
_entity_poly.pdbx_strand_id   A,B,C
#
loop_
_chem_comp.id
_chem_comp.type
_chem_comp.name
_chem_comp.formula
RB6 non-polymer '(2R)-2-[(1R)-1-{[(2Z)-2-(5-amino-1,2,4-thiadiazol-3-yl)-2-(hydroxyimino)acetyl]amino}-2-oxoethyl]-5-({2-oxo-1-[(3R)-pyr rolidin-3-yl]-2,5-dihydro-1H-pyrrol-3-yl}methyl)-3,6-dihydro-2H-1,3-thiazine-4-carboxylic acid' 'C20 H24 N8 O6 S2'
SO4 non-polymer 'SULFATE ION' 'O4 S -2'
#
# COMPACT_ATOMS: atom_id res chain seq x y z
N GLU A 7 19.32 -16.50 47.86
CA GLU A 7 20.67 -16.46 47.30
C GLU A 7 21.34 -17.81 47.52
N THR A 8 20.58 -18.86 47.25
CA THR A 8 20.97 -20.25 47.41
C THR A 8 21.21 -20.88 46.04
N GLN A 9 22.19 -21.79 45.98
CA GLN A 9 22.51 -22.44 44.71
C GLN A 9 21.45 -23.40 44.20
N ALA A 10 20.46 -23.79 45.02
CA ALA A 10 19.29 -24.50 44.49
C ALA A 10 18.19 -23.54 44.02
N VAL A 11 18.00 -22.45 44.78
CA VAL A 11 17.06 -21.39 44.38
C VAL A 11 17.39 -20.88 42.99
N GLU A 12 18.59 -20.33 42.82
CA GLU A 12 18.95 -19.75 41.54
C GLU A 12 19.04 -20.80 40.44
N ALA A 13 19.28 -22.07 40.79
CA ALA A 13 19.13 -23.15 39.83
C ALA A 13 17.71 -23.13 39.25
N GLY A 14 16.71 -22.90 40.09
CA GLY A 14 15.34 -22.78 39.65
C GLY A 14 15.08 -21.44 39.00
N GLU A 15 15.66 -20.36 39.55
CA GLU A 15 15.57 -19.07 38.89
C GLU A 15 16.09 -19.15 37.47
N LYS A 16 17.11 -19.98 37.22
CA LYS A 16 17.63 -20.15 35.88
C LYS A 16 16.79 -21.08 35.03
N THR A 17 16.06 -22.00 35.65
CA THR A 17 15.25 -22.94 34.88
C THR A 17 13.99 -22.29 34.34
N VAL A 18 13.42 -21.33 35.08
CA VAL A 18 12.33 -20.52 34.53
C VAL A 18 12.82 -19.79 33.28
N GLU A 19 13.90 -19.02 33.43
CA GLU A 19 14.40 -18.19 32.35
C GLU A 19 14.69 -19.00 31.09
N GLN A 20 15.33 -20.16 31.24
CA GLN A 20 15.60 -20.98 30.07
C GLN A 20 14.32 -21.48 29.43
N PHE A 21 13.24 -21.58 30.22
CA PHE A 21 11.94 -21.95 29.70
C PHE A 21 11.32 -20.78 28.93
N VAL A 22 11.33 -19.59 29.53
CA VAL A 22 10.84 -18.40 28.84
C VAL A 22 11.63 -18.16 27.55
N GLN A 23 12.96 -18.18 27.65
CA GLN A 23 13.79 -17.94 26.47
C GLN A 23 13.48 -18.94 25.36
N ALA A 24 13.31 -20.21 25.72
CA ALA A 24 12.98 -21.22 24.71
C ALA A 24 11.68 -20.88 23.99
N LEU A 25 10.77 -20.16 24.65
CA LEU A 25 9.51 -19.81 24.00
C LEU A 25 9.66 -18.61 23.08
N ASN A 26 10.46 -17.61 23.48
CA ASN A 26 10.80 -16.52 22.58
C ASN A 26 11.42 -17.03 21.29
N LYS A 27 12.46 -17.87 21.41
CA LYS A 27 13.10 -18.43 20.23
C LYS A 27 12.14 -19.36 19.48
N GLY A 28 10.94 -19.55 20.02
CA GLY A 28 9.98 -20.39 19.35
C GLY A 28 10.31 -21.86 19.38
N ASP A 29 11.20 -22.27 20.27
CA ASP A 29 11.65 -23.65 20.35
C ASP A 29 10.75 -24.44 21.30
N TYR A 30 9.47 -24.48 20.95
CA TYR A 30 8.45 -25.07 21.80
C TYR A 30 8.85 -26.46 22.30
N ASN A 31 9.71 -27.19 21.56
CA ASN A 31 10.11 -28.50 22.08
C ASN A 31 11.18 -28.40 23.18
N LYS A 32 12.19 -27.53 23.02
CA LYS A 32 13.16 -27.35 24.09
C LYS A 32 12.44 -27.00 25.38
N ALA A 33 11.44 -26.12 25.28
CA ALA A 33 10.63 -25.76 26.44
C ALA A 33 9.98 -26.99 27.04
N ALA A 34 9.37 -27.83 26.19
CA ALA A 34 8.68 -29.02 26.66
C ALA A 34 9.61 -30.02 27.34
N GLY A 35 10.91 -29.98 27.06
CA GLY A 35 11.84 -30.86 27.73
C GLY A 35 12.05 -30.57 29.19
N MET A 36 11.77 -29.35 29.62
CA MET A 36 11.88 -28.94 31.02
C MET A 36 10.62 -29.23 31.82
N ALA A 37 9.77 -30.15 31.36
CA ALA A 37 8.52 -30.46 32.02
C ALA A 37 8.70 -31.68 32.91
N SER A 38 8.22 -31.59 34.14
CA SER A 38 8.17 -32.77 35.00
C SER A 38 7.31 -33.83 34.31
N LYS A 39 7.47 -35.07 34.73
CA LYS A 39 6.63 -36.12 34.16
C LYS A 39 5.18 -35.81 34.47
N LYS A 40 4.28 -36.42 33.70
CA LYS A 40 2.86 -36.19 33.95
C LYS A 40 2.50 -36.95 35.22
N ALA A 41 2.03 -36.24 36.24
CA ALA A 41 1.72 -36.86 37.52
C ALA A 41 0.80 -35.91 38.28
N ALA A 42 0.28 -36.42 39.40
CA ALA A 42 -0.77 -35.69 40.10
C ALA A 42 -0.23 -34.40 40.73
N ASN A 43 1.00 -34.44 41.26
CA ASN A 43 1.59 -33.26 41.88
C ASN A 43 2.74 -32.68 41.06
N LYS A 44 2.91 -33.12 39.83
CA LYS A 44 3.97 -32.60 38.96
C LYS A 44 3.29 -32.01 37.73
N SER A 45 3.73 -32.31 36.52
CA SER A 45 3.09 -31.72 35.35
C SER A 45 1.72 -32.33 35.09
N ALA A 46 0.91 -31.59 34.32
CA ALA A 46 -0.43 -32.01 33.94
C ALA A 46 -0.49 -32.65 32.57
N LEU A 47 0.62 -32.66 31.82
CA LEU A 47 0.61 -33.21 30.48
C LEU A 47 1.99 -33.77 30.14
N SER A 48 2.04 -34.61 29.11
CA SER A 48 3.28 -35.16 28.63
C SER A 48 4.08 -34.11 27.87
N GLU A 49 5.32 -34.47 27.52
CA GLU A 49 6.15 -33.58 26.71
C GLU A 49 5.47 -33.26 25.39
N LYS A 50 4.95 -34.27 24.69
CA LYS A 50 4.34 -34.05 23.39
C LYS A 50 3.04 -33.26 23.54
N GLU A 51 2.19 -33.64 24.49
CA GLU A 51 0.95 -32.92 24.73
C GLU A 51 1.20 -31.45 25.07
N ILE A 52 2.35 -31.14 25.69
CA ILE A 52 2.69 -29.77 26.02
C ILE A 52 3.16 -29.02 24.78
N LEU A 53 4.10 -29.62 24.07
CA LEU A 53 4.58 -29.10 22.79
C LEU A 53 3.43 -28.63 21.91
N GLU A 54 2.40 -29.47 21.76
CA GLU A 54 1.28 -29.14 20.90
C GLU A 54 0.52 -27.90 21.38
N LYS A 55 0.35 -27.75 22.71
CA LYS A 55 -0.37 -26.59 23.23
C LYS A 55 0.28 -25.29 22.77
N TYR A 56 1.60 -25.16 22.97
CA TYR A 56 2.27 -23.91 22.64
C TYR A 56 2.24 -23.64 21.15
N GLN A 57 2.46 -24.67 20.33
CA GLN A 57 2.36 -24.50 18.89
C GLN A 57 0.98 -24.02 18.49
N ASN A 58 -0.07 -24.62 19.08
CA ASN A 58 -1.42 -24.19 18.76
C ASN A 58 -1.63 -22.73 19.14
N ILE A 59 -1.34 -22.39 20.40
CA ILE A 59 -1.77 -21.11 20.96
C ILE A 59 -0.72 -20.02 20.74
N TYR A 60 0.49 -20.25 21.25
CA TYR A 60 1.54 -19.25 21.09
C TYR A 60 1.91 -19.05 19.62
N GLY A 61 1.82 -20.10 18.81
CA GLY A 61 2.04 -19.96 17.38
C GLY A 61 0.93 -19.21 16.68
N ALA A 62 -0.31 -19.68 16.85
CA ALA A 62 -1.42 -19.11 16.10
C ALA A 62 -1.65 -17.65 16.47
N ALA A 63 -1.26 -17.25 17.68
CA ALA A 63 -1.27 -15.84 18.08
C ALA A 63 0.10 -15.19 17.94
N ASP A 64 1.07 -15.92 17.43
CA ASP A 64 2.44 -15.45 17.26
C ASP A 64 2.95 -14.72 18.52
N VAL A 65 3.05 -15.48 19.61
CA VAL A 65 3.57 -14.93 20.86
C VAL A 65 5.09 -14.88 20.78
N LYS A 66 5.66 -13.68 20.93
CA LYS A 66 7.09 -13.49 20.95
C LYS A 66 7.39 -12.25 21.78
N GLY A 67 8.66 -12.09 22.12
CA GLY A 67 9.06 -10.94 22.92
C GLY A 67 8.48 -11.04 24.32
N LEU A 68 8.87 -12.10 25.02
CA LEU A 68 8.39 -12.41 26.36
C LEU A 68 9.40 -11.86 27.36
N GLU A 69 8.98 -10.90 28.17
CA GLU A 69 9.85 -10.26 29.15
C GLU A 69 9.26 -10.47 30.54
N ILE A 70 10.07 -11.04 31.42
CA ILE A 70 9.65 -11.32 32.78
C ILE A 70 10.30 -10.30 33.72
N SER A 71 9.80 -10.24 34.95
CA SER A 71 10.39 -9.36 35.94
C SER A 71 9.94 -9.81 37.31
N ASN A 72 10.64 -9.33 38.34
CA ASN A 72 10.28 -9.62 39.72
C ASN A 72 10.24 -11.13 39.96
N LEU A 73 11.16 -11.86 39.31
CA LEU A 73 11.16 -13.31 39.44
C LEU A 73 11.44 -13.70 40.88
N LYS A 74 10.69 -14.67 41.38
CA LYS A 74 10.87 -15.15 42.74
C LYS A 74 10.79 -16.66 42.74
N VAL A 75 11.71 -17.29 43.47
CA VAL A 75 11.74 -18.74 43.66
C VAL A 75 12.00 -18.98 45.14
N ASP A 76 11.03 -19.55 45.83
CA ASP A 76 11.15 -19.83 47.25
C ASP A 76 10.95 -21.33 47.48
N LYS A 77 11.66 -21.85 48.47
CA LYS A 77 11.55 -23.24 48.83
C LYS A 77 10.21 -23.55 49.49
N LYS A 78 9.64 -24.70 49.12
CA LYS A 78 8.47 -25.22 49.82
C LYS A 78 8.79 -26.54 50.50
N ASP A 79 9.40 -27.48 49.79
CA ASP A 79 9.95 -28.69 50.42
C ASP A 79 11.27 -29.02 49.72
N ASP A 80 11.93 -30.08 50.18
CA ASP A 80 13.26 -30.39 49.69
C ASP A 80 13.25 -30.62 48.17
N SER A 81 12.11 -31.06 47.63
CA SER A 81 11.99 -31.38 46.21
C SER A 81 10.98 -30.48 45.49
N THR A 82 10.61 -29.34 46.06
CA THR A 82 9.60 -28.48 45.45
C THR A 82 9.85 -27.02 45.82
N TYR A 83 10.02 -26.18 44.80
CA TYR A 83 10.17 -24.74 44.97
C TYR A 83 9.06 -24.04 44.19
N SER A 84 8.52 -22.97 44.76
CA SER A 84 7.43 -22.21 44.14
C SER A 84 7.98 -20.91 43.56
N PHE A 85 7.60 -20.61 42.32
CA PHE A 85 8.06 -19.41 41.63
C PHE A 85 6.90 -18.51 41.23
N SER A 86 7.24 -17.25 40.94
CA SER A 86 6.24 -16.26 40.57
C SER A 86 6.95 -15.08 39.91
N TYR A 87 6.36 -14.58 38.82
CA TYR A 87 6.95 -13.43 38.14
C TYR A 87 5.87 -12.70 37.35
N LYS A 88 6.18 -11.46 36.99
CA LYS A 88 5.38 -10.68 36.06
C LYS A 88 5.92 -10.84 34.64
N ALA A 89 5.08 -10.56 33.66
CA ALA A 89 5.48 -10.76 32.27
C ALA A 89 4.73 -9.82 31.35
N LYS A 90 5.34 -9.53 30.20
CA LYS A 90 4.69 -8.86 29.09
C LYS A 90 5.12 -9.57 27.81
N MET A 91 4.25 -9.54 26.80
CA MET A 91 4.54 -10.26 25.57
C MET A 91 3.91 -9.53 24.40
N ASN A 92 4.48 -9.74 23.22
CA ASN A 92 3.95 -9.22 21.97
C ASN A 92 3.15 -10.32 21.26
N THR A 93 1.91 -10.00 20.91
CA THR A 93 1.09 -10.87 20.08
C THR A 93 0.82 -10.18 18.75
N SER A 94 0.32 -10.96 17.79
CA SER A 94 -0.02 -10.42 16.49
C SER A 94 -1.09 -9.34 16.56
N LEU A 95 -1.71 -9.15 17.72
CA LEU A 95 -2.79 -8.17 17.87
C LEU A 95 -2.47 -7.05 18.84
N GLY A 96 -1.30 -7.04 19.45
CA GLY A 96 -0.98 -6.01 20.42
C GLY A 96 -0.08 -6.56 21.50
N GLU A 97 0.15 -5.74 22.51
CA GLU A 97 1.03 -6.06 23.62
C GLU A 97 0.23 -6.48 24.84
N LEU A 98 0.63 -7.57 25.48
CA LEU A 98 0.02 -8.03 26.72
C LEU A 98 0.90 -7.60 27.87
N LYS A 99 0.33 -6.83 28.79
CA LYS A 99 1.11 -6.13 29.80
C LYS A 99 0.61 -6.53 31.18
N ASP A 100 1.54 -6.68 32.12
CA ASP A 100 1.21 -6.93 33.51
C ASP A 100 0.51 -8.29 33.67
N LEU A 101 1.07 -9.31 33.05
CA LEU A 101 0.63 -10.68 33.32
C LEU A 101 1.30 -11.15 34.61
N SER A 102 0.63 -12.05 35.32
CA SER A 102 1.12 -12.56 36.60
C SER A 102 1.18 -14.08 36.51
N TYR A 103 2.39 -14.62 36.44
CA TYR A 103 2.59 -16.06 36.33
C TYR A 103 3.05 -16.63 37.66
N LYS A 104 2.63 -17.85 37.94
CA LYS A 104 2.96 -18.53 39.18
C LYS A 104 2.99 -20.03 38.94
N GLY A 105 3.84 -20.72 39.68
CA GLY A 105 3.98 -22.15 39.50
C GLY A 105 4.88 -22.77 40.53
N THR A 106 5.36 -23.97 40.23
CA THR A 106 6.21 -24.72 41.14
C THR A 106 7.24 -25.49 40.34
N LEU A 107 8.33 -25.84 41.01
CA LEU A 107 9.43 -26.58 40.40
C LEU A 107 9.61 -27.90 41.15
N ASP A 108 10.31 -28.82 40.50
CA ASP A 108 10.53 -30.16 41.04
C ASP A 108 12.03 -30.44 41.06
N ARG A 109 12.63 -30.29 42.24
CA ARG A 109 14.01 -30.70 42.43
C ARG A 109 14.06 -32.20 42.72
N ASN A 110 14.86 -32.92 41.93
CA ASN A 110 14.96 -34.36 42.09
C ASN A 110 16.29 -34.78 41.45
N ASP A 111 17.25 -35.16 42.30
CA ASP A 111 18.61 -35.51 41.88
C ASP A 111 19.33 -34.35 41.19
N GLY A 112 19.37 -33.21 41.84
CA GLY A 112 20.06 -32.06 41.30
C GLY A 112 19.56 -31.63 39.93
N LYS A 113 18.39 -32.15 39.55
CA LYS A 113 17.73 -31.81 38.29
C LYS A 113 16.49 -31.01 38.63
N THR A 114 16.38 -29.80 38.10
CA THR A 114 15.28 -28.90 38.41
C THR A 114 14.43 -28.76 37.16
N THR A 115 13.13 -29.02 37.31
CA THR A 115 12.20 -29.01 36.19
C THR A 115 10.90 -28.35 36.60
N ILE A 116 10.08 -28.04 35.60
CA ILE A 116 8.84 -27.30 35.79
C ILE A 116 7.68 -28.27 35.83
N ASN A 117 6.77 -28.05 36.77
CA ASN A 117 5.53 -28.83 36.87
C ASN A 117 4.49 -28.11 36.01
N TRP A 118 4.52 -28.42 34.71
CA TRP A 118 3.76 -27.63 33.75
C TRP A 118 2.27 -27.71 34.03
N GLN A 119 1.58 -26.60 33.77
CA GLN A 119 0.13 -26.48 33.95
C GLN A 119 -0.37 -25.48 32.92
N PRO A 120 -1.64 -25.58 32.52
CA PRO A 120 -2.15 -24.67 31.48
C PRO A 120 -1.97 -23.21 31.83
N ASN A 121 -1.86 -22.87 33.13
CA ASN A 121 -1.72 -21.47 33.53
C ASN A 121 -0.31 -20.93 33.30
N LEU A 122 0.50 -21.61 32.49
CA LEU A 122 1.76 -21.05 32.01
C LEU A 122 1.67 -20.68 30.53
N VAL A 123 0.54 -20.98 29.88
CA VAL A 123 0.22 -20.42 28.57
C VAL A 123 -0.27 -19.00 28.84
N PHE A 124 -1.43 -18.87 29.46
CA PHE A 124 -1.92 -17.61 29.99
C PHE A 124 -2.38 -17.79 31.42
N PRO A 125 -2.31 -16.73 32.24
CA PRO A 125 -2.57 -16.90 33.68
C PRO A 125 -3.93 -17.49 34.00
N GLU A 126 -4.96 -17.10 33.27
CA GLU A 126 -6.33 -17.43 33.63
C GLU A 126 -6.80 -18.73 33.00
N MET A 127 -5.92 -19.48 32.35
CA MET A 127 -6.31 -20.71 31.69
C MET A 127 -6.36 -21.83 32.72
N GLU A 128 -7.26 -22.79 32.47
CA GLU A 128 -7.49 -23.89 33.39
C GLU A 128 -7.76 -25.16 32.60
N GLY A 129 -7.53 -26.30 33.25
CA GLY A 129 -7.97 -27.57 32.71
C GLY A 129 -7.88 -27.69 31.20
N ASN A 130 -9.03 -27.83 30.57
CA ASN A 130 -9.14 -27.99 29.12
C ASN A 130 -9.49 -26.68 28.42
N ASP A 131 -9.10 -25.55 28.99
CA ASP A 131 -9.35 -24.26 28.36
C ASP A 131 -8.60 -24.12 27.05
N LYS A 132 -9.15 -23.31 26.15
CA LYS A 132 -8.62 -23.09 24.82
C LYS A 132 -8.53 -21.58 24.56
N VAL A 133 -8.11 -21.22 23.35
CA VAL A 133 -7.93 -19.83 22.96
C VAL A 133 -8.54 -19.61 21.59
N SER A 134 -9.18 -18.46 21.40
CA SER A 134 -9.76 -18.08 20.13
C SER A 134 -9.14 -16.78 19.65
N LEU A 135 -9.03 -16.65 18.33
CA LEU A 135 -8.43 -15.48 17.69
C LEU A 135 -9.17 -15.17 16.40
N THR A 136 -9.89 -14.05 16.38
CA THR A 136 -10.72 -13.67 15.25
C THR A 136 -10.25 -12.31 14.73
N THR A 137 -10.35 -12.13 13.42
CA THR A 137 -9.90 -10.91 12.76
C THR A 137 -10.94 -10.42 11.77
N GLN A 138 -11.04 -9.10 11.64
CA GLN A 138 -12.02 -8.46 10.75
C GLN A 138 -11.35 -7.38 9.93
N GLU A 139 -11.15 -7.62 8.64
CA GLU A 139 -10.56 -6.60 7.78
C GLU A 139 -11.52 -5.43 7.59
N ALA A 140 -10.94 -4.25 7.39
CA ALA A 140 -11.68 -3.00 7.27
C ALA A 140 -12.00 -2.68 5.81
N THR A 141 -12.86 -1.69 5.64
CA THR A 141 -13.34 -1.25 4.33
C THR A 141 -12.53 -0.07 3.83
N ARG A 142 -12.05 -0.17 2.59
CA ARG A 142 -11.22 0.90 2.04
C ARG A 142 -12.04 2.18 1.90
N GLY A 143 -11.43 3.29 2.29
CA GLY A 143 -12.08 4.57 2.21
C GLY A 143 -12.23 5.05 0.76
N ASN A 144 -12.79 6.23 0.63
CA ASN A 144 -13.13 6.80 -0.65
C ASN A 144 -12.22 7.98 -0.96
N ILE A 145 -12.03 8.24 -2.26
CA ILE A 145 -11.43 9.47 -2.75
C ILE A 145 -12.54 10.25 -3.43
N LEU A 146 -12.73 11.50 -3.02
CA LEU A 146 -13.86 12.31 -3.45
C LEU A 146 -13.37 13.59 -4.11
N ASP A 147 -14.18 14.10 -5.03
CA ASP A 147 -13.91 15.40 -5.64
C ASP A 147 -14.38 16.50 -4.70
N ARG A 148 -14.18 17.75 -5.12
CA ARG A 148 -14.51 18.89 -4.25
C ARG A 148 -15.99 18.87 -3.85
N ASN A 149 -16.85 18.30 -4.68
CA ASN A 149 -18.29 18.30 -4.44
C ASN A 149 -18.83 17.00 -3.85
N GLY A 150 -17.95 16.14 -3.33
CA GLY A 150 -18.35 14.91 -2.69
C GLY A 150 -18.59 13.74 -3.62
N GLU A 151 -18.76 13.98 -4.92
CA GLU A 151 -18.89 12.88 -5.87
C GLU A 151 -17.66 11.97 -5.77
N PRO A 152 -17.83 10.66 -5.98
CA PRO A 152 -16.74 9.72 -5.73
C PRO A 152 -15.84 9.50 -6.93
N LEU A 153 -14.54 9.49 -6.67
CA LEU A 153 -13.54 9.19 -7.69
C LEU A 153 -12.92 7.82 -7.51
N ALA A 154 -12.83 7.31 -6.28
CA ALA A 154 -12.47 5.91 -6.03
C ALA A 154 -13.27 5.40 -4.85
N THR A 155 -14.11 4.39 -5.06
CA THR A 155 -14.95 3.86 -4.00
C THR A 155 -15.03 2.33 -4.08
N THR A 156 -15.38 1.72 -2.96
CA THR A 156 -15.56 0.28 -2.82
C THR A 156 -17.03 -0.06 -2.63
N GLY A 157 -17.62 -0.77 -3.59
CA GLY A 157 -19.04 -1.09 -3.56
C GLY A 157 -19.32 -2.44 -4.20
N LYS A 158 -20.61 -2.79 -4.21
CA LYS A 158 -21.07 -3.99 -4.89
C LYS A 158 -21.17 -3.72 -6.40
N LEU A 159 -20.65 -4.66 -7.19
CA LEU A 159 -20.62 -4.56 -8.64
C LEU A 159 -21.35 -5.75 -9.25
N LYS A 160 -22.07 -5.51 -10.34
CA LYS A 160 -22.86 -6.51 -11.03
C LYS A 160 -21.93 -7.34 -11.93
N GLN A 161 -21.22 -8.28 -11.32
CA GLN A 161 -20.30 -9.13 -12.07
C GLN A 161 -21.04 -10.10 -12.98
N LEU A 162 -20.77 -10.03 -14.28
CA LEU A 162 -21.33 -10.97 -15.25
C LEU A 162 -20.38 -12.14 -15.47
N GLY A 163 -20.96 -13.35 -15.61
CA GLY A 163 -20.21 -14.53 -15.96
C GLY A 163 -21.06 -15.58 -16.65
N VAL A 164 -20.50 -16.77 -16.89
CA VAL A 164 -21.23 -17.88 -17.52
C VAL A 164 -20.86 -19.19 -16.83
N VAL A 165 -21.57 -20.24 -17.23
CA VAL A 165 -21.36 -21.60 -16.72
C VAL A 165 -21.29 -22.57 -17.89
N PRO A 166 -20.14 -23.21 -18.15
CA PRO A 166 -20.04 -24.11 -19.31
C PRO A 166 -21.12 -25.17 -19.35
N SER A 167 -21.78 -25.43 -18.20
CA SER A 167 -22.75 -26.52 -18.11
C SER A 167 -24.17 -26.10 -18.46
N LYS A 168 -24.43 -24.79 -18.63
CA LYS A 168 -25.73 -24.28 -19.07
C LYS A 168 -25.63 -23.65 -20.46
N LEU A 169 -24.88 -24.31 -21.35
CA LEU A 169 -24.72 -23.80 -22.71
C LEU A 169 -25.22 -24.84 -23.71
N GLY A 170 -24.49 -24.99 -24.82
CA GLY A 170 -24.90 -25.92 -25.85
C GLY A 170 -23.92 -27.03 -26.10
N ASP A 171 -24.39 -28.08 -26.76
CA ASP A 171 -23.58 -29.23 -27.17
C ASP A 171 -23.37 -29.14 -28.68
N GLY A 172 -22.20 -28.65 -29.08
CA GLY A 172 -21.85 -28.54 -30.49
C GLY A 172 -22.27 -27.18 -31.07
N ASP A 173 -23.28 -27.20 -31.95
CA ASP A 173 -23.77 -25.97 -32.54
C ASP A 173 -24.57 -25.12 -31.56
N GLU A 174 -25.13 -25.73 -30.52
CA GLU A 174 -25.84 -24.98 -29.51
C GLU A 174 -24.88 -24.21 -28.59
N LYS A 175 -23.64 -24.67 -28.48
CA LYS A 175 -22.68 -23.94 -27.65
C LYS A 175 -22.05 -22.78 -28.42
N THR A 176 -21.52 -23.07 -29.62
CA THR A 176 -20.85 -22.07 -30.44
C THR A 176 -21.81 -21.07 -31.07
N ALA A 177 -23.11 -21.35 -31.08
CA ALA A 177 -24.13 -20.37 -31.46
C ALA A 177 -24.78 -19.68 -30.28
N ASN A 178 -24.80 -20.33 -29.11
CA ASN A 178 -25.28 -19.67 -27.90
C ASN A 178 -24.25 -18.70 -27.34
N ILE A 179 -22.96 -19.08 -27.41
CA ILE A 179 -21.89 -18.14 -27.09
C ILE A 179 -22.07 -16.86 -27.87
N LYS A 180 -22.57 -16.96 -29.10
CA LYS A 180 -22.87 -15.77 -29.89
C LYS A 180 -23.87 -14.87 -29.18
N ALA A 181 -24.95 -15.45 -28.67
CA ALA A 181 -26.06 -14.65 -28.14
C ALA A 181 -25.63 -13.83 -26.94
N ILE A 182 -24.85 -14.42 -26.02
CA ILE A 182 -24.44 -13.69 -24.83
C ILE A 182 -23.28 -12.74 -25.12
N ALA A 183 -22.52 -12.96 -26.19
CA ALA A 183 -21.51 -11.98 -26.60
C ALA A 183 -22.13 -10.76 -27.25
N SER A 184 -23.43 -10.79 -27.54
CA SER A 184 -24.13 -9.69 -28.20
C SER A 184 -24.88 -8.83 -27.20
N ALA A 185 -25.89 -9.39 -26.52
CA ALA A 185 -26.65 -8.63 -25.53
C ALA A 185 -25.78 -7.88 -24.52
N PHE A 186 -24.49 -8.21 -24.44
CA PHE A 186 -23.56 -7.50 -23.56
C PHE A 186 -22.43 -6.78 -24.29
N ASP A 187 -22.23 -7.06 -25.58
CA ASP A 187 -21.21 -6.40 -26.39
C ASP A 187 -19.80 -6.71 -25.87
N LEU A 188 -19.41 -7.97 -26.07
CA LEU A 188 -18.04 -8.40 -25.87
C LEU A 188 -17.69 -9.39 -26.97
N THR A 189 -16.39 -9.51 -27.26
CA THR A 189 -15.92 -10.41 -28.31
C THR A 189 -16.50 -11.81 -28.10
N GLU A 190 -16.50 -12.62 -29.15
CA GLU A 190 -17.04 -13.98 -29.06
C GLU A 190 -15.96 -15.03 -28.85
N ASP A 191 -14.73 -14.77 -29.29
CA ASP A 191 -13.65 -15.73 -29.07
C ASP A 191 -13.24 -15.78 -27.61
N ALA A 192 -13.22 -14.62 -26.94
CA ALA A 192 -12.78 -14.56 -25.55
C ALA A 192 -13.66 -15.40 -24.63
N ILE A 193 -14.90 -15.68 -25.04
CA ILE A 193 -15.74 -16.60 -24.28
C ILE A 193 -15.21 -18.02 -24.37
N ASN A 194 -14.37 -18.30 -25.37
CA ASN A 194 -13.81 -19.63 -25.56
C ASN A 194 -12.46 -19.79 -24.88
N GLN A 195 -11.60 -18.76 -24.91
CA GLN A 195 -10.37 -18.80 -24.14
C GLN A 195 -10.67 -18.86 -22.65
N ALA A 196 -11.74 -18.20 -22.20
CA ALA A 196 -12.07 -18.18 -20.78
C ALA A 196 -12.64 -19.51 -20.32
N ILE A 197 -13.59 -20.06 -21.09
CA ILE A 197 -14.24 -21.31 -20.70
C ILE A 197 -13.23 -22.46 -20.65
N SER A 198 -12.20 -22.40 -21.49
CA SER A 198 -11.20 -23.47 -21.57
C SER A 198 -9.98 -23.22 -20.71
N GLN A 199 -10.04 -22.25 -19.80
CA GLN A 199 -8.91 -22.00 -18.90
C GLN A 199 -8.68 -23.21 -18.01
N SER A 200 -7.49 -23.25 -17.40
CA SER A 200 -7.09 -24.39 -16.58
C SER A 200 -8.04 -24.58 -15.40
N TRP A 201 -8.26 -23.51 -14.63
CA TRP A 201 -9.00 -23.60 -13.38
C TRP A 201 -10.48 -23.91 -13.57
N VAL A 202 -11.00 -23.82 -14.79
CA VAL A 202 -12.43 -23.96 -15.00
C VAL A 202 -12.84 -25.40 -14.76
N GLN A 203 -13.79 -25.59 -13.92
CA GLN A 203 -14.59 -26.80 -13.90
C GLN A 203 -15.95 -26.48 -14.53
N PRO A 204 -16.58 -27.42 -15.23
CA PRO A 204 -17.79 -27.06 -16.01
C PRO A 204 -18.95 -26.56 -15.17
N ASP A 205 -18.80 -26.55 -13.85
CA ASP A 205 -19.86 -26.14 -12.94
C ASP A 205 -19.63 -24.77 -12.31
N TYR A 206 -18.40 -24.27 -12.30
CA TYR A 206 -18.12 -23.00 -11.66
C TYR A 206 -18.70 -21.82 -12.43
N PHE A 207 -18.91 -20.72 -11.71
CA PHE A 207 -19.22 -19.45 -12.32
C PHE A 207 -17.92 -18.84 -12.81
N VAL A 208 -17.89 -18.40 -14.06
CA VAL A 208 -16.70 -17.86 -14.68
C VAL A 208 -16.99 -16.40 -15.01
N PRO A 209 -16.24 -15.44 -14.48
CA PRO A 209 -16.55 -14.02 -14.69
C PRO A 209 -16.08 -13.49 -16.03
N LEU A 210 -16.77 -12.43 -16.47
CA LEU A 210 -16.49 -11.80 -17.75
C LEU A 210 -16.40 -10.28 -17.56
N LYS A 211 -17.53 -9.63 -17.33
CA LYS A 211 -17.60 -8.19 -17.25
C LYS A 211 -17.70 -7.64 -15.82
N ILE A 212 -17.42 -6.35 -15.71
CA ILE A 212 -17.54 -5.62 -14.44
C ILE A 212 -19.00 -5.27 -14.23
N ALA A 224 -25.73 -17.80 -18.75
CA ALA A 224 -25.35 -16.42 -18.47
C ALA A 224 -26.05 -15.91 -17.22
N THR A 225 -25.33 -15.90 -16.10
CA THR A 225 -25.83 -15.45 -14.81
C THR A 225 -24.90 -14.33 -14.34
N ILE A 226 -25.43 -13.48 -13.46
CA ILE A 226 -24.65 -12.41 -12.87
C ILE A 226 -24.78 -12.51 -11.35
N GLN A 227 -23.69 -12.19 -10.66
CA GLN A 227 -23.64 -12.22 -9.21
C GLN A 227 -23.07 -10.90 -8.72
N GLU A 228 -23.50 -10.50 -7.52
CA GLU A 228 -23.04 -9.26 -6.93
C GLU A 228 -21.71 -9.51 -6.24
N VAL A 229 -20.71 -8.68 -6.58
CA VAL A 229 -19.36 -8.82 -6.06
C VAL A 229 -18.93 -7.50 -5.44
N ASP A 230 -18.24 -7.58 -4.31
CA ASP A 230 -17.57 -6.41 -3.74
C ASP A 230 -16.28 -6.16 -4.48
N GLY A 231 -16.09 -4.93 -4.96
CA GLY A 231 -14.88 -4.57 -5.66
C GLY A 231 -14.59 -3.10 -5.49
N ARG A 232 -13.47 -2.68 -6.08
CA ARG A 232 -13.05 -1.29 -6.07
C ARG A 232 -13.35 -0.68 -7.42
N TYR A 233 -14.05 0.46 -7.42
CA TYR A 233 -14.64 1.04 -8.61
C TYR A 233 -14.22 2.49 -8.77
N TYR A 234 -13.92 2.85 -10.03
CA TYR A 234 -13.53 4.21 -10.38
C TYR A 234 -14.57 4.75 -11.36
N PRO A 235 -15.50 5.60 -10.91
CA PRO A 235 -16.55 6.05 -11.83
C PRO A 235 -16.03 6.66 -13.11
N LEU A 236 -14.97 7.47 -13.04
CA LEU A 236 -14.47 8.17 -14.23
C LEU A 236 -13.54 7.30 -15.07
N GLY A 237 -13.29 6.06 -14.65
CA GLY A 237 -12.49 5.16 -15.47
C GLY A 237 -11.18 5.78 -15.89
N GLU A 238 -10.91 5.73 -17.20
CA GLU A 238 -9.62 6.18 -17.71
C GLU A 238 -9.48 7.69 -17.70
N ALA A 239 -10.58 8.43 -17.58
CA ALA A 239 -10.51 9.88 -17.60
C ALA A 239 -9.75 10.45 -16.40
N ALA A 240 -9.57 9.66 -15.34
CA ALA A 240 -8.77 10.09 -14.20
C ALA A 240 -7.86 8.97 -13.71
N ALA A 241 -7.51 8.03 -14.59
CA ALA A 241 -6.77 6.85 -14.19
C ALA A 241 -5.34 7.17 -13.76
N GLN A 242 -4.70 8.15 -14.39
CA GLN A 242 -3.30 8.43 -14.08
C GLN A 242 -3.17 9.10 -12.72
N LEU A 243 -4.07 10.03 -12.42
CA LEU A 243 -4.04 10.70 -11.12
C LEU A 243 -4.46 9.74 -10.00
N ILE A 244 -5.63 9.11 -10.16
CA ILE A 244 -6.18 8.30 -9.07
C ILE A 244 -5.44 6.99 -8.95
N GLY A 245 -5.10 6.37 -10.08
CA GLY A 245 -4.37 5.13 -10.03
C GLY A 245 -5.28 3.92 -9.95
N TYR A 246 -4.66 2.82 -9.54
CA TYR A 246 -5.36 1.56 -9.39
C TYR A 246 -4.74 0.77 -8.25
N VAL A 247 -5.38 -0.34 -7.93
CA VAL A 247 -5.04 -1.14 -6.76
C VAL A 247 -4.98 -2.60 -7.18
N GLY A 248 -4.12 -3.38 -6.53
CA GLY A 248 -3.87 -4.73 -6.94
C GLY A 248 -3.97 -5.72 -5.81
N ASP A 249 -4.10 -6.99 -6.19
CA ASP A 249 -3.99 -8.07 -5.22
C ASP A 249 -2.73 -7.89 -4.38
N ILE A 250 -2.86 -8.16 -3.09
CA ILE A 250 -1.71 -8.19 -2.18
C ILE A 250 -0.96 -9.50 -2.38
N THR A 251 0.36 -9.39 -2.50
CA THR A 251 1.24 -10.51 -2.78
C THR A 251 2.08 -10.81 -1.55
N ALA A 252 2.63 -12.02 -1.50
CA ALA A 252 3.55 -12.38 -0.42
C ALA A 252 4.65 -11.33 -0.27
N GLU A 253 5.18 -10.84 -1.39
CA GLU A 253 6.25 -9.86 -1.33
C GLU A 253 5.82 -8.58 -0.61
N ASP A 254 4.61 -8.10 -0.90
CA ASP A 254 4.12 -6.90 -0.22
C ASP A 254 4.13 -7.10 1.29
N ILE A 255 3.83 -8.31 1.74
CA ILE A 255 3.79 -8.61 3.18
C ILE A 255 5.19 -8.70 3.76
N ASP A 256 6.18 -9.16 2.99
CA ASP A 256 7.56 -9.03 3.45
C ASP A 256 7.88 -7.56 3.74
N LYS A 257 7.59 -6.67 2.78
CA LYS A 257 7.79 -5.24 2.97
C LYS A 257 6.96 -4.70 4.12
N ASN A 258 5.84 -5.35 4.43
CA ASN A 258 4.93 -4.90 5.49
C ASN A 258 4.08 -6.05 6.00
N PRO A 259 4.48 -6.72 7.08
CA PRO A 259 3.70 -7.89 7.54
C PRO A 259 2.40 -7.54 8.23
N GLU A 260 2.05 -6.26 8.36
CA GLU A 260 0.77 -5.87 8.94
C GLU A 260 -0.41 -6.07 7.98
N LEU A 261 -0.14 -6.41 6.72
CA LEU A 261 -1.18 -6.54 5.72
C LEU A 261 -1.80 -7.94 5.73
N SER A 262 -3.10 -7.99 5.43
CA SER A 262 -3.80 -9.26 5.28
C SER A 262 -3.72 -9.72 3.82
N SER A 263 -3.71 -11.04 3.63
CA SER A 263 -3.59 -11.61 2.30
C SER A 263 -4.79 -11.30 1.41
N ASN A 264 -5.86 -10.74 1.95
CA ASN A 264 -7.15 -10.72 1.26
C ASN A 264 -7.58 -9.37 0.73
N GLY A 265 -6.96 -8.27 1.17
CA GLY A 265 -7.32 -6.95 0.69
C GLY A 265 -6.76 -6.65 -0.68
N LYS A 266 -6.97 -5.40 -1.10
CA LYS A 266 -6.28 -4.80 -2.24
C LYS A 266 -5.35 -3.70 -1.72
N ILE A 267 -4.41 -3.29 -2.58
CA ILE A 267 -3.39 -2.32 -2.20
C ILE A 267 -3.18 -1.33 -3.32
N GLY A 268 -2.93 -0.07 -2.96
CA GLY A 268 -2.69 0.95 -3.97
C GLY A 268 -1.33 0.75 -4.64
N ARG A 269 -1.33 0.77 -5.97
CA ARG A 269 -0.13 0.54 -6.76
C ARG A 269 0.39 1.78 -7.49
N SER A 270 -0.47 2.76 -7.75
CA SER A 270 -0.05 3.96 -8.47
C SER A 270 -1.04 5.07 -8.18
N GLY A 271 -0.66 6.29 -8.60
CA GLY A 271 -1.53 7.42 -8.40
C GLY A 271 -1.85 7.63 -6.93
N LEU A 272 -2.99 8.28 -6.69
CA LEU A 272 -3.35 8.65 -5.32
C LEU A 272 -3.68 7.43 -4.46
N GLU A 273 -4.23 6.37 -5.06
CA GLU A 273 -4.47 5.14 -4.30
C GLU A 273 -3.21 4.70 -3.56
N MET A 274 -2.07 4.70 -4.26
CA MET A 274 -0.84 4.25 -3.63
C MET A 274 -0.26 5.34 -2.72
N ALA A 275 -0.41 6.61 -3.09
CA ALA A 275 0.16 7.69 -2.29
C ALA A 275 -0.49 7.76 -0.91
N PHE A 276 -1.76 7.40 -0.78
CA PHE A 276 -2.49 7.49 0.48
C PHE A 276 -2.94 6.13 0.99
N ASP A 277 -2.26 5.06 0.61
CA ASP A 277 -2.75 3.72 0.91
C ASP A 277 -2.99 3.51 2.41
N LYS A 278 -2.14 4.09 3.25
CA LYS A 278 -2.31 3.90 4.69
C LYS A 278 -3.65 4.48 5.16
N ASP A 279 -3.87 5.78 4.91
CA ASP A 279 -5.12 6.41 5.31
C ASP A 279 -6.31 5.65 4.75
N LEU A 280 -6.27 5.32 3.47
CA LEU A 280 -7.42 4.70 2.82
C LEU A 280 -7.68 3.29 3.30
N ARG A 281 -6.63 2.54 3.68
CA ARG A 281 -6.81 1.11 3.90
C ARG A 281 -7.28 0.74 5.30
N GLY A 282 -7.23 1.67 6.26
CA GLY A 282 -7.72 1.39 7.59
C GLY A 282 -6.83 0.44 8.39
N THR A 283 -7.38 0.00 9.53
CA THR A 283 -6.70 -0.91 10.43
C THR A 283 -7.59 -2.13 10.71
N THR A 284 -6.96 -3.30 10.71
CA THR A 284 -7.68 -4.55 10.96
C THR A 284 -8.10 -4.62 12.42
N GLY A 285 -9.28 -5.18 12.66
CA GLY A 285 -9.76 -5.43 14.00
C GLY A 285 -9.43 -6.85 14.42
N GLY A 286 -9.41 -7.07 15.73
CA GLY A 286 -9.06 -8.40 16.22
C GLY A 286 -9.40 -8.57 17.68
N LYS A 287 -9.41 -9.84 18.10
CA LYS A 287 -9.89 -10.20 19.42
C LYS A 287 -9.21 -11.49 19.86
N LEU A 288 -8.45 -11.43 20.95
CA LEU A 288 -7.79 -12.59 21.52
C LEU A 288 -8.47 -12.94 22.84
N SER A 289 -9.05 -14.14 22.90
CA SER A 289 -9.89 -14.54 24.02
C SER A 289 -9.47 -15.90 24.53
N ILE A 290 -9.68 -16.12 25.83
CA ILE A 290 -9.57 -17.44 26.44
C ILE A 290 -10.96 -18.02 26.59
N THR A 291 -11.14 -19.25 26.16
CA THR A 291 -12.43 -19.92 26.18
C THR A 291 -12.30 -21.25 26.91
N ASP A 292 -13.41 -21.75 27.42
CA ASP A 292 -13.48 -23.13 27.93
C ASP A 292 -13.33 -24.09 26.76
N THR A 293 -13.56 -25.37 27.01
CA THR A 293 -13.32 -26.38 25.99
C THR A 293 -14.34 -26.34 24.85
N ASP A 294 -15.30 -25.42 24.86
CA ASP A 294 -16.35 -25.37 23.84
C ASP A 294 -16.40 -24.03 23.12
N GLY A 295 -15.31 -23.26 23.17
CA GLY A 295 -15.28 -21.98 22.48
C GLY A 295 -16.13 -20.91 23.10
N VAL A 296 -16.45 -21.04 24.39
CA VAL A 296 -17.26 -20.06 25.10
C VAL A 296 -16.33 -19.06 25.77
N GLU A 297 -16.42 -17.79 25.39
CA GLU A 297 -15.43 -16.82 25.81
C GLU A 297 -15.46 -16.65 27.33
N LYS A 298 -14.30 -16.76 27.94
CA LYS A 298 -14.11 -16.73 29.39
C LYS A 298 -13.32 -15.52 29.86
N LYS A 299 -12.29 -15.12 29.12
CA LYS A 299 -11.64 -13.84 29.35
C LYS A 299 -11.11 -13.30 28.03
N VAL A 300 -11.36 -12.02 27.78
CA VAL A 300 -10.84 -11.35 26.59
C VAL A 300 -9.50 -10.73 26.97
N LEU A 301 -8.45 -11.11 26.25
CA LEU A 301 -7.12 -10.57 26.52
C LEU A 301 -6.84 -9.30 25.72
N ILE A 302 -7.30 -9.25 24.47
CA ILE A 302 -7.10 -8.10 23.60
C ILE A 302 -8.35 -7.95 22.73
N GLU A 303 -8.78 -6.71 22.52
CA GLU A 303 -9.83 -6.44 21.53
C GLU A 303 -9.58 -5.07 20.91
N HIS A 304 -9.17 -5.08 19.65
CA HIS A 304 -8.99 -3.85 18.86
C HIS A 304 -10.10 -3.79 17.82
N GLU A 305 -11.09 -2.94 18.08
CA GLU A 305 -12.18 -2.79 17.11
C GLU A 305 -11.61 -2.28 15.78
N VAL A 306 -12.05 -2.90 14.69
CA VAL A 306 -11.61 -2.47 13.37
C VAL A 306 -11.86 -0.97 13.22
N GLN A 307 -10.94 -0.28 12.56
CA GLN A 307 -11.10 1.12 12.19
C GLN A 307 -10.98 1.22 10.67
N ASN A 308 -12.08 1.59 10.01
CA ASN A 308 -12.11 1.64 8.55
C ASN A 308 -11.24 2.77 8.00
N GLY A 309 -11.16 2.82 6.68
CA GLY A 309 -10.32 3.77 6.00
C GLY A 309 -10.98 5.14 5.87
N LYS A 310 -10.12 6.16 5.89
CA LYS A 310 -10.57 7.54 5.81
C LYS A 310 -10.98 7.90 4.38
N ASP A 311 -11.98 8.77 4.28
CA ASP A 311 -12.29 9.40 3.01
C ASP A 311 -11.27 10.51 2.75
N ILE A 312 -11.08 10.84 1.47
CA ILE A 312 -10.16 11.89 1.06
C ILE A 312 -10.87 12.78 0.05
N LYS A 313 -11.00 14.06 0.37
CA LYS A 313 -11.69 15.03 -0.47
C LYS A 313 -10.66 15.89 -1.19
N LEU A 314 -10.76 15.93 -2.51
CA LEU A 314 -9.81 16.65 -3.34
C LEU A 314 -10.38 17.98 -3.80
N THR A 315 -9.55 18.75 -4.50
CA THR A 315 -10.00 19.97 -5.14
C THR A 315 -10.65 19.71 -6.50
N ILE A 316 -10.40 18.53 -7.07
CA ILE A 316 -10.89 18.16 -8.40
C ILE A 316 -12.38 18.43 -8.55
N ASP A 317 -12.78 18.75 -9.78
CA ASP A 317 -14.17 18.92 -10.19
C ASP A 317 -14.41 17.89 -11.29
N ALA A 318 -15.12 16.81 -10.95
CA ALA A 318 -15.13 15.63 -11.79
C ALA A 318 -15.66 15.93 -13.19
N LYS A 319 -16.53 16.92 -13.34
CA LYS A 319 -16.99 17.28 -14.68
C LYS A 319 -15.85 17.91 -15.47
N ALA A 320 -15.09 18.81 -14.86
CA ALA A 320 -13.91 19.38 -15.51
C ALA A 320 -12.93 18.28 -15.92
N GLN A 321 -12.75 17.26 -15.07
CA GLN A 321 -11.82 16.19 -15.39
C GLN A 321 -12.35 15.35 -16.55
N LYS A 322 -13.62 14.91 -16.48
CA LYS A 322 -14.20 14.13 -17.55
C LYS A 322 -14.27 14.93 -18.85
N THR A 323 -14.50 16.24 -18.75
CA THR A 323 -14.51 17.08 -19.94
C THR A 323 -13.10 17.29 -20.48
N ALA A 324 -12.16 17.60 -19.58
CA ALA A 324 -10.80 17.89 -20.02
C ALA A 324 -10.15 16.70 -20.72
N PHE A 325 -10.39 15.49 -20.20
CA PHE A 325 -9.82 14.30 -20.83
C PHE A 325 -10.49 14.02 -22.17
N ASP A 326 -11.82 14.01 -22.20
CA ASP A 326 -12.54 13.77 -23.44
C ASP A 326 -12.15 14.77 -24.52
N SER A 327 -11.81 16.00 -24.13
CA SER A 327 -11.49 17.03 -25.12
C SER A 327 -10.24 16.70 -25.91
N LEU A 328 -9.32 15.93 -25.35
CA LEU A 328 -8.11 15.55 -26.07
C LEU A 328 -8.35 14.47 -27.10
N GLY A 329 -9.57 13.92 -27.19
CA GLY A 329 -9.91 12.95 -28.21
C GLY A 329 -8.92 11.80 -28.31
N GLY A 330 -8.21 11.53 -27.23
CA GLY A 330 -7.29 10.41 -27.18
C GLY A 330 -5.90 10.69 -27.70
N LYS A 331 -5.65 11.87 -28.26
CA LYS A 331 -4.31 12.20 -28.69
C LYS A 331 -3.42 12.40 -27.46
N ALA A 332 -2.12 12.20 -27.66
CA ALA A 332 -1.17 12.42 -26.58
C ALA A 332 -1.20 13.89 -26.14
N GLY A 333 -1.37 14.11 -24.83
CA GLY A 333 -1.47 15.47 -24.33
C GLY A 333 -1.80 15.48 -22.85
N SER A 334 -2.23 16.65 -22.38
CA SER A 334 -2.51 16.88 -20.97
C SER A 334 -3.23 18.21 -20.81
N THR A 335 -4.15 18.27 -19.85
CA THR A 335 -4.84 19.49 -19.49
C THR A 335 -4.78 19.66 -17.98
N VAL A 336 -4.73 20.93 -17.53
CA VAL A 336 -4.63 21.23 -16.10
C VAL A 336 -5.41 22.52 -15.85
N ALA A 337 -6.38 22.48 -14.93
CA ALA A 337 -7.20 23.65 -14.62
C ALA A 337 -7.13 23.98 -13.13
N THR A 338 -7.03 25.28 -12.83
CA THR A 338 -6.89 25.74 -11.45
C THR A 338 -7.67 27.02 -11.25
N THR A 339 -8.20 27.19 -10.03
CA THR A 339 -8.70 28.50 -9.60
C THR A 339 -7.50 29.29 -9.09
N PRO A 340 -6.94 30.20 -9.88
CA PRO A 340 -5.58 30.71 -9.57
C PRO A 340 -5.47 31.47 -8.26
N LYS A 341 -6.55 32.09 -7.76
CA LYS A 341 -6.43 32.85 -6.52
C LYS A 341 -6.34 31.98 -5.28
N THR A 342 -6.49 30.65 -5.40
CA THR A 342 -6.37 29.77 -4.24
C THR A 342 -5.53 28.53 -4.49
N GLY A 343 -5.32 28.13 -5.74
CA GLY A 343 -4.52 26.98 -6.06
C GLY A 343 -5.30 25.72 -6.35
N ASP A 344 -6.61 25.71 -6.09
CA ASP A 344 -7.41 24.52 -6.33
C ASP A 344 -7.13 23.95 -7.71
N LEU A 345 -6.74 22.67 -7.76
CA LEU A 345 -6.55 21.95 -9.01
C LEU A 345 -7.89 21.32 -9.38
N LEU A 346 -8.55 21.88 -10.40
CA LEU A 346 -9.87 21.39 -10.79
C LEU A 346 -9.81 20.16 -11.69
N ALA A 347 -8.68 19.91 -12.33
CA ALA A 347 -8.57 18.73 -13.20
C ALA A 347 -7.11 18.51 -13.54
N LEU A 348 -6.70 17.24 -13.56
CA LEU A 348 -5.36 16.83 -13.96
C LEU A 348 -5.53 15.73 -15.01
N ALA A 349 -5.72 16.14 -16.25
CA ALA A 349 -5.95 15.21 -17.34
C ALA A 349 -4.65 14.81 -18.02
N SER A 350 -4.57 13.54 -18.41
CA SER A 350 -3.47 13.03 -19.21
C SER A 350 -4.03 12.01 -20.19
N SER A 351 -3.56 12.07 -21.44
CA SER A 351 -4.05 11.22 -22.51
C SER A 351 -2.87 10.81 -23.37
N PRO A 352 -2.85 9.57 -23.91
CA PRO A 352 -3.87 8.53 -23.75
C PRO A 352 -3.86 7.89 -22.37
N SER A 353 -4.77 6.95 -22.14
CA SER A 353 -5.00 6.43 -20.80
C SER A 353 -5.39 4.96 -20.87
N TYR A 354 -5.65 4.38 -19.70
CA TYR A 354 -5.93 2.96 -19.53
C TYR A 354 -7.16 2.79 -18.67
N ASP A 355 -7.72 1.59 -18.68
CA ASP A 355 -8.93 1.33 -17.91
C ASP A 355 -8.57 0.92 -16.48
N PRO A 356 -8.67 1.83 -15.50
CA PRO A 356 -8.28 1.45 -14.13
C PRO A 356 -9.20 0.41 -13.53
N ASN A 357 -10.43 0.26 -14.04
CA ASN A 357 -11.33 -0.76 -13.54
C ASN A 357 -10.94 -2.15 -14.05
N LYS A 358 -10.52 -2.25 -15.31
CA LYS A 358 -10.01 -3.52 -15.81
C LYS A 358 -8.79 -3.95 -15.01
N MET A 359 -7.90 -2.99 -14.70
CA MET A 359 -6.68 -3.32 -13.97
C MET A 359 -6.99 -3.81 -12.56
N THR A 360 -7.92 -3.15 -11.87
CA THR A 360 -8.20 -3.51 -10.48
C THR A 360 -9.01 -4.77 -10.36
N ASN A 361 -9.99 -4.97 -11.24
CA ASN A 361 -11.00 -5.99 -11.06
C ASN A 361 -10.91 -7.11 -12.07
N GLY A 362 -9.93 -7.06 -12.97
CA GLY A 362 -9.75 -8.11 -13.94
C GLY A 362 -9.61 -7.55 -15.33
N ILE A 363 -8.54 -7.90 -16.03
CA ILE A 363 -8.25 -7.38 -17.36
C ILE A 363 -7.75 -8.55 -18.18
N SER A 364 -8.38 -8.79 -19.32
CA SER A 364 -7.98 -9.89 -20.18
C SER A 364 -6.51 -9.80 -20.50
N GLN A 365 -5.91 -10.97 -20.78
CA GLN A 365 -4.52 -11.03 -21.18
C GLN A 365 -4.23 -10.25 -22.44
N GLU A 366 -5.25 -9.91 -23.23
CA GLU A 366 -5.06 -9.13 -24.44
C GLU A 366 -5.15 -7.62 -24.19
N ASP A 367 -6.31 -7.15 -23.71
CA ASP A 367 -6.47 -5.73 -23.39
C ASP A 367 -5.32 -5.22 -22.54
N TYR A 368 -4.66 -6.11 -21.80
CA TYR A 368 -3.53 -5.75 -20.96
C TYR A 368 -2.26 -5.59 -21.79
N LYS A 369 -1.93 -6.61 -22.60
CA LYS A 369 -0.80 -6.49 -23.50
C LYS A 369 -0.94 -5.27 -24.40
N ALA A 370 -2.17 -4.84 -24.66
CA ALA A 370 -2.42 -3.64 -25.46
C ALA A 370 -1.77 -2.40 -24.85
N TYR A 371 -2.17 -2.05 -23.63
CA TYR A 371 -1.66 -0.84 -22.99
C TYR A 371 -0.13 -0.83 -22.95
N GLU A 372 0.48 -1.98 -22.69
CA GLU A 372 1.92 -2.01 -22.46
C GLU A 372 2.71 -1.59 -23.69
N GLU A 373 2.20 -1.89 -24.88
CA GLU A 373 2.93 -1.63 -26.12
C GLU A 373 2.47 -0.37 -26.85
N ASN A 374 1.43 0.30 -26.36
CA ASN A 374 1.06 1.59 -26.94
C ASN A 374 2.26 2.52 -26.81
N PRO A 375 2.82 3.01 -27.91
CA PRO A 375 4.09 3.76 -27.82
C PRO A 375 3.94 5.17 -27.28
N GLU A 376 2.72 5.71 -27.21
CA GLU A 376 2.48 7.00 -26.58
C GLU A 376 2.26 6.88 -25.07
N GLN A 377 2.42 5.68 -24.51
CA GLN A 377 2.53 5.48 -23.07
C GLN A 377 1.34 6.03 -22.28
N PRO A 378 0.25 5.26 -22.16
CA PRO A 378 -0.90 5.77 -21.41
C PRO A 378 -0.61 5.92 -19.93
N PHE A 379 0.23 5.06 -19.37
CA PHE A 379 0.48 5.03 -17.94
C PHE A 379 1.23 6.26 -17.44
N ILE A 380 1.69 7.14 -18.33
CA ILE A 380 2.45 8.31 -17.92
C ILE A 380 1.49 9.40 -17.49
N SER A 381 1.77 10.01 -16.33
CA SER A 381 1.01 11.16 -15.84
C SER A 381 1.64 12.41 -16.44
N ARG A 382 1.23 12.72 -17.67
CA ARG A 382 1.85 13.81 -18.42
C ARG A 382 1.76 15.14 -17.69
N PHE A 383 0.69 15.36 -16.92
CA PHE A 383 0.57 16.60 -16.18
C PHE A 383 1.67 16.77 -15.14
N ALA A 384 2.51 15.74 -14.93
CA ALA A 384 3.69 15.86 -14.09
C ALA A 384 4.98 15.70 -14.88
N THR A 385 4.91 15.38 -16.17
CA THR A 385 6.08 15.34 -17.02
C THR A 385 6.58 16.75 -17.31
N GLY A 386 7.90 16.94 -17.22
CA GLY A 386 8.49 18.22 -17.52
C GLY A 386 8.71 18.38 -19.01
N TYR A 387 8.28 19.52 -19.55
CA TYR A 387 8.43 19.81 -20.97
C TYR A 387 9.12 21.16 -21.12
N ALA A 388 9.53 21.48 -22.34
CA ALA A 388 9.96 22.83 -22.67
C ALA A 388 8.72 23.64 -23.01
N PRO A 389 8.33 24.64 -22.21
CA PRO A 389 6.99 25.21 -22.36
C PRO A 389 6.75 25.94 -23.68
N GLY A 390 7.77 26.50 -24.30
CA GLY A 390 7.56 27.21 -25.55
C GLY A 390 6.99 28.60 -25.35
N SER A 391 6.55 29.19 -26.46
CA SER A 391 6.14 30.59 -26.52
C SER A 391 5.30 31.05 -25.34
N THR A 392 4.48 30.17 -24.77
CA THR A 392 3.71 30.55 -23.58
C THR A 392 4.60 31.22 -22.54
N PHE A 393 5.87 30.81 -22.49
CA PHE A 393 6.80 31.33 -21.49
C PHE A 393 7.08 32.82 -21.66
N LYS A 394 6.93 33.34 -22.88
CA LYS A 394 7.26 34.74 -23.14
C LYS A 394 6.56 35.69 -22.20
N MET A 395 5.41 35.30 -21.65
CA MET A 395 4.70 36.19 -20.73
C MET A 395 5.46 36.38 -19.44
N ILE A 396 6.43 35.52 -19.14
CA ILE A 396 7.31 35.73 -18.00
C ILE A 396 8.46 36.66 -18.37
N THR A 397 9.25 36.26 -19.38
CA THR A 397 10.37 37.04 -19.87
C THR A 397 10.04 38.52 -19.99
N ALA A 398 8.90 38.85 -20.59
CA ALA A 398 8.47 40.24 -20.65
C ALA A 398 8.29 40.81 -19.25
N ALA A 399 7.61 40.07 -18.37
CA ALA A 399 7.33 40.59 -17.03
C ALA A 399 8.60 40.86 -16.25
N ILE A 400 9.67 40.10 -16.51
CA ILE A 400 10.94 40.38 -15.86
C ILE A 400 11.58 41.61 -16.48
N GLY A 401 11.73 41.60 -17.82
CA GLY A 401 12.20 42.79 -18.52
C GLY A 401 11.48 44.05 -18.08
N LEU A 402 10.15 43.99 -17.98
CA LEU A 402 9.40 45.15 -17.51
C LEU A 402 9.76 45.50 -16.07
N ASP A 403 10.04 44.50 -15.23
CA ASP A 403 10.30 44.76 -13.82
C ASP A 403 11.60 45.54 -13.63
N ASN A 404 12.62 45.23 -14.41
CA ASN A 404 13.95 45.79 -14.21
C ASN A 404 14.27 46.94 -15.15
N GLY A 405 13.29 47.44 -15.90
CA GLY A 405 13.51 48.55 -16.79
C GLY A 405 14.00 48.16 -18.17
N THR A 406 14.50 46.94 -18.35
CA THR A 406 15.08 46.54 -19.63
C THR A 406 14.15 46.84 -20.79
N ILE A 407 12.87 46.51 -20.65
CA ILE A 407 11.91 46.59 -21.75
C ILE A 407 11.11 47.88 -21.66
N ASP A 408 11.11 48.62 -22.76
CA ASP A 408 10.17 49.72 -22.94
C ASP A 408 8.95 49.19 -23.68
N PRO A 409 7.76 49.19 -23.08
CA PRO A 409 6.60 48.64 -23.80
C PRO A 409 6.49 49.17 -25.22
N ASN A 410 6.80 50.46 -25.39
CA ASN A 410 6.62 51.15 -26.66
C ASN A 410 7.85 51.16 -27.55
N GLU A 411 9.06 50.98 -27.02
CA GLU A 411 10.22 50.90 -27.90
C GLU A 411 9.90 49.93 -29.03
N VAL A 412 9.97 50.43 -30.26
CA VAL A 412 9.60 49.67 -31.44
C VAL A 412 10.88 49.15 -32.07
N LEU A 413 11.06 47.84 -32.07
CA LEU A 413 12.14 47.22 -32.82
C LEU A 413 11.74 47.10 -34.29
N THR A 414 12.74 47.12 -35.17
CA THR A 414 12.52 46.95 -36.60
C THR A 414 13.20 45.65 -37.02
N ILE A 415 12.40 44.71 -37.51
CA ILE A 415 12.82 43.32 -37.65
C ILE A 415 12.45 42.83 -39.05
N ASN A 416 13.46 42.37 -39.80
CA ASN A 416 13.31 42.03 -41.21
C ASN A 416 13.58 40.55 -41.42
N GLY A 417 12.65 39.87 -42.10
CA GLY A 417 12.80 38.47 -42.39
C GLY A 417 12.42 37.57 -41.24
N LEU A 418 12.69 36.27 -41.41
CA LEU A 418 12.34 35.29 -40.41
C LEU A 418 13.51 34.86 -39.54
N LYS A 419 14.74 35.02 -40.00
CA LYS A 419 15.91 34.56 -39.28
C LYS A 419 16.67 35.74 -38.73
N TRP A 420 17.55 35.46 -37.77
CA TRP A 420 18.25 36.50 -37.05
C TRP A 420 19.37 35.89 -36.24
N GLN A 421 20.39 36.70 -35.97
CA GLN A 421 21.37 36.34 -34.95
C GLN A 421 22.10 37.60 -34.52
N LYS A 422 22.73 37.50 -33.35
CA LYS A 422 23.40 38.66 -32.75
C LYS A 422 24.54 39.14 -33.63
N ASP A 423 25.32 38.22 -34.17
CA ASP A 423 26.39 38.53 -35.12
C ASP A 423 26.83 37.21 -35.72
N SER A 424 27.77 37.28 -36.67
CA SER A 424 28.15 36.07 -37.40
C SER A 424 28.81 35.03 -36.51
N SER A 425 29.17 35.38 -35.28
CA SER A 425 29.82 34.43 -34.38
C SER A 425 28.86 33.41 -33.80
N TRP A 426 27.59 33.41 -34.22
CA TRP A 426 26.65 32.35 -33.86
C TRP A 426 26.60 31.25 -34.91
N GLY A 427 27.61 31.14 -35.76
CA GLY A 427 27.63 30.16 -36.82
C GLY A 427 26.31 30.05 -37.56
N SER A 428 25.59 28.95 -37.37
CA SER A 428 24.31 28.72 -38.04
C SER A 428 23.13 28.76 -37.08
N TYR A 429 23.34 29.21 -35.85
CA TYR A 429 22.27 29.22 -34.83
C TYR A 429 21.45 30.48 -35.04
N GLN A 430 20.26 30.33 -35.61
CA GLN A 430 19.42 31.45 -35.98
C GLN A 430 18.11 31.41 -35.18
N VAL A 431 17.68 32.57 -34.71
CA VAL A 431 16.36 32.72 -34.11
C VAL A 431 15.34 32.91 -35.22
N THR A 432 14.36 32.01 -35.30
CA THR A 432 13.38 32.03 -36.37
C THR A 432 11.99 32.39 -35.83
N ARG A 433 11.23 33.11 -36.67
CA ARG A 433 9.83 33.42 -36.39
C ARG A 433 8.99 33.03 -37.60
N VAL A 434 7.68 33.36 -37.57
CA VAL A 434 6.80 32.91 -38.63
C VAL A 434 6.04 34.04 -39.34
N SER A 435 5.84 35.15 -38.65
CA SER A 435 5.10 36.28 -39.22
C SER A 435 6.06 37.46 -39.36
N ASP A 436 6.32 37.86 -40.59
CA ASP A 436 7.29 38.91 -40.88
C ASP A 436 6.70 40.27 -40.55
N VAL A 437 6.32 40.50 -39.30
CA VAL A 437 5.95 41.83 -38.86
C VAL A 437 7.23 42.64 -38.69
N SER A 438 7.27 43.84 -39.28
CA SER A 438 8.50 44.63 -39.32
C SER A 438 8.44 45.88 -38.43
N HIS A 439 7.55 45.91 -37.44
CA HIS A 439 7.57 47.01 -36.46
C HIS A 439 6.94 46.40 -35.20
N VAL A 440 7.80 45.96 -34.29
CA VAL A 440 7.36 45.12 -33.18
C VAL A 440 7.57 45.92 -31.89
N ASP A 441 6.48 46.22 -31.21
CA ASP A 441 6.51 46.65 -29.81
C ASP A 441 6.03 45.47 -28.97
N LEU A 442 6.13 45.61 -27.65
CA LEU A 442 5.80 44.49 -26.78
C LEU A 442 4.46 43.86 -27.15
N LYS A 443 3.39 44.68 -27.18
CA LYS A 443 2.07 44.16 -27.50
C LYS A 443 2.08 43.34 -28.77
N THR A 444 2.67 43.88 -29.84
CA THR A 444 2.72 43.15 -31.11
C THR A 444 3.51 41.85 -30.97
N ALA A 445 4.53 41.84 -30.11
CA ALA A 445 5.36 40.64 -29.98
C ALA A 445 4.56 39.46 -29.45
N LEU A 446 3.71 39.68 -28.44
CA LEU A 446 2.92 38.59 -27.88
C LEU A 446 1.75 38.21 -28.77
N ILE A 447 1.18 39.16 -29.51
CA ILE A 447 0.05 38.85 -30.37
C ILE A 447 0.46 37.88 -31.48
N TYR A 448 1.69 38.00 -31.97
CA TYR A 448 2.17 37.16 -33.06
C TYR A 448 3.10 36.04 -32.60
N SER A 449 3.54 36.06 -31.34
CA SER A 449 4.54 35.12 -30.83
C SER A 449 5.85 35.30 -31.59
N ASP A 450 6.44 36.48 -31.45
CA ASP A 450 7.66 36.83 -32.18
C ASP A 450 8.83 36.41 -31.32
N ASN A 451 9.37 35.21 -31.59
CA ASN A 451 10.55 34.74 -30.89
C ASN A 451 11.66 35.80 -30.89
N ILE A 452 11.86 36.46 -32.04
CA ILE A 452 13.02 37.34 -32.21
C ILE A 452 12.95 38.50 -31.24
N TYR A 453 11.85 39.25 -31.25
CA TYR A 453 11.71 40.36 -30.30
C TYR A 453 12.08 39.91 -28.88
N MET A 454 11.61 38.73 -28.48
CA MET A 454 11.88 38.26 -27.13
C MET A 454 13.33 37.84 -26.96
N ALA A 455 13.87 37.10 -27.93
CA ALA A 455 15.28 36.72 -27.88
C ALA A 455 16.17 37.96 -27.72
N GLN A 456 15.78 39.08 -28.33
CA GLN A 456 16.59 40.29 -28.27
C GLN A 456 16.47 40.98 -26.91
N GLU A 457 15.26 41.39 -26.53
CA GLU A 457 15.07 42.05 -25.25
C GLU A 457 15.57 41.21 -24.08
N THR A 458 15.77 39.90 -24.27
CA THR A 458 16.37 39.06 -23.25
C THR A 458 17.85 39.37 -23.10
N LEU A 459 18.61 39.23 -24.20
CA LEU A 459 20.03 39.59 -24.19
C LEU A 459 20.24 41.00 -23.69
N LYS A 460 19.35 41.92 -24.05
CA LYS A 460 19.40 43.28 -23.50
C LYS A 460 19.39 43.26 -21.97
N MET A 461 18.88 42.17 -21.38
CA MET A 461 18.76 42.02 -19.94
C MET A 461 19.87 41.20 -19.30
N GLY A 462 20.32 40.13 -19.94
CA GLY A 462 21.49 39.40 -19.47
C GLY A 462 21.23 38.43 -18.34
N GLU A 463 21.99 37.33 -18.30
CA GLU A 463 21.77 36.27 -17.32
C GLU A 463 21.52 36.81 -15.92
N LYS A 464 22.32 37.77 -15.47
CA LYS A 464 22.17 38.26 -14.10
C LYS A 464 20.76 38.80 -13.87
N ASN A 465 20.31 39.71 -14.73
CA ASN A 465 18.98 40.28 -14.56
C ASN A 465 17.86 39.34 -14.99
N PHE A 466 18.16 38.37 -15.88
CA PHE A 466 17.15 37.36 -16.22
C PHE A 466 16.93 36.40 -15.06
N ARG A 467 18.01 35.84 -14.52
CA ARG A 467 17.90 34.92 -13.39
C ARG A 467 17.39 35.65 -12.15
N ALA A 468 17.75 36.92 -11.99
CA ALA A 468 17.23 37.70 -10.87
C ALA A 468 15.71 37.63 -10.83
N GLY A 469 15.07 37.59 -12.00
CA GLY A 469 13.63 37.48 -12.08
C GLY A 469 13.15 36.04 -11.99
N LEU A 470 13.78 35.16 -12.77
CA LEU A 470 13.41 33.74 -12.73
C LEU A 470 13.55 33.18 -11.32
N ASP A 471 14.68 33.47 -10.66
CA ASP A 471 14.92 32.93 -9.34
C ASP A 471 13.87 33.37 -8.33
N LYS A 472 13.07 34.39 -8.65
CA LYS A 472 11.95 34.71 -7.77
C LYS A 472 10.77 33.76 -7.97
N PHE A 473 10.90 32.77 -8.85
CA PHE A 473 9.81 31.82 -9.09
C PHE A 473 10.06 30.56 -8.28
N ILE A 474 9.77 29.38 -8.84
CA ILE A 474 9.79 28.16 -8.04
C ILE A 474 10.60 27.04 -8.69
N PHE A 475 11.53 27.39 -9.56
CA PHE A 475 12.43 26.39 -10.12
C PHE A 475 13.17 25.69 -8.99
N GLY A 476 13.37 24.38 -9.16
CA GLY A 476 14.02 23.59 -8.13
C GLY A 476 13.11 23.10 -7.01
N GLU A 477 12.23 23.96 -6.53
CA GLU A 477 11.38 23.61 -5.41
C GLU A 477 10.54 22.37 -5.71
N ASP A 478 10.21 21.63 -4.66
CA ASP A 478 9.24 20.55 -4.70
C ASP A 478 7.97 21.04 -4.01
N LEU A 479 6.84 20.86 -4.68
CA LEU A 479 5.56 21.33 -4.16
C LEU A 479 4.98 20.36 -3.13
N ASP A 480 4.05 20.88 -2.34
CA ASP A 480 3.39 20.09 -1.28
C ASP A 480 2.20 19.33 -1.87
N LEU A 481 2.49 18.53 -2.91
CA LEU A 481 1.49 17.72 -3.59
C LEU A 481 1.89 16.25 -3.56
N PRO A 482 0.92 15.31 -3.47
CA PRO A 482 1.21 13.88 -3.53
C PRO A 482 1.33 13.32 -4.95
N ILE A 483 2.15 13.97 -5.78
CA ILE A 483 2.41 13.50 -7.13
C ILE A 483 3.91 13.51 -7.37
N SER A 484 4.44 12.39 -7.86
CA SER A 484 5.87 12.27 -8.11
C SER A 484 6.22 12.98 -9.41
N MET A 485 7.16 13.91 -9.32
CA MET A 485 7.50 14.81 -10.41
C MET A 485 8.84 15.43 -10.07
N ASN A 486 9.80 15.46 -11.00
CA ASN A 486 11.03 16.18 -10.75
C ASN A 486 10.74 17.67 -10.86
N PRO A 487 11.47 18.50 -10.10
CA PRO A 487 11.20 19.94 -10.14
C PRO A 487 11.59 20.52 -11.50
N ALA A 488 11.16 21.77 -11.71
CA ALA A 488 11.42 22.46 -12.97
C ALA A 488 12.79 23.12 -12.93
N GLN A 489 13.50 23.05 -14.07
CA GLN A 489 14.84 23.59 -14.20
C GLN A 489 14.92 24.67 -15.25
N ILE A 490 15.82 25.63 -15.03
CA ILE A 490 16.14 26.63 -16.04
C ILE A 490 17.18 26.10 -17.02
N SER A 491 18.16 25.33 -16.52
CA SER A 491 19.19 24.78 -17.40
C SER A 491 19.84 23.58 -16.73
N ASN A 492 20.55 22.80 -17.55
CA ASN A 492 21.24 21.58 -17.12
C ASN A 492 22.56 21.85 -16.39
N GLU A 493 22.72 23.06 -15.87
CA GLU A 493 23.87 23.53 -15.10
C GLU A 493 23.41 24.82 -14.46
N GLU A 494 24.18 25.30 -13.49
CA GLU A 494 23.81 26.49 -12.73
C GLU A 494 24.09 27.80 -13.45
N SER A 495 24.62 27.75 -14.67
CA SER A 495 24.79 28.93 -15.51
C SER A 495 24.54 28.53 -16.96
N PHE A 496 24.21 29.52 -17.81
CA PHE A 496 23.94 29.19 -19.20
C PHE A 496 25.22 28.86 -19.96
N ASN A 497 26.29 29.63 -19.73
CA ASN A 497 27.56 29.40 -20.43
C ASN A 497 27.38 29.49 -21.94
N SER A 498 26.60 30.49 -22.38
CA SER A 498 26.33 30.74 -23.79
C SER A 498 25.34 31.88 -23.95
N ASP A 499 25.46 32.66 -25.04
CA ASP A 499 24.43 33.61 -25.41
C ASP A 499 23.23 32.90 -26.06
N ILE A 500 23.52 31.98 -26.99
CA ILE A 500 22.46 31.27 -27.69
C ILE A 500 21.48 30.67 -26.70
N LEU A 501 22.00 30.00 -25.67
CA LEU A 501 21.11 29.41 -24.68
C LEU A 501 20.36 30.49 -23.89
N LEU A 502 21.05 31.57 -23.53
CA LEU A 502 20.37 32.68 -22.88
C LEU A 502 19.20 33.17 -23.73
N ALA A 503 19.35 33.10 -25.07
CA ALA A 503 18.28 33.53 -25.96
C ALA A 503 17.19 32.47 -26.11
N ASP A 504 17.59 31.27 -26.56
CA ASP A 504 16.65 30.16 -26.66
C ASP A 504 15.73 30.08 -25.45
N THR A 505 16.32 30.21 -24.26
CA THR A 505 15.55 30.16 -23.02
C THR A 505 14.59 31.32 -22.90
N GLY A 506 14.91 32.46 -23.50
CA GLY A 506 14.06 33.62 -23.38
C GLY A 506 12.71 33.46 -24.06
N TYR A 507 12.62 32.61 -25.08
CA TYR A 507 11.36 32.38 -25.78
C TYR A 507 10.87 30.94 -25.62
N GLY A 508 11.21 30.31 -24.51
CA GLY A 508 10.53 29.10 -24.08
C GLY A 508 11.15 27.78 -24.51
N GLN A 509 12.42 27.78 -24.90
CA GLN A 509 13.09 26.54 -25.29
C GLN A 509 14.41 26.39 -24.53
N GLY A 510 15.47 26.02 -25.22
CA GLY A 510 16.73 25.80 -24.53
C GLY A 510 16.62 24.63 -23.57
N GLU A 511 17.27 24.76 -22.41
CA GLU A 511 17.29 23.71 -21.40
C GLU A 511 16.21 23.92 -20.34
N LEU A 512 15.07 24.49 -20.71
CA LEU A 512 13.95 24.63 -19.79
C LEU A 512 13.17 23.33 -19.68
N LEU A 513 12.71 23.04 -18.46
CA LEU A 513 11.80 21.92 -18.21
C LEU A 513 10.82 22.32 -17.11
N ILE A 514 9.56 22.47 -17.48
CA ILE A 514 8.49 22.76 -16.52
C ILE A 514 7.32 21.86 -16.87
N ASN A 515 6.69 21.26 -15.85
CA ASN A 515 5.57 20.35 -16.12
C ASN A 515 4.24 21.10 -15.99
N PRO A 516 3.18 20.57 -16.59
CA PRO A 516 1.92 21.35 -16.65
C PRO A 516 1.42 21.85 -15.31
N ILE A 517 1.72 21.19 -14.20
CA ILE A 517 1.31 21.72 -12.90
C ILE A 517 2.22 22.89 -12.50
N GLN A 518 3.52 22.76 -12.76
CA GLN A 518 4.46 23.82 -12.41
C GLN A 518 4.22 25.07 -13.24
N GLN A 519 3.93 24.90 -14.54
CA GLN A 519 3.52 26.01 -15.37
C GLN A 519 2.32 26.73 -14.77
N ALA A 520 1.26 25.98 -14.48
CA ALA A 520 0.05 26.57 -13.95
C ALA A 520 0.29 27.37 -12.67
N ALA A 521 1.36 27.06 -11.93
CA ALA A 521 1.67 27.80 -10.72
C ALA A 521 2.39 29.11 -11.01
N MET A 522 3.37 29.07 -11.92
CA MET A 522 4.12 30.29 -12.24
C MET A 522 3.22 31.33 -12.90
N TYR A 523 2.33 30.89 -13.80
CA TYR A 523 1.48 31.82 -14.52
C TYR A 523 0.36 32.39 -13.65
N SER A 524 0.15 31.87 -12.45
CA SER A 524 -0.86 32.41 -11.56
C SER A 524 -0.57 33.87 -11.20
N VAL A 525 0.67 34.31 -11.41
CA VAL A 525 1.05 35.69 -11.09
C VAL A 525 0.19 36.68 -11.84
N PHE A 526 -0.30 36.30 -13.02
CA PHE A 526 -1.11 37.20 -13.84
C PHE A 526 -2.56 37.25 -13.39
N ALA A 527 -2.97 36.40 -12.45
CA ALA A 527 -4.28 36.45 -11.84
C ALA A 527 -4.23 36.96 -10.40
N ASN A 528 -3.07 37.40 -9.93
CA ASN A 528 -2.92 37.83 -8.54
C ASN A 528 -1.96 39.02 -8.44
N ASN A 529 -2.07 39.96 -9.37
CA ASN A 529 -1.26 41.18 -9.36
C ASN A 529 0.21 40.88 -9.04
N GLY A 530 0.73 39.80 -9.61
CA GLY A 530 2.13 39.46 -9.47
C GLY A 530 2.46 38.53 -8.32
N THR A 531 1.50 38.14 -7.51
CA THR A 531 1.74 37.14 -6.47
C THR A 531 1.57 35.74 -7.04
N LEU A 532 2.50 34.85 -6.69
CA LEU A 532 2.40 33.45 -7.06
C LEU A 532 1.62 32.71 -5.98
N VAL A 533 0.69 31.88 -6.41
CA VAL A 533 -0.16 31.10 -5.49
C VAL A 533 0.12 29.63 -5.78
N TYR A 534 0.60 28.91 -4.78
CA TYR A 534 0.98 27.52 -4.97
C TYR A 534 -0.26 26.65 -5.23
N PRO A 535 -0.11 25.60 -6.03
CA PRO A 535 -1.26 24.74 -6.34
C PRO A 535 -1.68 23.93 -5.13
N LYS A 536 -2.97 23.60 -5.11
CA LYS A 536 -3.62 22.94 -3.97
C LYS A 536 -4.44 21.78 -4.50
N LEU A 537 -4.19 20.57 -3.98
CA LEU A 537 -4.94 19.39 -4.40
C LEU A 537 -5.79 18.75 -3.32
N ILE A 538 -5.44 18.91 -2.05
CA ILE A 538 -6.27 18.40 -0.95
C ILE A 538 -7.28 19.48 -0.58
N ALA A 539 -8.55 19.08 -0.45
CA ALA A 539 -9.64 20.04 -0.38
C ALA A 539 -9.48 21.00 0.80
N ASP A 540 -9.01 20.50 1.94
CA ASP A 540 -9.01 21.32 3.15
C ASP A 540 -7.75 22.16 3.32
N LYS A 541 -6.59 21.68 2.85
CA LYS A 541 -5.33 22.35 3.11
C LYS A 541 -5.41 23.85 2.83
N GLU A 542 -4.60 24.60 3.58
CA GLU A 542 -4.57 26.06 3.50
C GLU A 542 -3.83 26.51 2.25
N THR A 543 -4.29 27.61 1.66
CA THR A 543 -3.60 28.19 0.53
C THR A 543 -2.23 28.69 0.98
N LYS A 544 -1.25 28.62 0.07
CA LYS A 544 0.12 29.03 0.34
C LYS A 544 0.57 29.86 -0.85
N ASP A 545 1.19 31.01 -0.59
CA ASP A 545 1.58 31.88 -1.69
C ASP A 545 2.99 32.43 -1.46
N LYS A 546 3.41 33.30 -2.38
CA LYS A 546 4.77 33.82 -2.42
C LYS A 546 4.62 35.23 -3.01
N LYS A 547 4.63 36.24 -2.13
CA LYS A 547 4.16 37.56 -2.55
C LYS A 547 5.24 38.26 -3.38
N ASN A 548 4.79 39.23 -4.18
CA ASN A 548 5.66 40.05 -5.02
C ASN A 548 6.71 39.22 -5.77
N VAL A 549 6.22 38.32 -6.62
CA VAL A 549 7.13 37.63 -7.52
C VAL A 549 7.41 38.50 -8.75
N ILE A 550 6.41 39.25 -9.22
CA ILE A 550 6.61 40.28 -10.23
C ILE A 550 5.77 41.49 -9.85
N GLY A 551 5.97 42.59 -10.58
CA GLY A 551 5.35 43.84 -10.22
C GLY A 551 3.90 43.90 -10.70
N GLU A 552 3.04 44.49 -9.86
CA GLU A 552 1.65 44.67 -10.26
C GLU A 552 1.54 45.38 -11.60
N THR A 553 2.46 46.32 -11.86
CA THR A 553 2.41 47.09 -13.10
C THR A 553 2.80 46.23 -14.30
N ALA A 554 3.77 45.34 -14.14
CA ALA A 554 4.12 44.46 -15.25
C ALA A 554 2.94 43.57 -15.62
N VAL A 555 2.09 43.24 -14.64
CA VAL A 555 0.86 42.50 -14.93
C VAL A 555 -0.10 43.37 -15.73
N GLN A 556 -0.38 44.58 -15.23
CA GLN A 556 -1.36 45.43 -15.90
C GLN A 556 -0.89 45.79 -17.31
N THR A 557 0.42 45.74 -17.56
CA THR A 557 0.93 45.89 -18.92
C THR A 557 0.67 44.65 -19.76
N ILE A 558 0.97 43.47 -19.23
CA ILE A 558 0.99 42.26 -20.06
C ILE A 558 -0.41 41.76 -20.34
N VAL A 559 -1.27 41.74 -19.33
CA VAL A 559 -2.58 41.09 -19.44
C VAL A 559 -3.33 41.73 -20.60
N PRO A 560 -3.52 43.05 -20.63
CA PRO A 560 -4.27 43.63 -21.76
C PRO A 560 -3.65 43.30 -23.11
N ASP A 561 -2.33 43.06 -23.16
CA ASP A 561 -1.74 42.51 -24.38
C ASP A 561 -2.16 41.05 -24.58
N LEU A 562 -2.38 40.31 -23.49
CA LEU A 562 -2.75 38.89 -23.62
C LEU A 562 -4.20 38.71 -24.04
N ARG A 563 -5.08 39.66 -23.69
CA ARG A 563 -6.41 39.66 -24.28
C ARG A 563 -6.31 39.71 -25.80
N GLU A 564 -5.44 40.57 -26.32
CA GLU A 564 -5.34 40.79 -27.76
C GLU A 564 -4.69 39.63 -28.51
N VAL A 565 -4.07 38.68 -27.82
CA VAL A 565 -3.69 37.43 -28.47
C VAL A 565 -4.93 36.71 -28.97
N VAL A 566 -6.09 37.04 -28.41
CA VAL A 566 -7.38 36.46 -28.80
C VAL A 566 -8.12 37.41 -29.72
N GLN A 567 -8.40 38.62 -29.25
CA GLN A 567 -9.29 39.52 -29.98
C GLN A 567 -8.72 39.87 -31.35
N ASP A 568 -7.50 40.40 -31.38
CA ASP A 568 -6.92 40.92 -32.61
C ASP A 568 -7.02 39.89 -33.74
N VAL A 569 -7.43 40.36 -34.92
CA VAL A 569 -7.72 39.47 -36.04
C VAL A 569 -6.53 38.57 -36.33
N ASN A 570 -5.30 39.06 -36.10
CA ASN A 570 -4.10 38.27 -36.30
C ASN A 570 -3.61 37.57 -35.04
N GLY A 571 -4.32 37.70 -33.92
CA GLY A 571 -3.93 37.02 -32.70
C GLY A 571 -3.78 35.53 -32.94
N THR A 572 -2.82 34.90 -32.26
CA THR A 572 -2.61 33.47 -32.44
C THR A 572 -3.80 32.65 -32.00
N ALA A 573 -4.63 33.18 -31.11
CA ALA A 573 -5.78 32.47 -30.56
C ALA A 573 -7.08 33.23 -30.87
N HIS A 574 -7.17 33.77 -32.08
CA HIS A 574 -8.37 34.53 -32.44
C HIS A 574 -9.59 33.62 -32.53
N SER A 575 -9.40 32.35 -32.87
CA SER A 575 -10.54 31.44 -33.02
C SER A 575 -11.36 31.36 -31.73
N LEU A 576 -10.81 31.76 -30.59
CA LEU A 576 -11.56 31.68 -29.34
C LEU A 576 -12.46 32.89 -29.11
N SER A 577 -12.32 33.95 -29.91
CA SER A 577 -13.22 35.09 -29.75
C SER A 577 -14.64 34.75 -30.21
N ALA A 578 -14.79 33.71 -31.03
CA ALA A 578 -16.13 33.28 -31.43
C ALA A 578 -16.98 32.92 -30.22
N LEU A 579 -16.33 32.53 -29.12
CA LEU A 579 -17.04 32.00 -27.95
C LEU A 579 -17.81 33.10 -27.22
N GLY A 580 -17.28 34.31 -27.21
CA GLY A 580 -17.95 35.41 -26.54
C GLY A 580 -17.71 35.46 -25.04
N ILE A 581 -16.58 34.92 -24.58
CA ILE A 581 -16.27 34.86 -23.15
C ILE A 581 -14.96 35.63 -22.92
N PRO A 582 -14.85 36.36 -21.81
CA PRO A 582 -13.61 37.11 -21.56
C PRO A 582 -12.41 36.21 -21.36
N LEU A 583 -11.46 36.22 -22.31
CA LEU A 583 -10.28 35.39 -22.22
C LEU A 583 -9.03 36.25 -22.38
N ALA A 584 -7.99 35.95 -21.58
CA ALA A 584 -6.64 36.46 -21.80
C ALA A 584 -5.70 35.26 -21.89
N ALA A 585 -4.88 35.21 -22.94
CA ALA A 585 -4.15 33.97 -23.20
C ALA A 585 -2.93 34.16 -24.09
N LYS A 586 -2.07 33.14 -24.09
CA LYS A 586 -0.92 33.01 -24.98
C LYS A 586 -0.85 31.56 -25.45
N THR A 587 -0.26 31.37 -26.64
CA THR A 587 -0.16 30.06 -27.27
C THR A 587 1.29 29.61 -27.36
N GLY A 588 1.50 28.45 -28.00
CA GLY A 588 2.85 27.94 -28.21
C GLY A 588 2.88 26.84 -29.26
N THR A 589 4.09 26.59 -29.77
CA THR A 589 4.33 25.47 -30.67
C THR A 589 5.83 25.19 -30.68
N ALA A 590 6.19 23.91 -30.86
CA ALA A 590 7.59 23.49 -30.81
C ALA A 590 7.81 22.29 -31.73
N GLU A 591 9.02 22.16 -32.26
CA GLU A 591 9.38 20.96 -33.02
C GLU A 591 10.60 20.25 -32.40
N LYS A 601 7.92 15.97 -35.78
CA LYS A 601 7.07 15.96 -34.59
C LYS A 601 6.87 17.39 -34.09
N GLU A 602 5.64 17.72 -33.69
CA GLU A 602 5.29 19.10 -33.33
C GLU A 602 4.40 19.08 -32.10
N ASN A 603 4.82 19.79 -31.05
CA ASN A 603 3.96 19.99 -29.88
C ASN A 603 3.15 21.27 -30.03
N SER A 604 2.08 21.37 -29.25
CA SER A 604 1.20 22.53 -29.26
C SER A 604 0.78 22.88 -27.84
N PHE A 605 0.73 24.18 -27.54
CA PHE A 605 0.47 24.66 -26.20
C PHE A 605 -0.69 25.66 -26.18
N LEU A 606 -1.20 25.92 -24.98
CA LEU A 606 -2.16 26.97 -24.77
C LEU A 606 -2.15 27.34 -23.29
N PHE A 607 -2.19 28.63 -23.00
CA PHE A 607 -2.40 29.16 -21.67
C PHE A 607 -3.65 30.03 -21.72
N ALA A 608 -4.51 29.92 -20.71
CA ALA A 608 -5.73 30.71 -20.74
C ALA A 608 -6.29 30.87 -19.34
N PHE A 609 -6.88 32.05 -19.09
CA PHE A 609 -7.55 32.33 -17.84
C PHE A 609 -8.48 33.52 -18.05
N ASN A 610 -9.25 33.85 -17.01
CA ASN A 610 -10.28 34.87 -17.11
C ASN A 610 -9.75 36.17 -16.50
N PRO A 611 -9.51 37.21 -17.30
CA PRO A 611 -8.97 38.45 -16.73
C PRO A 611 -10.01 39.35 -16.10
N ASP A 612 -11.29 39.05 -16.27
CA ASP A 612 -12.33 39.87 -15.63
C ASP A 612 -12.51 39.50 -14.16
N ASN A 613 -12.53 38.20 -13.85
CA ASN A 613 -12.77 37.76 -12.47
C ASN A 613 -11.69 36.83 -11.93
N GLN A 614 -10.80 36.32 -12.76
CA GLN A 614 -9.70 35.47 -12.28
C GLN A 614 -10.21 34.20 -11.62
N GLY A 615 -11.39 33.73 -12.04
CA GLY A 615 -12.00 32.58 -11.40
C GLY A 615 -11.42 31.25 -11.79
N TYR A 616 -10.77 31.19 -12.96
CA TYR A 616 -10.17 29.94 -13.41
C TYR A 616 -8.92 30.26 -14.22
N MET A 617 -8.20 29.20 -14.58
CA MET A 617 -6.99 29.28 -15.38
C MET A 617 -6.71 27.87 -15.88
N MET A 618 -6.28 27.76 -17.13
CA MET A 618 -6.07 26.46 -17.74
C MET A 618 -4.77 26.43 -18.51
N VAL A 619 -4.23 25.23 -18.65
CA VAL A 619 -2.95 25.00 -19.31
C VAL A 619 -3.05 23.66 -20.04
N SER A 620 -3.10 23.70 -21.37
CA SER A 620 -3.34 22.52 -22.18
C SER A 620 -2.21 22.34 -23.18
N MET A 621 -1.75 21.11 -23.31
CA MET A 621 -0.70 20.74 -24.24
C MET A 621 -1.22 19.68 -25.20
N LEU A 622 -0.48 19.46 -26.28
CA LEU A 622 -0.81 18.40 -27.24
C LEU A 622 0.51 17.81 -27.73
N GLU A 623 0.89 16.66 -27.16
CA GLU A 623 2.15 16.01 -27.48
C GLU A 623 2.07 15.36 -28.85
N ASN A 624 2.96 15.76 -29.77
CA ASN A 624 3.01 15.15 -31.09
C ASN A 624 1.67 15.39 -31.78
N LYS A 625 1.46 16.64 -32.17
CA LYS A 625 0.18 17.03 -32.72
C LYS A 625 -0.05 16.36 -34.07
N GLU A 626 -1.29 16.48 -34.55
CA GLU A 626 -1.66 16.01 -35.87
C GLU A 626 -1.73 17.22 -36.80
N ASP A 627 -1.78 16.95 -38.10
CA ASP A 627 -1.85 18.03 -39.07
C ASP A 627 -3.00 18.96 -38.74
N ASP A 628 -2.70 20.26 -38.67
CA ASP A 628 -3.71 21.30 -38.48
C ASP A 628 -4.53 21.09 -37.19
N ASP A 629 -4.05 20.27 -36.27
CA ASP A 629 -4.67 20.10 -34.97
C ASP A 629 -3.95 21.00 -33.96
N SER A 630 -4.61 21.32 -32.86
CA SER A 630 -3.97 22.21 -31.92
C SER A 630 -4.67 22.20 -30.57
N ALA A 631 -3.90 22.57 -29.55
CA ALA A 631 -4.45 22.75 -28.21
C ALA A 631 -5.52 23.82 -28.21
N THR A 632 -5.35 24.87 -29.03
CA THR A 632 -6.32 25.95 -29.07
C THR A 632 -7.65 25.51 -29.69
N LYS A 633 -7.60 24.58 -30.65
CA LYS A 633 -8.83 24.13 -31.29
C LYS A 633 -9.66 23.23 -30.38
N ARG A 634 -9.07 22.70 -29.30
CA ARG A 634 -9.75 21.78 -28.41
C ARG A 634 -10.17 22.40 -27.09
N ALA A 635 -9.77 23.63 -26.84
CA ALA A 635 -10.02 24.27 -25.55
C ALA A 635 -11.45 24.77 -25.33
N PRO A 636 -12.21 25.13 -26.36
CA PRO A 636 -13.49 25.83 -26.09
C PRO A 636 -14.41 25.11 -25.11
N GLU A 637 -14.69 23.81 -25.30
CA GLU A 637 -15.69 23.17 -24.46
C GLU A 637 -15.33 23.25 -22.98
N LEU A 638 -14.05 23.03 -22.66
CA LEU A 638 -13.63 23.16 -21.26
C LEU A 638 -13.69 24.60 -20.79
N LEU A 639 -13.38 25.55 -21.67
CA LEU A 639 -13.37 26.96 -21.27
C LEU A 639 -14.78 27.46 -20.98
N GLN A 640 -15.77 27.02 -21.76
CA GLN A 640 -17.13 27.44 -21.50
C GLN A 640 -17.62 26.97 -20.13
N TYR A 641 -17.34 25.71 -19.78
CA TYR A 641 -17.71 25.22 -18.46
C TYR A 641 -17.04 26.02 -17.37
N LEU A 642 -15.71 26.08 -17.40
CA LEU A 642 -14.96 26.83 -16.38
C LEU A 642 -15.45 28.26 -16.31
N ASN A 643 -15.65 28.90 -17.46
CA ASN A 643 -16.05 30.31 -17.48
C ASN A 643 -17.33 30.54 -16.73
N GLN A 644 -18.26 29.58 -16.76
CA GLN A 644 -19.57 29.77 -16.16
C GLN A 644 -19.58 29.36 -14.69
N ASN A 645 -18.93 28.25 -14.36
CA ASN A 645 -19.03 27.70 -13.01
C ASN A 645 -17.98 28.24 -12.06
N TYR A 646 -17.03 29.03 -12.54
CA TYR A 646 -16.00 29.61 -11.67
C TYR A 646 -15.87 31.09 -11.98
N GLN A 647 -16.41 31.92 -11.08
CA GLN A 647 -16.36 33.37 -11.16
C GLN A 647 -15.92 33.83 -9.77
N LEU A 648 -16.57 34.83 -9.20
CA LEU A 648 -16.23 35.22 -7.83
C LEU A 648 -16.96 34.28 -6.85
N GLU B 7 9.15 54.23 -60.14
CA GLU B 7 7.88 53.93 -60.80
C GLU B 7 8.13 53.48 -62.24
N THR B 8 9.02 54.19 -62.92
CA THR B 8 9.49 53.77 -64.23
C THR B 8 10.00 52.34 -64.13
N GLN B 9 9.75 51.54 -65.17
CA GLN B 9 10.31 50.19 -65.06
C GLN B 9 11.82 50.20 -65.20
N ALA B 10 12.48 51.36 -65.30
CA ALA B 10 13.92 51.49 -65.18
C ALA B 10 14.37 51.74 -63.74
N VAL B 11 13.64 52.63 -63.04
CA VAL B 11 13.92 52.82 -61.63
C VAL B 11 13.77 51.52 -60.87
N GLU B 12 12.55 50.96 -60.88
CA GLU B 12 12.35 49.73 -60.14
C GLU B 12 13.14 48.59 -60.79
N ALA B 13 13.42 48.66 -62.10
CA ALA B 13 14.39 47.74 -62.68
C ALA B 13 15.72 47.83 -61.96
N GLY B 14 16.18 49.05 -61.69
CA GLY B 14 17.40 49.31 -60.96
C GLY B 14 17.26 49.11 -59.47
N GLU B 15 16.10 49.49 -58.91
CA GLU B 15 15.86 49.25 -57.49
C GLU B 15 16.02 47.77 -57.17
N LYS B 16 15.54 46.90 -58.06
CA LYS B 16 15.61 45.46 -57.84
C LYS B 16 16.92 44.85 -58.31
N THR B 17 17.70 45.54 -59.15
CA THR B 17 19.00 44.99 -59.57
C THR B 17 20.01 45.09 -58.44
N VAL B 18 19.92 46.15 -57.61
CA VAL B 18 20.67 46.21 -56.37
C VAL B 18 20.29 45.05 -55.46
N GLU B 19 18.99 44.91 -55.19
CA GLU B 19 18.53 43.91 -54.23
C GLU B 19 19.08 42.53 -54.55
N GLN B 20 19.06 42.14 -55.83
CA GLN B 20 19.58 40.83 -56.20
C GLN B 20 21.09 40.74 -56.02
N PHE B 21 21.79 41.87 -56.04
CA PHE B 21 23.23 41.90 -55.76
C PHE B 21 23.48 41.67 -54.28
N VAL B 22 22.76 42.38 -53.42
CA VAL B 22 22.88 42.17 -51.98
C VAL B 22 22.54 40.73 -51.62
N GLN B 23 21.39 40.25 -52.10
CA GLN B 23 20.95 38.90 -51.78
C GLN B 23 21.99 37.85 -52.16
N ALA B 24 22.60 38.01 -53.33
CA ALA B 24 23.64 37.06 -53.75
C ALA B 24 24.78 37.02 -52.74
N LEU B 25 25.02 38.11 -52.03
CA LEU B 25 26.12 38.18 -51.08
C LEU B 25 25.75 37.56 -49.74
N ASN B 26 24.53 37.80 -49.28
CA ASN B 26 24.03 37.14 -48.07
C ASN B 26 24.17 35.63 -48.19
N LYS B 27 23.60 35.08 -49.27
CA LYS B 27 23.65 33.65 -49.54
C LYS B 27 25.06 33.17 -49.84
N GLY B 28 26.06 34.07 -49.80
CA GLY B 28 27.44 33.70 -50.02
C GLY B 28 27.80 33.39 -51.45
N ASP B 29 26.97 33.80 -52.40
CA ASP B 29 27.18 33.48 -53.82
C ASP B 29 27.95 34.60 -54.52
N TYR B 30 29.15 34.87 -54.00
CA TYR B 30 29.96 35.97 -54.51
C TYR B 30 30.17 35.90 -56.02
N ASN B 31 30.15 34.69 -56.59
CA ASN B 31 30.37 34.54 -58.02
C ASN B 31 29.17 35.05 -58.79
N LYS B 32 27.96 34.77 -58.30
CA LYS B 32 26.76 35.33 -58.91
C LYS B 32 26.82 36.86 -58.91
N ALA B 33 27.13 37.47 -57.77
CA ALA B 33 27.13 38.92 -57.68
C ALA B 33 28.08 39.54 -58.68
N ALA B 34 29.33 39.04 -58.73
CA ALA B 34 30.30 39.56 -59.68
C ALA B 34 29.82 39.43 -61.11
N GLY B 35 28.92 38.49 -61.38
CA GLY B 35 28.33 38.38 -62.70
C GLY B 35 27.37 39.51 -63.02
N MET B 36 26.82 40.16 -61.99
CA MET B 36 25.96 41.32 -62.17
C MET B 36 26.78 42.61 -62.27
N ALA B 37 28.04 42.51 -62.61
CA ALA B 37 28.94 43.66 -62.70
C ALA B 37 29.07 44.12 -64.15
N SER B 38 29.03 45.44 -64.34
CA SER B 38 29.33 45.99 -65.65
C SER B 38 30.72 45.55 -66.10
N LYS B 39 30.94 45.60 -67.41
CA LYS B 39 32.26 45.28 -67.94
C LYS B 39 33.24 46.35 -67.44
N LYS B 40 34.52 45.99 -67.43
CA LYS B 40 35.55 46.84 -66.84
C LYS B 40 35.92 48.00 -67.76
N ALA B 41 35.75 49.22 -67.26
CA ALA B 41 36.05 50.44 -68.01
C ALA B 41 36.09 51.62 -67.06
N ALA B 42 36.50 52.78 -67.60
CA ALA B 42 36.72 53.96 -66.78
C ALA B 42 35.40 54.49 -66.22
N ASN B 43 34.31 54.40 -66.99
CA ASN B 43 33.00 54.83 -66.52
C ASN B 43 32.10 53.66 -66.17
N LYS B 44 32.65 52.46 -66.08
CA LYS B 44 31.87 51.27 -65.73
C LYS B 44 32.47 50.61 -64.48
N SER B 45 32.72 49.31 -64.54
CA SER B 45 33.32 48.61 -63.41
C SER B 45 34.79 48.98 -63.27
N ALA B 46 35.33 48.77 -62.08
CA ALA B 46 36.73 49.04 -61.79
C ALA B 46 37.61 47.80 -61.86
N LEU B 47 37.02 46.63 -62.00
CA LEU B 47 37.76 45.37 -62.01
C LEU B 47 36.98 44.38 -62.85
N SER B 48 37.66 43.32 -63.29
CA SER B 48 36.99 42.28 -64.04
C SER B 48 36.07 41.48 -63.12
N GLU B 49 35.27 40.60 -63.72
CA GLU B 49 34.40 39.74 -62.93
C GLU B 49 35.23 38.93 -61.93
N LYS B 50 36.32 38.33 -62.39
CA LYS B 50 37.13 37.47 -61.53
C LYS B 50 37.78 38.27 -60.40
N GLU B 51 38.35 39.42 -60.73
CA GLU B 51 38.95 40.26 -59.70
C GLU B 51 37.93 40.66 -58.64
N ILE B 52 36.65 40.73 -59.01
CA ILE B 52 35.61 41.09 -58.06
C ILE B 52 35.26 39.90 -57.17
N LEU B 53 34.97 38.75 -57.78
CA LEU B 53 34.77 37.54 -56.98
C LEU B 53 35.90 37.38 -55.95
N GLU B 54 37.14 37.52 -56.40
CA GLU B 54 38.27 37.37 -55.48
C GLU B 54 38.24 38.42 -54.37
N LYS B 55 37.88 39.67 -54.71
CA LYS B 55 37.81 40.72 -53.70
C LYS B 55 36.81 40.36 -52.61
N TYR B 56 35.58 40.02 -53.00
CA TYR B 56 34.54 39.71 -52.02
C TYR B 56 34.89 38.45 -51.23
N GLN B 57 35.48 37.44 -51.89
CA GLN B 57 35.88 36.24 -51.16
C GLN B 57 36.86 36.56 -50.05
N ASN B 58 37.85 37.40 -50.32
CA ASN B 58 38.82 37.78 -49.30
C ASN B 58 38.14 38.51 -48.14
N ILE B 59 37.39 39.56 -48.44
CA ILE B 59 36.94 40.51 -47.42
C ILE B 59 35.63 40.03 -46.79
N TYR B 60 34.59 39.82 -47.60
CA TYR B 60 33.36 39.34 -46.98
C TYR B 60 33.56 37.94 -46.38
N GLY B 61 34.47 37.15 -46.95
CA GLY B 61 34.78 35.87 -46.35
C GLY B 61 35.54 35.99 -45.05
N ALA B 62 36.66 36.74 -45.06
CA ALA B 62 37.53 36.79 -43.90
C ALA B 62 36.85 37.40 -42.69
N ALA B 63 35.85 38.26 -42.90
CA ALA B 63 35.06 38.82 -41.82
C ALA B 63 33.75 38.08 -41.62
N ASP B 64 33.53 36.99 -42.35
CA ASP B 64 32.29 36.23 -42.28
C ASP B 64 31.09 37.17 -42.33
N VAL B 65 30.95 37.85 -43.46
CA VAL B 65 29.86 38.79 -43.68
C VAL B 65 28.60 38.04 -44.06
N LYS B 66 27.55 38.22 -43.28
CA LYS B 66 26.25 37.61 -43.56
C LYS B 66 25.17 38.49 -42.94
N GLY B 67 23.93 38.26 -43.35
CA GLY B 67 22.80 39.00 -42.82
C GLY B 67 22.79 40.47 -43.16
N LEU B 68 22.72 40.76 -44.46
CA LEU B 68 22.80 42.11 -44.98
C LEU B 68 21.40 42.66 -45.23
N GLU B 69 21.06 43.74 -44.55
CA GLU B 69 19.74 44.36 -44.65
C GLU B 69 19.92 45.79 -45.14
N ILE B 70 19.30 46.12 -46.26
CA ILE B 70 19.40 47.47 -46.82
C ILE B 70 18.07 48.17 -46.57
N SER B 71 18.09 49.48 -46.71
CA SER B 71 16.89 50.28 -46.51
C SER B 71 17.11 51.63 -47.17
N ASN B 72 16.03 52.39 -47.28
CA ASN B 72 16.10 53.76 -47.78
C ASN B 72 16.68 53.77 -49.19
N LEU B 73 16.38 52.74 -49.97
CA LEU B 73 16.91 52.63 -51.32
C LEU B 73 16.33 53.71 -52.21
N LYS B 74 17.22 54.32 -53.01
CA LYS B 74 16.87 55.40 -53.92
C LYS B 74 17.62 55.12 -55.22
N VAL B 75 16.90 55.20 -56.35
CA VAL B 75 17.48 54.96 -57.67
C VAL B 75 16.91 56.00 -58.62
N ASP B 76 17.78 56.87 -59.15
CA ASP B 76 17.35 58.01 -59.95
C ASP B 76 17.98 58.00 -61.33
N LYS B 77 17.25 58.55 -62.30
CA LYS B 77 17.81 58.76 -63.63
C LYS B 77 18.87 59.86 -63.58
N LYS B 78 20.03 59.59 -64.17
CA LYS B 78 21.10 60.55 -64.44
C LYS B 78 21.39 60.67 -65.92
N ASP B 79 21.48 59.54 -66.60
CA ASP B 79 21.67 59.45 -68.04
C ASP B 79 20.73 58.37 -68.53
N ASP B 80 20.44 58.37 -69.83
CA ASP B 80 19.49 57.38 -70.34
C ASP B 80 19.99 55.97 -70.08
N SER B 81 21.32 55.79 -70.02
CA SER B 81 21.94 54.48 -69.89
C SER B 81 22.70 54.33 -68.58
N THR B 82 22.44 55.20 -67.61
CA THR B 82 23.13 55.18 -66.32
C THR B 82 22.20 55.71 -65.24
N TYR B 83 21.96 54.91 -64.22
CA TYR B 83 21.15 55.27 -63.07
C TYR B 83 21.99 55.24 -61.81
N SER B 84 21.71 56.17 -60.90
CA SER B 84 22.44 56.33 -59.66
C SER B 84 21.63 55.73 -58.52
N PHE B 85 22.28 54.94 -57.67
CA PHE B 85 21.59 54.33 -56.54
C PHE B 85 22.28 54.71 -55.23
N SER B 86 21.54 54.60 -54.15
CA SER B 86 22.01 54.96 -52.82
C SER B 86 21.06 54.35 -51.80
N TYR B 87 21.62 53.76 -50.75
CA TYR B 87 20.82 53.14 -49.70
C TYR B 87 21.63 53.06 -48.42
N LYS B 88 20.93 52.83 -47.32
CA LYS B 88 21.53 52.52 -46.03
C LYS B 88 21.64 51.02 -45.86
N ALA B 89 22.54 50.60 -44.96
CA ALA B 89 22.80 49.17 -44.81
C ALA B 89 23.26 48.84 -43.39
N LYS B 90 22.98 47.59 -43.00
CA LYS B 90 23.52 46.98 -41.78
C LYS B 90 23.84 45.53 -42.09
N MET B 91 24.86 45.01 -41.39
CA MET B 91 25.33 43.66 -41.65
C MET B 91 25.88 43.03 -40.38
N ASN B 92 25.89 41.70 -40.36
CA ASN B 92 26.50 40.93 -39.29
C ASN B 92 27.89 40.50 -39.74
N THR B 93 28.90 40.83 -38.94
CA THR B 93 30.26 40.35 -39.16
C THR B 93 30.65 39.48 -37.97
N SER B 94 31.74 38.72 -38.14
CA SER B 94 32.21 37.84 -37.07
C SER B 94 32.56 38.59 -35.80
N LEU B 95 32.60 39.93 -35.83
CA LEU B 95 32.95 40.71 -34.64
C LEU B 95 31.82 41.60 -34.14
N GLY B 96 30.67 41.60 -34.76
CA GLY B 96 29.58 42.44 -34.33
C GLY B 96 28.74 42.86 -35.52
N GLU B 97 27.80 43.75 -35.24
CA GLU B 97 26.86 44.25 -36.22
C GLU B 97 27.30 45.63 -36.67
N LEU B 98 27.30 45.84 -37.99
CA LEU B 98 27.62 47.13 -38.57
C LEU B 98 26.31 47.82 -38.89
N LYS B 99 26.13 49.03 -38.34
CA LYS B 99 24.88 49.76 -38.38
C LYS B 99 25.08 51.11 -39.05
N ASP B 100 24.09 51.54 -39.83
CA ASP B 100 24.03 52.88 -40.40
C ASP B 100 25.16 53.16 -41.39
N LEU B 101 25.36 52.22 -42.31
CA LEU B 101 26.25 52.41 -43.45
C LEU B 101 25.51 53.13 -44.59
N SER B 102 26.29 53.82 -45.43
CA SER B 102 25.76 54.59 -46.57
C SER B 102 26.46 54.14 -47.85
N TYR B 103 25.75 53.42 -48.70
CA TYR B 103 26.28 52.93 -49.96
C TYR B 103 25.73 53.75 -51.13
N LYS B 104 26.56 53.94 -52.15
CA LYS B 104 26.19 54.69 -53.33
C LYS B 104 27.00 54.19 -54.52
N GLY B 105 26.39 54.26 -55.69
CA GLY B 105 27.02 53.77 -56.90
C GLY B 105 26.18 54.12 -58.10
N THR B 106 26.41 53.40 -59.20
CA THR B 106 25.66 53.66 -60.42
C THR B 106 25.42 52.35 -61.15
N LEU B 107 24.41 52.37 -62.01
CA LEU B 107 23.97 51.23 -62.79
C LEU B 107 24.14 51.55 -64.26
N ASP B 108 24.09 50.50 -65.08
CA ASP B 108 24.26 50.66 -66.52
C ASP B 108 23.08 49.99 -67.22
N ARG B 109 22.09 50.78 -67.63
CA ARG B 109 21.06 50.29 -68.52
C ARG B 109 21.66 50.23 -69.92
N ASN B 110 21.63 49.04 -70.54
CA ASN B 110 22.27 48.86 -71.84
C ASN B 110 21.67 47.62 -72.50
N ASP B 111 20.95 47.81 -73.60
CA ASP B 111 20.31 46.71 -74.31
C ASP B 111 19.34 45.96 -73.39
N GLY B 112 18.48 46.73 -72.73
CA GLY B 112 17.47 46.19 -71.84
C GLY B 112 17.98 45.33 -70.71
N LYS B 113 19.29 45.26 -70.49
CA LYS B 113 19.86 44.50 -69.38
C LYS B 113 20.59 45.46 -68.46
N THR B 114 20.34 45.36 -67.16
CA THR B 114 20.85 46.28 -66.16
C THR B 114 21.92 45.61 -65.31
N THR B 115 23.07 46.28 -65.16
CA THR B 115 24.19 45.77 -64.40
C THR B 115 24.80 46.90 -63.58
N ILE B 116 25.68 46.52 -62.65
CA ILE B 116 26.29 47.44 -61.68
C ILE B 116 27.68 47.86 -62.15
N ASN B 117 27.97 49.16 -62.03
CA ASN B 117 29.30 49.68 -62.32
C ASN B 117 30.14 49.54 -61.04
N TRP B 118 30.71 48.35 -60.87
CA TRP B 118 31.32 48.03 -59.59
C TRP B 118 32.51 48.95 -59.29
N GLN B 119 32.68 49.25 -57.99
CA GLN B 119 33.76 50.06 -57.47
C GLN B 119 34.03 49.56 -56.05
N PRO B 120 35.24 49.73 -55.53
CA PRO B 120 35.55 49.15 -54.21
C PRO B 120 34.61 49.62 -53.12
N ASN B 121 33.97 50.77 -53.27
CA ASN B 121 33.08 51.32 -52.26
C ASN B 121 31.71 50.64 -52.25
N LEU B 122 31.61 49.45 -52.84
CA LEU B 122 30.48 48.56 -52.66
C LEU B 122 30.84 47.37 -51.77
N VAL B 123 32.10 47.25 -51.35
CA VAL B 123 32.50 46.35 -50.28
C VAL B 123 32.15 47.02 -48.96
N PHE B 124 32.86 48.10 -48.64
CA PHE B 124 32.53 49.00 -47.55
C PHE B 124 32.54 50.42 -48.10
N PRO B 125 31.73 51.32 -47.52
CA PRO B 125 31.52 52.62 -48.17
C PRO B 125 32.79 53.42 -48.39
N GLU B 126 33.75 53.34 -47.47
CA GLU B 126 34.89 54.24 -47.47
C GLU B 126 36.07 53.73 -48.27
N MET B 127 35.94 52.62 -48.97
CA MET B 127 37.09 52.03 -49.64
C MET B 127 37.35 52.68 -50.99
N GLU B 128 38.64 52.70 -51.36
CA GLU B 128 39.10 53.32 -52.59
C GLU B 128 40.21 52.46 -53.18
N GLY B 129 40.41 52.58 -54.50
CA GLY B 129 41.52 51.95 -55.17
C GLY B 129 41.86 50.58 -54.62
N ASN B 130 43.08 50.44 -54.09
CA ASN B 130 43.52 49.19 -53.48
C ASN B 130 43.41 49.21 -51.97
N ASP B 131 42.44 49.94 -51.42
CA ASP B 131 42.22 49.85 -49.99
C ASP B 131 41.85 48.42 -49.64
N LYS B 132 42.24 47.98 -48.44
CA LYS B 132 42.02 46.61 -48.02
C LYS B 132 41.38 46.58 -46.63
N VAL B 133 41.24 45.39 -46.07
CA VAL B 133 40.62 45.23 -44.77
C VAL B 133 41.49 44.31 -43.92
N SER B 134 41.61 44.63 -42.64
CA SER B 134 42.36 43.82 -41.68
C SER B 134 41.41 43.36 -40.58
N LEU B 135 41.70 42.20 -40.00
CA LEU B 135 40.81 41.60 -39.01
C LEU B 135 41.68 40.98 -37.92
N THR B 136 41.67 41.58 -36.73
CA THR B 136 42.52 41.13 -35.63
C THR B 136 41.69 40.85 -34.38
N THR B 137 42.11 39.84 -33.62
CA THR B 137 41.45 39.45 -32.37
C THR B 137 42.50 39.18 -31.28
N GLN B 138 42.11 39.45 -30.03
CA GLN B 138 42.98 39.30 -28.87
C GLN B 138 42.25 38.48 -27.82
N GLU B 139 42.68 37.23 -27.65
CA GLU B 139 42.06 36.32 -26.69
C GLU B 139 42.28 36.79 -25.25
N ALA B 140 41.30 36.47 -24.40
CA ALA B 140 41.27 36.94 -23.03
C ALA B 140 41.92 35.97 -22.06
N THR B 141 42.16 36.49 -20.85
CA THR B 141 42.81 35.76 -19.76
C THR B 141 41.76 35.23 -18.79
N ARG B 142 41.82 33.93 -18.49
CA ARG B 142 40.81 33.32 -17.64
C ARG B 142 40.88 33.87 -16.22
N GLY B 143 39.71 34.14 -15.64
CA GLY B 143 39.61 34.64 -14.30
C GLY B 143 39.98 33.60 -13.26
N ASN B 144 39.90 34.03 -12.00
CA ASN B 144 40.31 33.21 -10.87
C ASN B 144 39.12 32.80 -10.00
N ILE B 145 39.29 31.66 -9.33
CA ILE B 145 38.41 31.24 -8.25
C ILE B 145 39.22 31.39 -6.96
N LEU B 146 38.69 32.16 -6.01
CA LEU B 146 39.41 32.53 -4.80
C LEU B 146 38.62 32.09 -3.57
N ASP B 147 39.35 31.77 -2.50
CA ASP B 147 38.73 31.45 -1.22
C ASP B 147 38.43 32.73 -0.45
N ARG B 148 37.81 32.59 0.74
CA ARG B 148 37.35 33.76 1.47
C ARG B 148 38.47 34.74 1.78
N ASN B 149 39.69 34.26 1.93
CA ASN B 149 40.79 35.15 2.27
C ASN B 149 41.57 35.56 1.05
N GLY B 150 41.04 35.31 -0.14
CA GLY B 150 41.70 35.68 -1.36
C GLY B 150 42.69 34.68 -1.89
N GLU B 151 43.10 33.71 -1.07
CA GLU B 151 44.00 32.68 -1.56
C GLU B 151 43.41 32.03 -2.81
N PRO B 152 44.22 31.62 -3.78
CA PRO B 152 43.67 31.13 -5.04
C PRO B 152 43.44 29.63 -5.02
N LEU B 153 42.27 29.22 -5.54
CA LEU B 153 41.94 27.80 -5.68
C LEU B 153 42.01 27.32 -7.12
N ALA B 154 41.71 28.19 -8.08
CA ALA B 154 41.96 27.92 -9.49
C ALA B 154 42.43 29.23 -10.11
N THR B 155 43.67 29.25 -10.59
CA THR B 155 44.26 30.46 -11.12
C THR B 155 45.07 30.13 -12.37
N THR B 156 45.40 31.18 -13.11
CA THR B 156 46.17 31.07 -14.35
C THR B 156 47.59 31.49 -14.02
N GLY B 157 48.56 30.57 -14.18
CA GLY B 157 49.90 30.83 -13.71
C GLY B 157 50.99 30.32 -14.64
N LYS B 158 52.22 30.65 -14.27
CA LYS B 158 53.40 30.20 -15.00
C LYS B 158 53.89 28.86 -14.46
N LEU B 159 54.07 27.89 -15.36
CA LEU B 159 54.42 26.54 -14.95
C LEU B 159 55.67 26.06 -15.66
N LYS B 160 56.52 25.35 -14.93
CA LYS B 160 57.80 24.85 -15.43
C LYS B 160 57.61 23.51 -16.15
N GLN B 161 57.21 23.57 -17.42
CA GLN B 161 57.13 22.34 -18.20
C GLN B 161 58.55 21.80 -18.37
N LEU B 162 58.77 20.55 -18.00
CA LEU B 162 60.12 19.99 -18.12
C LEU B 162 60.45 19.81 -19.60
N TYR B 206 63.30 22.07 -29.86
CA TYR B 206 62.52 20.87 -29.58
C TYR B 206 62.29 20.84 -28.09
N PHE B 207 61.22 20.20 -27.62
CA PHE B 207 61.01 20.21 -26.18
C PHE B 207 59.70 19.55 -25.74
N VAL B 208 59.72 18.76 -24.68
CA VAL B 208 58.60 17.93 -24.26
C VAL B 208 58.15 18.31 -22.87
N PRO B 209 56.86 18.54 -22.62
CA PRO B 209 56.41 18.79 -21.25
C PRO B 209 56.36 17.48 -20.45
N LEU B 210 56.68 17.58 -19.16
CA LEU B 210 56.68 16.41 -18.29
C LEU B 210 55.98 16.71 -16.97
N LYS B 211 56.73 17.06 -15.92
CA LYS B 211 56.12 17.35 -14.63
C LYS B 211 56.10 18.85 -14.37
N ILE B 212 55.19 19.27 -13.50
CA ILE B 212 55.10 20.66 -13.08
C ILE B 212 55.85 20.80 -11.75
N ALA B 224 68.39 18.44 -20.98
CA ALA B 224 67.46 18.79 -19.91
C ALA B 224 67.33 20.31 -19.79
N THR B 225 66.26 20.85 -20.34
CA THR B 225 65.96 22.27 -20.27
C THR B 225 64.52 22.39 -19.79
N ILE B 226 64.21 23.53 -19.17
CA ILE B 226 62.86 23.84 -18.73
C ILE B 226 62.52 25.26 -19.17
N GLN B 227 61.25 25.47 -19.50
CA GLN B 227 60.75 26.75 -19.97
C GLN B 227 59.48 27.13 -19.22
N GLU B 228 59.24 28.44 -19.12
CA GLU B 228 58.03 28.93 -18.48
C GLU B 228 56.85 28.83 -19.43
N VAL B 229 55.76 28.24 -18.95
CA VAL B 229 54.56 28.06 -19.74
C VAL B 229 53.39 28.65 -18.96
N ASP B 230 52.50 29.34 -19.67
CA ASP B 230 51.23 29.73 -19.08
C ASP B 230 50.31 28.51 -19.09
N GLY B 231 49.76 28.19 -17.92
CA GLY B 231 48.87 27.06 -17.80
C GLY B 231 47.89 27.34 -16.68
N ARG B 232 46.99 26.38 -16.47
CA ARG B 232 45.97 26.49 -15.43
C ARG B 232 46.37 25.60 -14.26
N TYR B 233 46.43 26.18 -13.07
CA TYR B 233 46.96 25.50 -11.91
C TYR B 233 45.95 25.55 -10.77
N TYR B 234 45.83 24.43 -10.06
CA TYR B 234 44.96 24.32 -8.89
C TYR B 234 45.82 24.03 -7.68
N PRO B 235 46.08 25.03 -6.83
CA PRO B 235 47.00 24.81 -5.70
C PRO B 235 46.63 23.62 -4.84
N LEU B 236 45.36 23.42 -4.52
CA LEU B 236 44.95 22.34 -3.65
C LEU B 236 44.78 21.00 -4.34
N GLY B 237 45.06 20.93 -5.64
CA GLY B 237 45.06 19.63 -6.30
C GLY B 237 43.79 18.87 -6.00
N GLU B 238 43.95 17.64 -5.50
CA GLU B 238 42.80 16.77 -5.30
C GLU B 238 41.97 17.16 -4.08
N ALA B 239 42.51 17.97 -3.17
CA ALA B 239 41.75 18.33 -1.97
C ALA B 239 40.50 19.14 -2.30
N ALA B 240 40.43 19.71 -3.49
CA ALA B 240 39.24 20.44 -3.90
C ALA B 240 38.87 20.16 -5.36
N ALA B 241 39.27 19.01 -5.88
CA ALA B 241 39.08 18.73 -7.30
C ALA B 241 37.61 18.60 -7.67
N GLN B 242 36.79 18.06 -6.77
CA GLN B 242 35.39 17.83 -7.10
C GLN B 242 34.57 19.12 -7.07
N LEU B 243 34.82 19.97 -6.07
CA LEU B 243 34.11 21.24 -5.98
C LEU B 243 34.54 22.18 -7.11
N ILE B 244 35.85 22.40 -7.23
CA ILE B 244 36.39 23.36 -8.19
C ILE B 244 36.31 22.81 -9.61
N GLY B 245 36.61 21.54 -9.79
CA GLY B 245 36.57 20.94 -11.10
C GLY B 245 37.90 21.08 -11.81
N TYR B 246 37.85 20.86 -13.12
CA TYR B 246 39.04 20.92 -13.96
C TYR B 246 38.60 21.35 -15.36
N VAL B 247 39.58 21.61 -16.21
CA VAL B 247 39.33 22.20 -17.52
C VAL B 247 40.13 21.51 -18.60
N GLY B 248 39.56 21.49 -19.82
CA GLY B 248 40.13 20.75 -20.91
C GLY B 248 40.24 21.59 -22.17
N ASP B 249 40.99 21.06 -23.13
CA ASP B 249 41.09 21.65 -24.45
C ASP B 249 39.70 21.99 -24.99
N ILE B 250 39.59 23.13 -25.68
CA ILE B 250 38.40 23.41 -26.46
C ILE B 250 38.45 22.59 -27.74
N THR B 251 37.37 21.90 -28.05
CA THR B 251 37.31 20.97 -29.16
C THR B 251 36.38 21.50 -30.26
N ALA B 252 36.55 20.92 -31.45
CA ALA B 252 35.70 21.29 -32.57
C ALA B 252 34.23 21.23 -32.17
N GLU B 253 33.84 20.20 -31.42
CA GLU B 253 32.47 20.06 -30.97
C GLU B 253 32.04 21.20 -30.05
N ASP B 254 32.89 21.59 -29.10
CA ASP B 254 32.53 22.67 -28.18
C ASP B 254 32.18 23.95 -28.93
N ILE B 255 32.87 24.22 -30.05
CA ILE B 255 32.57 25.44 -30.80
C ILE B 255 31.24 25.29 -31.54
N ASP B 256 30.89 24.07 -31.96
CA ASP B 256 29.54 23.86 -32.49
C ASP B 256 28.48 24.22 -31.45
N LYS B 257 28.60 23.67 -30.24
CA LYS B 257 27.67 24.02 -29.16
C LYS B 257 27.72 25.51 -28.87
N ASN B 258 28.83 26.16 -29.17
CA ASN B 258 29.04 27.57 -28.85
C ASN B 258 30.08 28.14 -29.81
N PRO B 259 29.67 28.70 -30.94
CA PRO B 259 30.65 29.16 -31.93
C PRO B 259 31.35 30.45 -31.53
N GLU B 260 31.00 31.03 -30.38
CA GLU B 260 31.72 32.19 -29.85
C GLU B 260 33.04 31.83 -29.20
N LEU B 261 33.37 30.55 -29.06
CA LEU B 261 34.61 30.17 -28.39
C LEU B 261 35.78 30.21 -29.35
N SER B 262 36.94 30.61 -28.84
CA SER B 262 38.18 30.56 -29.60
C SER B 262 38.85 29.22 -29.36
N SER B 263 39.55 28.73 -30.38
CA SER B 263 40.16 27.41 -30.31
C SER B 263 41.27 27.29 -29.28
N ASN B 264 41.72 28.41 -28.69
CA ASN B 264 42.97 28.40 -27.94
C ASN B 264 42.77 28.48 -26.44
N GLY B 265 41.57 28.80 -25.96
CA GLY B 265 41.32 28.79 -24.54
C GLY B 265 41.13 27.39 -24.01
N LYS B 266 40.81 27.32 -22.72
CA LYS B 266 40.34 26.11 -22.07
C LYS B 266 38.87 26.32 -21.69
N ILE B 267 38.18 25.23 -21.37
CA ILE B 267 36.76 25.32 -21.01
C ILE B 267 36.53 24.40 -19.81
N GLY B 268 35.69 24.86 -18.89
CA GLY B 268 35.40 24.08 -17.69
C GLY B 268 34.59 22.83 -17.99
N ARG B 269 35.02 21.71 -17.39
CA ARG B 269 34.35 20.43 -17.61
C ARG B 269 33.54 19.96 -16.41
N SER B 270 33.82 20.46 -15.21
CA SER B 270 33.08 20.03 -14.04
C SER B 270 33.26 21.06 -12.93
N GLY B 271 32.44 20.91 -11.89
CA GLY B 271 32.51 21.80 -10.76
C GLY B 271 32.32 23.25 -11.15
N LEU B 272 32.90 24.13 -10.34
CA LEU B 272 32.70 25.57 -10.51
C LEU B 272 33.39 26.09 -11.77
N GLU B 273 34.51 25.48 -12.15
CA GLU B 273 35.17 25.87 -13.40
C GLU B 273 34.18 25.88 -14.55
N MET B 274 33.38 24.81 -14.66
CA MET B 274 32.39 24.71 -15.73
C MET B 274 31.13 25.51 -15.40
N ALA B 275 30.71 25.49 -14.13
CA ALA B 275 29.48 26.17 -13.74
C ALA B 275 29.58 27.68 -13.92
N PHE B 276 30.78 28.24 -13.80
CA PHE B 276 31.03 29.66 -13.94
C PHE B 276 31.88 29.97 -15.17
N ASP B 277 31.86 29.07 -16.16
CA ASP B 277 32.79 29.19 -17.28
C ASP B 277 32.58 30.50 -18.03
N LYS B 278 31.33 30.96 -18.14
CA LYS B 278 31.03 32.19 -18.88
C LYS B 278 31.76 33.37 -18.24
N ASP B 279 31.52 33.59 -16.94
CA ASP B 279 32.18 34.69 -16.24
C ASP B 279 33.70 34.61 -16.36
N LEU B 280 34.24 33.41 -16.11
CA LEU B 280 35.68 33.24 -15.99
C LEU B 280 36.42 33.41 -17.30
N ARG B 281 35.79 33.06 -18.42
CA ARG B 281 36.48 33.03 -19.71
C ARG B 281 36.53 34.38 -20.39
N GLY B 282 35.76 35.36 -19.92
CA GLY B 282 35.84 36.68 -20.47
C GLY B 282 35.23 36.72 -21.87
N THR B 283 35.47 37.83 -22.55
CA THR B 283 34.99 38.03 -23.91
C THR B 283 36.17 38.37 -24.80
N THR B 284 36.26 37.74 -25.96
CA THR B 284 37.36 38.02 -26.87
C THR B 284 37.19 39.41 -27.50
N GLY B 285 38.30 40.12 -27.64
CA GLY B 285 38.33 41.38 -28.33
C GLY B 285 38.84 41.24 -29.75
N GLY B 286 38.53 42.25 -30.56
CA GLY B 286 38.91 42.24 -31.98
C GLY B 286 38.68 43.60 -32.60
N LYS B 287 39.23 43.78 -33.80
CA LYS B 287 39.23 45.10 -34.43
C LYS B 287 39.16 44.93 -35.94
N LEU B 288 38.12 45.52 -36.54
CA LEU B 288 37.90 45.48 -37.98
C LEU B 288 38.22 46.86 -38.55
N SER B 289 39.19 46.91 -39.45
CA SER B 289 39.71 48.18 -39.94
C SER B 289 39.73 48.20 -41.47
N ILE B 290 39.58 49.40 -42.02
CA ILE B 290 39.83 49.66 -43.43
C ILE B 290 41.22 50.27 -43.53
N THR B 291 42.06 49.71 -44.39
CA THR B 291 43.45 50.13 -44.50
C THR B 291 43.74 50.49 -45.96
N ASP B 292 44.78 51.29 -46.16
CA ASP B 292 45.30 51.47 -47.50
C ASP B 292 45.91 50.14 -47.94
N THR B 293 46.61 50.14 -49.07
CA THR B 293 47.16 48.88 -49.56
C THR B 293 48.36 48.39 -48.75
N ASP B 294 48.75 49.10 -47.68
CA ASP B 294 49.91 48.73 -46.89
C ASP B 294 49.56 48.53 -45.42
N GLY B 295 48.29 48.30 -45.12
CA GLY B 295 47.89 48.07 -43.74
C GLY B 295 47.95 49.29 -42.86
N VAL B 296 47.88 50.48 -43.45
CA VAL B 296 47.87 51.72 -42.68
C VAL B 296 46.41 52.08 -42.43
N GLU B 297 46.00 52.07 -41.17
CA GLU B 297 44.59 52.15 -40.84
C GLU B 297 44.01 53.49 -41.26
N LYS B 298 42.92 53.42 -42.01
CA LYS B 298 42.25 54.56 -42.63
C LYS B 298 40.87 54.82 -42.06
N LYS B 299 40.12 53.77 -41.79
CA LYS B 299 38.87 53.85 -41.04
C LYS B 299 38.72 52.57 -40.22
N VAL B 300 38.46 52.72 -38.93
CA VAL B 300 38.21 51.60 -38.04
C VAL B 300 36.71 51.35 -38.00
N LEU B 301 36.31 50.13 -38.35
CA LEU B 301 34.90 49.75 -38.39
C LEU B 301 34.38 49.23 -37.06
N ILE B 302 35.18 48.43 -36.35
CA ILE B 302 34.78 47.85 -35.08
C ILE B 302 36.01 47.76 -34.20
N GLU B 303 35.84 48.04 -32.91
CA GLU B 303 36.90 47.79 -31.94
C GLU B 303 36.22 47.39 -30.63
N HIS B 304 36.30 46.10 -30.30
CA HIS B 304 35.79 45.56 -29.03
C HIS B 304 37.01 45.18 -28.20
N GLU B 305 37.39 46.04 -27.27
CA GLU B 305 38.55 45.73 -26.45
C GLU B 305 38.29 44.47 -25.64
N VAL B 306 39.30 43.60 -25.57
CA VAL B 306 39.19 42.38 -24.80
C VAL B 306 38.67 42.70 -23.40
N GLN B 307 37.84 41.82 -22.87
CA GLN B 307 37.43 41.87 -21.47
C GLN B 307 37.86 40.55 -20.82
N ASN B 308 38.82 40.65 -19.91
CA ASN B 308 39.37 39.49 -19.23
C ASN B 308 38.32 38.87 -18.32
N GLY B 309 38.67 37.73 -17.72
CA GLY B 309 37.71 36.99 -16.94
C GLY B 309 37.52 37.55 -15.54
N LYS B 310 36.31 37.43 -15.03
CA LYS B 310 36.01 37.90 -13.70
C LYS B 310 36.59 36.95 -12.65
N ASP B 311 37.08 37.52 -11.56
CA ASP B 311 37.44 36.71 -10.41
C ASP B 311 36.18 36.32 -9.66
N ILE B 312 36.27 35.21 -8.92
CA ILE B 312 35.15 34.72 -8.12
C ILE B 312 35.66 34.40 -6.72
N LYS B 313 35.09 35.04 -5.72
CA LYS B 313 35.48 34.84 -4.33
C LYS B 313 34.44 33.95 -3.67
N LEU B 314 34.90 32.85 -3.09
CA LEU B 314 34.03 31.86 -2.47
C LEU B 314 34.05 32.03 -0.95
N THR B 315 33.22 31.23 -0.27
CA THR B 315 33.27 31.14 1.18
C THR B 315 34.35 30.18 1.64
N ILE B 316 34.82 29.29 0.75
CA ILE B 316 35.81 28.28 1.07
C ILE B 316 36.95 28.91 1.85
N ASP B 317 37.54 28.13 2.77
CA ASP B 317 38.71 28.51 3.53
C ASP B 317 39.77 27.44 3.27
N ALA B 318 40.75 27.76 2.43
CA ALA B 318 41.58 26.72 1.83
C ALA B 318 42.30 25.87 2.87
N LYS B 319 42.59 26.42 4.06
CA LYS B 319 43.21 25.58 5.09
C LYS B 319 42.23 24.56 5.63
N ALA B 320 41.00 24.98 5.91
CA ALA B 320 39.96 24.01 6.28
C ALA B 320 39.81 22.95 5.20
N GLN B 321 39.92 23.35 3.93
CA GLN B 321 39.72 22.42 2.83
C GLN B 321 40.81 21.36 2.78
N LYS B 322 42.09 21.79 2.81
CA LYS B 322 43.18 20.84 2.75
C LYS B 322 43.22 19.95 3.99
N THR B 323 42.84 20.49 5.15
CA THR B 323 42.79 19.67 6.36
C THR B 323 41.59 18.72 6.31
N ALA B 324 40.41 19.24 5.97
CA ALA B 324 39.21 18.42 5.99
C ALA B 324 39.32 17.23 5.03
N PHE B 325 39.93 17.46 3.86
CA PHE B 325 40.13 16.37 2.91
C PHE B 325 41.19 15.40 3.43
N ASP B 326 42.36 15.91 3.83
CA ASP B 326 43.41 15.03 4.33
C ASP B 326 42.93 14.19 5.51
N SER B 327 41.98 14.71 6.30
CA SER B 327 41.53 13.98 7.48
C SER B 327 40.87 12.67 7.09
N LEU B 328 40.30 12.59 5.89
CA LEU B 328 39.71 11.35 5.39
C LEU B 328 40.75 10.34 4.91
N GLY B 329 42.04 10.71 4.90
CA GLY B 329 43.10 9.79 4.61
C GLY B 329 42.93 8.91 3.39
N GLY B 330 42.15 9.37 2.42
CA GLY B 330 41.96 8.64 1.18
C GLY B 330 40.85 7.62 1.20
N LYS B 331 40.26 7.33 2.36
CA LYS B 331 39.06 6.51 2.42
C LYS B 331 37.87 7.28 1.86
N ALA B 332 36.87 6.54 1.38
CA ALA B 332 35.65 7.15 0.87
C ALA B 332 34.90 7.87 1.98
N GLY B 333 34.55 9.12 1.73
CA GLY B 333 33.87 9.92 2.74
C GLY B 333 33.73 11.35 2.30
N SER B 334 33.44 12.22 3.26
CA SER B 334 33.18 13.63 2.99
C SER B 334 33.13 14.38 4.31
N THR B 335 33.55 15.65 4.26
CA THR B 335 33.47 16.60 5.35
C THR B 335 32.84 17.88 4.81
N VAL B 336 32.08 18.56 5.66
CA VAL B 336 31.43 19.82 5.31
C VAL B 336 31.40 20.70 6.55
N ALA B 337 31.93 21.92 6.45
CA ALA B 337 31.97 22.86 7.56
C ALA B 337 31.30 24.17 7.18
N THR B 338 30.55 24.74 8.12
CA THR B 338 29.81 25.98 7.88
C THR B 338 29.89 26.86 9.12
N THR B 339 29.92 28.19 8.90
CA THR B 339 29.69 29.10 10.02
C THR B 339 28.17 29.23 10.12
N PRO B 340 27.53 28.53 11.04
CA PRO B 340 26.07 28.35 10.92
C PRO B 340 25.27 29.63 11.03
N LYS B 341 25.77 30.66 11.71
CA LYS B 341 24.99 31.90 11.84
C LYS B 341 24.93 32.71 10.55
N THR B 342 25.65 32.30 9.50
CA THR B 342 25.57 32.96 8.19
C THR B 342 25.49 32.02 7.00
N GLY B 343 25.86 30.75 7.13
CA GLY B 343 25.75 29.81 6.03
C GLY B 343 27.03 29.59 5.26
N ASP B 344 28.05 30.40 5.51
CA ASP B 344 29.31 30.28 4.78
C ASP B 344 29.80 28.83 4.79
N LEU B 345 30.06 28.30 3.59
CA LEU B 345 30.62 26.95 3.45
C LEU B 345 32.14 27.06 3.47
N LEU B 346 32.75 26.62 4.57
CA LEU B 346 34.19 26.74 4.74
C LEU B 346 34.94 25.60 4.07
N ALA B 347 34.28 24.48 3.82
CA ALA B 347 34.94 23.33 3.23
C ALA B 347 33.90 22.35 2.70
N LEU B 348 34.16 21.82 1.51
CA LEU B 348 33.36 20.76 0.90
C LEU B 348 34.36 19.71 0.42
N ALA B 349 34.79 18.84 1.31
CA ALA B 349 35.78 17.83 0.98
C ALA B 349 35.07 16.56 0.55
N SER B 350 35.64 15.88 -0.43
CA SER B 350 35.15 14.58 -0.87
C SER B 350 36.34 13.70 -1.19
N SER B 351 36.26 12.43 -0.79
CA SER B 351 37.35 11.47 -0.96
C SER B 351 36.72 10.14 -1.36
N PRO B 352 37.39 9.36 -2.23
CA PRO B 352 38.69 9.67 -2.82
C PRO B 352 38.57 10.74 -3.90
N SER B 353 39.68 11.13 -4.51
CA SER B 353 39.71 12.30 -5.38
C SER B 353 40.71 12.09 -6.50
N TYR B 354 40.83 13.08 -7.36
CA TYR B 354 41.70 13.01 -8.52
C TYR B 354 42.54 14.27 -8.63
N ASP B 355 43.56 14.22 -9.49
CA ASP B 355 44.47 15.32 -9.70
C ASP B 355 43.95 16.25 -10.78
N PRO B 356 43.33 17.39 -10.41
CA PRO B 356 42.81 18.28 -11.44
C PRO B 356 43.90 18.90 -12.29
N ASN B 357 45.14 18.93 -11.82
CA ASN B 357 46.24 19.47 -12.59
C ASN B 357 46.67 18.50 -13.68
N LYS B 358 46.76 17.21 -13.37
CA LYS B 358 47.07 16.22 -14.39
C LYS B 358 46.02 16.20 -15.49
N MET B 359 44.75 16.30 -15.12
CA MET B 359 43.69 16.30 -16.13
C MET B 359 43.83 17.50 -17.06
N THR B 360 44.11 18.67 -16.49
CA THR B 360 44.18 19.89 -17.27
C THR B 360 45.45 19.98 -18.10
N ASN B 361 46.59 19.58 -17.52
CA ASN B 361 47.89 19.87 -18.11
C ASN B 361 48.67 18.65 -18.59
N GLY B 362 48.10 17.44 -18.51
CA GLY B 362 48.78 16.25 -19.00
C GLY B 362 48.74 15.08 -18.05
N ILE B 363 48.23 13.94 -18.50
CA ILE B 363 48.06 12.78 -17.63
C ILE B 363 48.32 11.50 -18.41
N SER B 364 49.17 10.63 -17.86
CA SER B 364 49.39 9.34 -18.49
C SER B 364 48.07 8.62 -18.69
N GLN B 365 48.00 7.79 -19.73
CA GLN B 365 46.83 6.93 -19.88
C GLN B 365 46.75 5.94 -18.72
N GLU B 366 47.81 5.83 -17.92
CA GLU B 366 47.82 4.92 -16.78
C GLU B 366 47.12 5.58 -15.58
N ASP B 367 47.66 6.72 -15.13
CA ASP B 367 46.99 7.49 -14.08
C ASP B 367 45.55 7.80 -14.45
N TYR B 368 45.24 7.83 -15.75
CA TYR B 368 43.90 8.18 -16.24
C TYR B 368 42.95 7.01 -16.09
N LYS B 369 43.30 5.85 -16.66
CA LYS B 369 42.50 4.64 -16.48
C LYS B 369 42.29 4.30 -15.02
N ALA B 370 43.23 4.71 -14.15
CA ALA B 370 43.08 4.45 -12.73
C ALA B 370 41.79 5.08 -12.19
N TYR B 371 41.66 6.40 -12.32
CA TYR B 371 40.48 7.07 -11.78
C TYR B 371 39.20 6.46 -12.35
N GLU B 372 39.20 6.18 -13.65
CA GLU B 372 37.98 5.76 -14.33
C GLU B 372 37.53 4.38 -13.87
N GLU B 373 38.47 3.50 -13.52
CA GLU B 373 38.14 2.13 -13.14
C GLU B 373 38.15 1.89 -11.64
N ASN B 374 38.56 2.87 -10.84
CA ASN B 374 38.43 2.78 -9.40
C ASN B 374 36.95 2.71 -9.01
N PRO B 375 36.49 1.65 -8.34
CA PRO B 375 35.06 1.56 -8.01
C PRO B 375 34.61 2.48 -6.88
N GLU B 376 35.53 3.13 -6.16
CA GLU B 376 35.13 4.10 -5.14
C GLU B 376 34.83 5.47 -5.74
N GLN B 377 34.94 5.63 -7.06
CA GLN B 377 34.42 6.79 -7.77
C GLN B 377 34.95 8.09 -7.18
N PRO B 378 36.18 8.48 -7.50
CA PRO B 378 36.69 9.76 -6.98
C PRO B 378 36.00 10.99 -7.55
N PHE B 379 35.52 10.94 -8.80
CA PHE B 379 34.95 12.11 -9.44
C PHE B 379 33.62 12.56 -8.82
N ILE B 380 33.10 11.81 -7.85
CA ILE B 380 31.79 12.10 -7.28
C ILE B 380 31.94 13.20 -6.24
N SER B 381 31.06 14.20 -6.29
CA SER B 381 31.00 15.23 -5.26
C SER B 381 30.11 14.70 -4.14
N ARG B 382 30.72 13.89 -3.26
CA ARG B 382 29.96 13.23 -2.21
C ARG B 382 29.25 14.23 -1.31
N PHE B 383 29.85 15.41 -1.09
CA PHE B 383 29.20 16.43 -0.29
C PHE B 383 27.90 16.91 -0.91
N ALA B 384 27.58 16.48 -2.12
CA ALA B 384 26.29 16.71 -2.74
C ALA B 384 25.50 15.42 -2.96
N THR B 385 26.09 14.26 -2.67
CA THR B 385 25.38 13.00 -2.73
C THR B 385 24.39 12.93 -1.57
N GLY B 386 23.17 12.49 -1.86
CA GLY B 386 22.17 12.34 -0.82
C GLY B 386 22.34 11.02 -0.10
N TYR B 387 22.39 11.09 1.23
CA TYR B 387 22.54 9.90 2.06
C TYR B 387 21.43 9.84 3.09
N ALA B 388 21.34 8.70 3.76
CA ALA B 388 20.46 8.56 4.91
C ALA B 388 21.20 9.07 6.15
N PRO B 389 20.70 10.12 6.80
CA PRO B 389 21.54 10.85 7.77
C PRO B 389 22.00 9.99 8.94
N GLY B 390 21.23 8.96 9.27
CA GLY B 390 21.59 8.10 10.39
C GLY B 390 21.24 8.74 11.71
N SER B 391 21.69 8.07 12.79
CA SER B 391 21.35 8.42 14.15
C SER B 391 21.43 9.92 14.43
N THR B 392 22.36 10.60 13.75
CA THR B 392 22.47 12.04 13.92
C THR B 392 21.12 12.73 13.77
N PHE B 393 20.23 12.17 12.93
CA PHE B 393 18.95 12.80 12.68
C PHE B 393 18.10 12.87 13.94
N LYS B 394 18.39 11.99 14.92
CA LYS B 394 17.56 11.92 16.12
C LYS B 394 17.39 13.29 16.76
N MET B 395 18.35 14.20 16.59
CA MET B 395 18.21 15.53 17.18
C MET B 395 17.12 16.36 16.50
N ILE B 396 16.71 16.00 15.29
CA ILE B 396 15.56 16.66 14.67
C ILE B 396 14.27 16.09 15.21
N THR B 397 14.08 14.77 15.04
CA THR B 397 12.93 14.07 15.59
C THR B 397 12.63 14.53 17.01
N ALA B 398 13.65 14.61 17.85
CA ALA B 398 13.48 15.11 19.21
C ALA B 398 12.93 16.52 19.21
N ALA B 399 13.52 17.42 18.41
CA ALA B 399 13.09 18.81 18.43
C ALA B 399 11.64 18.95 18.03
N ILE B 400 11.13 18.03 17.21
CA ILE B 400 9.72 18.04 16.84
C ILE B 400 8.87 17.57 18.02
N GLY B 401 9.14 16.39 18.53
CA GLY B 401 8.47 15.88 19.70
C GLY B 401 8.35 16.90 20.81
N LEU B 402 9.45 17.60 21.07
CA LEU B 402 9.44 18.63 22.09
C LEU B 402 8.52 19.78 21.70
N ASP B 403 8.48 20.12 20.41
CA ASP B 403 7.70 21.26 19.96
C ASP B 403 6.21 20.99 20.10
N ASN B 404 5.77 19.77 19.80
CA ASN B 404 4.35 19.46 19.76
C ASN B 404 3.85 18.78 21.04
N GLY B 405 4.65 18.78 22.11
CA GLY B 405 4.25 18.26 23.39
C GLY B 405 4.45 16.77 23.59
N THR B 406 4.61 16.04 22.49
CA THR B 406 4.70 14.58 22.55
C THR B 406 5.72 14.09 23.57
N ILE B 407 6.90 14.69 23.58
CA ILE B 407 8.03 14.18 24.35
C ILE B 407 8.13 14.96 25.66
N ASP B 408 8.12 14.24 26.78
CA ASP B 408 8.46 14.81 28.07
C ASP B 408 9.91 14.50 28.35
N PRO B 409 10.82 15.48 28.41
CA PRO B 409 12.23 15.18 28.66
C PRO B 409 12.45 14.25 29.85
N ASN B 410 11.66 14.39 30.90
CA ASN B 410 11.90 13.66 32.13
C ASN B 410 11.26 12.28 32.13
N GLU B 411 10.21 12.09 31.33
CA GLU B 411 9.57 10.80 31.18
C GLU B 411 10.59 9.71 30.87
N VAL B 412 10.61 8.68 31.71
CA VAL B 412 11.58 7.60 31.59
C VAL B 412 10.92 6.41 30.93
N LEU B 413 11.38 6.03 29.75
CA LEU B 413 10.96 4.76 29.18
C LEU B 413 11.78 3.63 29.79
N THR B 414 11.18 2.44 29.82
CA THR B 414 11.83 1.24 30.33
C THR B 414 11.99 0.29 29.17
N ILE B 415 13.24 -0.03 28.84
CA ILE B 415 13.59 -0.70 27.59
C ILE B 415 14.50 -1.87 27.95
N ASN B 416 14.06 -3.07 27.60
CA ASN B 416 14.76 -4.29 28.00
C ASN B 416 15.35 -4.94 26.76
N GLY B 417 16.64 -5.22 26.82
CA GLY B 417 17.33 -5.85 25.73
C GLY B 417 17.69 -4.87 24.63
N LEU B 418 18.18 -5.44 23.55
CA LEU B 418 18.66 -4.69 22.39
C LEU B 418 17.64 -4.65 21.26
N LYS B 419 16.65 -5.54 21.26
CA LYS B 419 15.65 -5.60 20.21
C LYS B 419 14.30 -5.09 20.69
N TRP B 420 13.42 -4.79 19.73
CA TRP B 420 12.10 -4.25 20.04
C TRP B 420 11.25 -4.24 18.78
N GLN B 421 9.92 -4.32 18.99
CA GLN B 421 8.94 -4.03 17.95
C GLN B 421 7.59 -3.76 18.62
N LYS B 422 6.71 -3.12 17.86
CA LYS B 422 5.42 -2.68 18.40
C LYS B 422 4.54 -3.88 18.77
N ASP B 423 4.52 -4.91 17.94
CA ASP B 423 3.76 -6.13 18.18
C ASP B 423 4.26 -7.18 17.19
N SER B 424 3.74 -8.40 17.33
CA SER B 424 4.24 -9.50 16.51
C SER B 424 3.93 -9.32 15.03
N SER B 425 3.01 -8.42 14.67
CA SER B 425 2.62 -8.21 13.28
C SER B 425 3.67 -7.43 12.50
N TRP B 426 4.82 -7.12 13.10
CA TRP B 426 5.96 -6.59 12.37
C TRP B 426 6.90 -7.69 11.89
N GLY B 427 6.41 -8.93 11.82
CA GLY B 427 7.22 -10.04 11.37
C GLY B 427 8.62 -10.04 11.95
N SER B 428 9.60 -9.74 11.12
CA SER B 428 11.00 -9.77 11.50
C SER B 428 11.63 -8.38 11.60
N TYR B 429 10.84 -7.32 11.55
CA TYR B 429 11.35 -5.96 11.58
C TYR B 429 11.56 -5.51 13.02
N GLN B 430 12.82 -5.43 13.44
CA GLN B 430 13.18 -5.08 14.81
C GLN B 430 13.96 -3.77 14.85
N VAL B 431 13.61 -2.91 15.81
CA VAL B 431 14.42 -1.75 16.15
C VAL B 431 15.48 -2.25 17.13
N THR B 432 16.75 -2.15 16.74
CA THR B 432 17.83 -2.70 17.55
C THR B 432 18.77 -1.60 18.00
N ARG B 433 19.34 -1.80 19.18
CA ARG B 433 20.37 -0.93 19.74
C ARG B 433 21.57 -1.76 20.12
N VAL B 434 22.56 -1.10 20.72
CA VAL B 434 23.81 -1.73 21.09
C VAL B 434 24.11 -1.61 22.58
N SER B 435 23.44 -0.73 23.34
CA SER B 435 23.66 -0.60 24.78
C SER B 435 22.39 -0.86 25.58
N ASP B 436 22.41 -1.92 26.39
CA ASP B 436 21.20 -2.32 27.13
C ASP B 436 20.93 -1.45 28.38
N VAL B 437 20.79 -0.14 28.15
CA VAL B 437 20.29 0.70 29.24
C VAL B 437 18.80 0.44 29.45
N SER B 438 18.39 0.25 30.70
CA SER B 438 17.03 -0.12 31.04
C SER B 438 16.18 1.08 31.49
N HIS B 439 16.79 2.22 31.73
CA HIS B 439 16.07 3.47 32.02
C HIS B 439 16.53 4.58 31.08
N VAL B 440 15.72 4.88 30.09
CA VAL B 440 16.11 5.77 29.00
C VAL B 440 15.17 6.97 29.06
N ASP B 441 15.73 8.14 29.35
CA ASP B 441 15.11 9.43 29.10
C ASP B 441 15.81 10.12 27.94
N LEU B 442 15.25 11.24 27.49
CA LEU B 442 15.78 11.93 26.33
C LEU B 442 17.28 12.13 26.40
N LYS B 443 17.76 12.76 27.49
CA LYS B 443 19.19 12.97 27.63
C LYS B 443 19.94 11.65 27.44
N THR B 444 19.48 10.60 28.13
CA THR B 444 20.13 9.30 27.99
C THR B 444 20.01 8.77 26.56
N ALA B 445 18.92 9.08 25.86
CA ALA B 445 18.75 8.60 24.50
C ALA B 445 19.83 9.14 23.57
N LEU B 446 20.15 10.43 23.69
CA LEU B 446 21.13 11.06 22.83
C LEU B 446 22.56 10.70 23.24
N ILE B 447 22.80 10.52 24.55
CA ILE B 447 24.15 10.20 25.01
C ILE B 447 24.57 8.82 24.51
N TYR B 448 23.62 7.88 24.43
CA TYR B 448 23.92 6.51 24.02
C TYR B 448 23.49 6.19 22.59
N SER B 449 22.73 7.07 21.94
CA SER B 449 22.14 6.82 20.63
C SER B 449 21.19 5.62 20.67
N ASP B 450 20.11 5.80 21.41
CA ASP B 450 19.13 4.74 21.63
C ASP B 450 18.07 4.83 20.54
N ASN B 451 18.25 4.05 19.48
CA ASN B 451 17.24 3.97 18.43
C ASN B 451 15.86 3.69 19.00
N ILE B 452 15.78 2.76 19.96
CA ILE B 452 14.48 2.29 20.44
C ILE B 452 13.70 3.44 21.06
N TYR B 453 14.31 4.14 22.02
CA TYR B 453 13.66 5.30 22.60
C TYR B 453 13.08 6.20 21.52
N MET B 454 13.86 6.43 20.46
CA MET B 454 13.39 7.32 19.39
C MET B 454 12.30 6.65 18.56
N ALA B 455 12.48 5.38 18.22
CA ALA B 455 11.45 4.64 17.49
C ALA B 455 10.11 4.72 18.19
N GLN B 456 10.11 4.67 19.53
CA GLN B 456 8.85 4.69 20.26
C GLN B 456 8.26 6.10 20.30
N GLU B 457 9.02 7.07 20.83
CA GLU B 457 8.55 8.44 20.90
C GLU B 457 8.14 8.98 19.55
N THR B 458 8.64 8.39 18.45
CA THR B 458 8.17 8.77 17.13
C THR B 458 6.75 8.26 16.91
N LEU B 459 6.56 6.95 17.04
CA LEU B 459 5.22 6.39 16.91
C LEU B 459 4.23 7.08 17.85
N LYS B 460 4.69 7.45 19.05
CA LYS B 460 3.83 8.18 19.98
C LYS B 460 3.28 9.48 19.39
N MET B 461 4.00 10.10 18.45
CA MET B 461 3.55 11.36 17.87
C MET B 461 2.83 11.17 16.54
N GLY B 462 3.20 10.15 15.79
CA GLY B 462 2.44 9.76 14.62
C GLY B 462 2.73 10.60 13.40
N GLU B 463 2.60 9.96 12.23
CA GLU B 463 3.00 10.60 10.99
C GLU B 463 2.60 12.07 10.87
N LYS B 464 1.34 12.39 11.19
CA LYS B 464 0.87 13.75 10.93
C LYS B 464 1.74 14.78 11.64
N ASN B 465 1.97 14.59 12.94
CA ASN B 465 2.73 15.56 13.72
C ASN B 465 4.22 15.45 13.45
N PHE B 466 4.71 14.29 13.00
CA PHE B 466 6.10 14.17 12.59
C PHE B 466 6.33 14.96 11.31
N ARG B 467 5.46 14.78 10.31
CA ARG B 467 5.60 15.52 9.06
C ARG B 467 5.35 17.01 9.27
N ALA B 468 4.41 17.37 10.15
CA ALA B 468 4.18 18.78 10.45
C ALA B 468 5.46 19.48 10.86
N GLY B 469 6.36 18.78 11.55
CA GLY B 469 7.63 19.35 11.97
C GLY B 469 8.66 19.32 10.88
N LEU B 470 8.79 18.17 10.21
CA LEU B 470 9.73 18.05 9.09
C LEU B 470 9.46 19.10 8.02
N ASP B 471 8.18 19.30 7.65
CA ASP B 471 7.85 20.22 6.56
C ASP B 471 8.25 21.66 6.85
N LYS B 472 8.57 22.01 8.10
CA LYS B 472 9.11 23.33 8.42
C LYS B 472 10.59 23.46 8.07
N PHE B 473 11.20 22.43 7.51
CA PHE B 473 12.62 22.46 7.18
C PHE B 473 12.81 22.76 5.70
N ILE B 474 13.73 22.08 5.03
CA ILE B 474 14.07 22.41 3.66
C ILE B 474 13.88 21.22 2.73
N PHE B 475 13.11 20.24 3.17
CA PHE B 475 12.79 19.11 2.30
C PHE B 475 12.11 19.60 1.04
N GLY B 476 12.49 19.01 -0.09
CA GLY B 476 11.98 19.41 -1.38
C GLY B 476 12.67 20.62 -1.95
N GLU B 477 12.94 21.61 -1.09
CA GLU B 477 13.54 22.86 -1.54
C GLU B 477 14.87 22.62 -2.23
N ASP B 478 15.19 23.49 -3.19
CA ASP B 478 16.52 23.55 -3.80
C ASP B 478 17.25 24.78 -3.28
N LEU B 479 18.49 24.60 -2.85
CA LEU B 479 19.27 25.71 -2.33
C LEU B 479 19.86 26.48 -3.51
N ASP B 480 20.17 27.75 -3.27
CA ASP B 480 20.66 28.64 -4.33
C ASP B 480 22.18 28.55 -4.46
N LEU B 481 22.66 27.35 -4.77
CA LEU B 481 24.07 27.04 -4.86
C LEU B 481 24.44 26.62 -6.27
N PRO B 482 25.69 26.93 -6.75
CA PRO B 482 26.16 26.46 -8.05
C PRO B 482 26.66 25.01 -8.05
N ILE B 483 25.87 24.11 -7.47
CA ILE B 483 26.15 22.68 -7.48
C ILE B 483 24.87 21.92 -7.75
N SER B 484 24.92 20.97 -8.70
CA SER B 484 23.76 20.18 -9.06
C SER B 484 23.52 19.07 -8.04
N MET B 485 22.30 19.00 -7.52
CA MET B 485 21.98 18.13 -6.41
C MET B 485 20.46 18.00 -6.30
N ASN B 486 19.99 16.78 -6.09
CA ASN B 486 18.58 16.58 -5.84
C ASN B 486 18.23 17.06 -4.43
N PRO B 487 17.03 17.58 -4.23
CA PRO B 487 16.63 18.04 -2.89
C PRO B 487 16.52 16.89 -1.92
N ALA B 488 16.36 17.24 -0.66
CA ALA B 488 16.21 16.23 0.38
C ALA B 488 14.76 15.75 0.42
N GLN B 489 14.60 14.45 0.60
CA GLN B 489 13.27 13.85 0.65
C GLN B 489 13.05 13.22 2.02
N ILE B 490 11.80 13.25 2.47
CA ILE B 490 11.43 12.51 3.67
C ILE B 490 11.14 11.06 3.31
N SER B 491 10.48 10.84 2.20
CA SER B 491 10.14 9.50 1.71
C SER B 491 9.79 9.66 0.24
N ASN B 492 9.60 8.52 -0.43
CA ASN B 492 9.30 8.53 -1.85
C ASN B 492 7.88 9.05 -2.09
N GLU B 493 6.91 8.53 -1.34
CA GLU B 493 5.53 9.01 -1.46
C GLU B 493 5.29 10.08 -0.39
N GLU B 494 4.18 10.81 -0.53
CA GLU B 494 3.87 11.84 0.46
C GLU B 494 3.36 11.22 1.76
N SER B 495 3.32 9.88 1.83
CA SER B 495 2.97 9.15 3.03
C SER B 495 3.95 7.99 3.17
N PHE B 496 4.16 7.56 4.41
CA PHE B 496 5.07 6.46 4.67
C PHE B 496 4.43 5.13 4.30
N ASN B 497 3.12 5.01 4.50
CA ASN B 497 2.36 3.80 4.20
C ASN B 497 2.94 2.62 4.97
N SER B 498 3.21 2.86 6.26
CA SER B 498 3.71 1.84 7.17
C SER B 498 4.02 2.48 8.52
N ASP B 499 3.90 1.70 9.60
CA ASP B 499 4.42 2.13 10.89
C ASP B 499 5.94 2.02 10.90
N ILE B 500 6.45 0.88 10.44
CA ILE B 500 7.89 0.63 10.48
C ILE B 500 8.65 1.80 9.88
N LEU B 501 8.21 2.25 8.71
CA LEU B 501 8.91 3.34 8.03
C LEU B 501 8.82 4.63 8.85
N LEU B 502 7.67 4.91 9.44
CA LEU B 502 7.59 6.07 10.33
C LEU B 502 8.65 5.99 11.42
N ALA B 503 8.96 4.78 11.88
CA ALA B 503 9.95 4.60 12.94
C ALA B 503 11.37 4.69 12.39
N ASP B 504 11.69 3.87 11.38
CA ASP B 504 12.98 3.95 10.70
C ASP B 504 13.38 5.39 10.45
N THR B 505 12.43 6.21 9.99
CA THR B 505 12.75 7.61 9.70
C THR B 505 13.10 8.40 10.96
N GLY B 506 12.52 8.03 12.10
CA GLY B 506 12.74 8.79 13.32
C GLY B 506 14.17 8.72 13.81
N TYR B 507 14.88 7.64 13.48
CA TYR B 507 16.28 7.49 13.89
C TYR B 507 17.21 7.50 12.68
N GLY B 508 16.79 8.18 11.60
CA GLY B 508 17.71 8.56 10.55
C GLY B 508 17.86 7.58 9.40
N GLN B 509 16.92 6.67 9.22
CA GLN B 509 17.00 5.71 8.12
C GLN B 509 15.72 5.72 7.31
N GLY B 510 15.22 4.55 6.94
CA GLY B 510 14.02 4.51 6.11
C GLY B 510 14.32 5.11 4.75
N GLU B 511 13.34 5.83 4.21
CA GLU B 511 13.47 6.46 2.90
C GLU B 511 13.96 7.90 3.00
N LEU B 512 14.77 8.21 4.00
CA LEU B 512 15.38 9.53 4.12
C LEU B 512 16.58 9.62 3.19
N LEU B 513 16.73 10.78 2.55
CA LEU B 513 17.91 11.09 1.74
C LEU B 513 18.20 12.58 1.89
N ILE B 514 19.30 12.89 2.55
CA ILE B 514 19.76 14.26 2.74
C ILE B 514 21.26 14.28 2.42
N ASN B 515 21.71 15.31 1.71
CA ASN B 515 23.12 15.37 1.36
C ASN B 515 23.89 16.20 2.38
N PRO B 516 25.21 16.00 2.48
CA PRO B 516 25.98 16.65 3.55
C PRO B 516 25.79 18.15 3.63
N ILE B 517 25.49 18.82 2.51
CA ILE B 517 25.21 20.25 2.55
C ILE B 517 23.82 20.50 3.12
N GLN B 518 22.85 19.66 2.74
CA GLN B 518 21.50 19.84 3.25
C GLN B 518 21.42 19.53 4.74
N GLN B 519 22.13 18.49 5.20
CA GLN B 519 22.21 18.22 6.63
C GLN B 519 22.76 19.45 7.37
N ALA B 520 23.94 19.92 6.97
CA ALA B 520 24.57 21.05 7.63
C ALA B 520 23.68 22.29 7.60
N ALA B 521 22.76 22.38 6.65
CA ALA B 521 21.81 23.48 6.62
C ALA B 521 20.65 23.23 7.59
N MET B 522 20.12 22.00 7.59
CA MET B 522 19.00 21.67 8.48
C MET B 522 19.42 21.73 9.94
N TYR B 523 20.63 21.25 10.25
CA TYR B 523 21.10 21.22 11.64
C TYR B 523 21.49 22.61 12.15
N SER B 524 21.56 23.62 11.29
CA SER B 524 21.91 24.96 11.76
C SER B 524 20.91 25.48 12.78
N VAL B 525 19.73 24.88 12.86
CA VAL B 525 18.71 25.34 13.82
C VAL B 525 19.26 25.33 15.24
N PHE B 526 20.20 24.43 15.53
CA PHE B 526 20.74 24.33 16.88
C PHE B 526 21.84 25.35 17.17
N ALA B 527 22.26 26.11 16.16
CA ALA B 527 23.18 27.23 16.36
C ALA B 527 22.50 28.58 16.21
N ASN B 528 21.17 28.60 16.02
CA ASN B 528 20.43 29.83 15.77
C ASN B 528 19.04 29.81 16.41
N ASN B 529 18.97 29.39 17.68
CA ASN B 529 17.71 29.35 18.42
C ASN B 529 16.56 28.79 17.58
N GLY B 530 16.84 27.78 16.78
CA GLY B 530 15.80 27.13 16.03
C GLY B 530 15.54 27.74 14.67
N THR B 531 16.22 28.84 14.34
CA THR B 531 16.12 29.44 13.01
C THR B 531 17.09 28.72 12.08
N LEU B 532 16.62 28.38 10.89
CA LEU B 532 17.46 27.74 9.89
C LEU B 532 18.12 28.80 9.02
N VAL B 533 19.41 28.64 8.79
CA VAL B 533 20.20 29.57 7.99
C VAL B 533 20.74 28.81 6.78
N TYR B 534 20.38 29.29 5.60
CA TYR B 534 20.73 28.61 4.36
C TYR B 534 22.22 28.71 4.06
N PRO B 535 22.80 27.69 3.42
CA PRO B 535 24.23 27.75 3.13
C PRO B 535 24.56 28.77 2.05
N LYS B 536 25.80 29.25 2.11
CA LYS B 536 26.30 30.31 1.25
C LYS B 536 27.65 29.87 0.71
N LEU B 537 27.80 29.89 -0.62
CA LEU B 537 29.08 29.53 -1.24
C LEU B 537 29.75 30.72 -1.94
N ILE B 538 28.97 31.71 -2.37
CA ILE B 538 29.53 32.92 -2.96
C ILE B 538 29.73 33.91 -1.81
N ALA B 539 30.94 34.49 -1.73
CA ALA B 539 31.33 35.23 -0.53
C ALA B 539 30.39 36.41 -0.26
N ASP B 540 29.94 37.10 -1.32
CA ASP B 540 29.23 38.37 -1.13
C ASP B 540 27.72 38.22 -0.94
N LYS B 541 27.09 37.21 -1.54
CA LYS B 541 25.64 37.10 -1.52
C LYS B 541 25.11 37.34 -0.11
N GLU B 542 23.91 37.94 -0.03
CA GLU B 542 23.36 38.26 1.29
C GLU B 542 22.85 36.99 1.95
N THR B 543 23.03 36.89 3.26
CA THR B 543 22.52 35.74 4.00
C THR B 543 21.01 35.72 3.99
N LYS B 544 20.45 34.52 3.98
CA LYS B 544 19.02 34.31 3.99
C LYS B 544 18.71 33.18 4.97
N ASP B 545 17.67 33.36 5.77
CA ASP B 545 17.33 32.42 6.82
C ASP B 545 15.84 32.11 6.78
N LYS B 546 15.40 31.31 7.76
CA LYS B 546 14.03 30.83 7.84
C LYS B 546 13.72 30.65 9.32
N LYS B 547 12.98 31.61 9.87
CA LYS B 547 12.83 31.73 11.31
C LYS B 547 11.83 30.71 11.84
N ASN B 548 11.89 30.49 13.14
CA ASN B 548 10.95 29.64 13.86
C ASN B 548 10.74 28.31 13.13
N VAL B 549 11.83 27.59 12.87
CA VAL B 549 11.68 26.25 12.33
C VAL B 549 11.56 25.22 13.47
N ILE B 550 12.22 25.45 14.61
CA ILE B 550 11.98 24.69 15.82
C ILE B 550 11.99 25.67 17.00
N GLY B 551 11.60 25.15 18.17
CA GLY B 551 11.37 26.03 19.32
C GLY B 551 12.64 26.39 20.05
N GLU B 552 12.71 27.66 20.48
CA GLU B 552 13.85 28.14 21.26
C GLU B 552 14.07 27.28 22.50
N THR B 553 12.99 26.85 23.16
CA THR B 553 13.15 25.99 24.34
C THR B 553 13.58 24.59 23.92
N ALA B 554 13.07 24.11 22.78
CA ALA B 554 13.49 22.80 22.29
C ALA B 554 14.97 22.77 21.96
N VAL B 555 15.53 23.88 21.49
CA VAL B 555 16.97 23.94 21.23
C VAL B 555 17.74 23.86 22.55
N GLN B 556 17.34 24.68 23.52
CA GLN B 556 18.04 24.74 24.80
C GLN B 556 17.91 23.44 25.58
N THR B 557 16.88 22.66 25.33
CA THR B 557 16.76 21.34 25.94
C THR B 557 17.80 20.38 25.35
N ILE B 558 17.94 20.38 24.02
CA ILE B 558 18.70 19.36 23.33
C ILE B 558 20.20 19.62 23.41
N VAL B 559 20.63 20.87 23.28
CA VAL B 559 22.07 21.17 23.19
C VAL B 559 22.82 20.62 24.40
N PRO B 560 22.46 20.98 25.63
CA PRO B 560 23.20 20.43 26.78
C PRO B 560 23.21 18.91 26.80
N ASP B 561 22.21 18.26 26.21
CA ASP B 561 22.31 16.83 26.00
C ASP B 561 23.42 16.51 25.00
N LEU B 562 23.67 17.41 24.05
CA LEU B 562 24.68 17.19 23.02
C LEU B 562 26.10 17.43 23.53
N ARG B 563 26.27 18.34 24.50
CA ARG B 563 27.58 18.49 25.14
C ARG B 563 28.01 17.18 25.77
N GLU B 564 27.11 16.54 26.52
CA GLU B 564 27.40 15.31 27.24
C GLU B 564 27.55 14.11 26.30
N VAL B 565 27.16 14.25 25.03
CA VAL B 565 27.57 13.24 24.05
C VAL B 565 29.09 13.22 23.96
N VAL B 566 29.75 14.29 24.38
CA VAL B 566 31.21 14.37 24.40
C VAL B 566 31.67 14.13 25.83
N GLN B 567 31.26 15.01 26.75
CA GLN B 567 31.80 15.00 28.10
C GLN B 567 31.46 13.70 28.83
N ASP B 568 30.17 13.36 28.90
CA ASP B 568 29.72 12.18 29.66
C ASP B 568 30.55 10.95 29.29
N VAL B 569 30.97 10.20 30.31
CA VAL B 569 31.90 9.10 30.09
C VAL B 569 31.35 8.10 29.07
N ASN B 570 30.02 7.89 29.05
CA ASN B 570 29.43 6.91 28.15
C ASN B 570 29.00 7.54 26.83
N GLY B 571 29.18 8.84 26.68
CA GLY B 571 28.79 9.50 25.45
C GLY B 571 29.41 8.84 24.24
N THR B 572 28.66 8.81 23.14
CA THR B 572 29.17 8.20 21.91
C THR B 572 30.43 8.89 21.42
N ALA B 573 30.65 10.14 21.81
CA ALA B 573 31.76 10.94 21.33
C ALA B 573 32.68 11.41 22.46
N HIS B 574 32.93 10.55 23.45
CA HIS B 574 33.80 10.95 24.55
C HIS B 574 35.24 11.16 24.08
N SER B 575 35.66 10.43 23.05
CA SER B 575 37.04 10.53 22.58
C SER B 575 37.43 11.95 22.20
N LEU B 576 36.46 12.82 21.92
CA LEU B 576 36.76 14.20 21.58
C LEU B 576 36.90 15.12 22.80
N SER B 577 36.56 14.64 24.01
CA SER B 577 36.74 15.48 25.19
C SER B 577 38.22 15.72 25.46
N ALA B 578 39.09 14.86 24.94
CA ALA B 578 40.53 15.03 25.11
C ALA B 578 41.00 16.36 24.54
N LEU B 579 40.31 16.90 23.55
CA LEU B 579 40.84 18.04 22.81
C LEU B 579 40.84 19.30 23.65
N GLY B 580 39.89 19.43 24.59
CA GLY B 580 39.84 20.61 25.41
C GLY B 580 39.14 21.77 24.75
N ILE B 581 38.21 21.48 23.85
CA ILE B 581 37.48 22.52 23.11
C ILE B 581 35.98 22.41 23.39
N PRO B 582 35.29 23.53 23.54
CA PRO B 582 33.83 23.48 23.75
C PRO B 582 33.11 22.85 22.57
N LEU B 583 32.58 21.64 22.74
CA LEU B 583 31.88 20.94 21.67
C LEU B 583 30.52 20.42 22.12
N ALA B 584 29.53 20.51 21.24
CA ALA B 584 28.27 19.78 21.35
C ALA B 584 28.08 18.98 20.06
N ALA B 585 27.73 17.69 20.19
CA ALA B 585 27.74 16.85 18.99
C ALA B 585 26.85 15.62 19.14
N LYS B 586 26.53 15.03 17.98
CA LYS B 586 25.84 13.75 17.87
C LYS B 586 26.53 12.92 16.79
N THR B 587 26.47 11.59 16.92
CA THR B 587 27.17 10.69 16.01
C THR B 587 26.19 9.74 15.31
N GLY B 588 26.76 8.82 14.52
CA GLY B 588 25.98 7.82 13.82
C GLY B 588 26.83 6.67 13.32
N THR B 589 26.14 5.56 13.01
CA THR B 589 26.68 4.37 12.39
C THR B 589 25.51 3.62 11.75
N ALA B 590 25.79 2.86 10.70
CA ALA B 590 24.74 2.24 9.91
C ALA B 590 25.16 0.84 9.50
N GLU B 591 24.15 0.03 9.18
CA GLU B 591 24.31 -1.36 8.80
C GLU B 591 24.21 -1.48 7.29
N ILE B 592 24.97 -2.43 6.74
CA ILE B 592 25.10 -2.60 5.29
C ILE B 592 25.59 -1.29 4.66
N LYS B 601 28.70 -4.08 6.36
CA LYS B 601 29.25 -2.84 5.79
C LYS B 601 28.73 -1.67 6.62
N GLU B 602 29.60 -0.71 6.94
CA GLU B 602 29.26 0.31 7.92
C GLU B 602 29.73 1.70 7.55
N ASN B 603 28.80 2.65 7.54
CA ASN B 603 29.14 4.06 7.45
C ASN B 603 29.31 4.62 8.88
N SER B 604 29.98 5.74 8.97
CA SER B 604 30.23 6.39 10.26
C SER B 604 29.99 7.88 10.09
N PHE B 605 29.34 8.48 11.09
CA PHE B 605 28.88 9.85 11.01
C PHE B 605 29.39 10.68 12.17
N LEU B 606 29.31 12.00 12.00
CA LEU B 606 29.60 12.94 13.07
C LEU B 606 29.01 14.29 12.72
N PHE B 607 28.32 14.88 13.70
CA PHE B 607 27.88 16.27 13.66
C PHE B 607 28.46 16.95 14.88
N ALA B 608 29.01 18.15 14.69
CA ALA B 608 29.69 18.82 15.78
C ALA B 608 29.67 20.33 15.57
N PHE B 609 29.58 21.06 16.67
CA PHE B 609 29.67 22.52 16.60
C PHE B 609 29.98 23.06 17.99
N ASN B 610 30.22 24.36 18.04
CA ASN B 610 30.62 25.03 19.26
C ASN B 610 29.43 25.72 19.90
N PRO B 611 28.94 25.26 21.05
CA PRO B 611 27.75 25.89 21.66
C PRO B 611 28.03 27.14 22.46
N ASP B 612 29.30 27.46 22.72
CA ASP B 612 29.63 28.67 23.46
C ASP B 612 29.53 29.92 22.56
N ASN B 613 30.04 29.83 21.34
CA ASN B 613 30.09 30.97 20.43
C ASN B 613 29.38 30.74 19.11
N GLN B 614 28.95 29.51 18.82
CA GLN B 614 28.22 29.18 17.60
C GLN B 614 29.06 29.53 16.36
N GLY B 615 30.38 29.48 16.49
CA GLY B 615 31.25 29.96 15.44
C GLY B 615 31.43 29.04 14.26
N TYR B 616 31.23 27.73 14.44
CA TYR B 616 31.39 26.80 13.34
C TYR B 616 30.48 25.60 13.53
N MET B 617 30.48 24.72 12.52
CA MET B 617 29.70 23.49 12.53
C MET B 617 30.24 22.59 11.43
N MET B 618 30.29 21.29 11.69
CA MET B 618 30.84 20.35 10.72
C MET B 618 29.94 19.13 10.64
N VAL B 619 30.00 18.47 9.48
CA VAL B 619 29.21 17.27 9.20
C VAL B 619 30.12 16.37 8.37
N SER B 620 30.54 15.26 8.94
CA SER B 620 31.53 14.38 8.32
C SER B 620 30.97 12.97 8.22
N MET B 621 31.22 12.34 7.07
CA MET B 621 30.82 10.96 6.85
C MET B 621 32.07 10.13 6.57
N LEU B 622 31.94 8.82 6.73
CA LEU B 622 33.03 7.88 6.47
C LEU B 622 32.39 6.63 5.86
N GLU B 623 32.48 6.50 4.55
CA GLU B 623 31.80 5.43 3.83
C GLU B 623 32.57 4.13 4.03
N ASN B 624 31.92 3.14 4.64
CA ASN B 624 32.46 1.80 4.87
C ASN B 624 33.72 1.83 5.77
N LYS B 625 33.47 2.02 7.07
CA LYS B 625 34.57 2.05 8.02
C LYS B 625 35.13 0.64 8.23
N GLU B 626 36.35 0.57 8.74
CA GLU B 626 36.99 -0.66 9.19
C GLU B 626 37.11 -0.63 10.71
N ASP B 627 37.58 -1.74 11.27
CA ASP B 627 37.66 -1.88 12.71
C ASP B 627 38.29 -0.66 13.35
N ASP B 628 37.61 -0.17 14.38
CA ASP B 628 38.02 0.91 15.26
C ASP B 628 38.34 2.21 14.53
N ASP B 629 37.97 2.34 13.25
CA ASP B 629 38.08 3.64 12.59
C ASP B 629 36.70 4.26 12.46
N SER B 630 36.65 5.60 12.43
CA SER B 630 35.38 6.31 12.36
C SER B 630 35.61 7.79 12.14
N ALA B 631 34.55 8.47 11.69
CA ALA B 631 34.57 9.91 11.52
C ALA B 631 34.96 10.65 12.79
N THR B 632 34.53 10.13 13.95
CA THR B 632 34.87 10.85 15.18
C THR B 632 36.37 10.79 15.43
N LYS B 633 37.02 9.69 15.07
CA LYS B 633 38.46 9.61 15.26
C LYS B 633 39.25 10.44 14.26
N ARG B 634 38.63 10.88 13.16
CA ARG B 634 39.34 11.65 12.15
C ARG B 634 39.00 13.14 12.21
N ALA B 635 38.03 13.53 13.03
CA ALA B 635 37.58 14.90 13.13
C ALA B 635 38.52 15.81 13.91
N PRO B 636 39.34 15.32 14.84
CA PRO B 636 40.06 16.24 15.73
C PRO B 636 40.81 17.36 15.01
N GLU B 637 41.63 17.04 14.01
CA GLU B 637 42.49 18.07 13.43
C GLU B 637 41.66 19.20 12.84
N LEU B 638 40.56 18.89 12.13
CA LEU B 638 39.73 19.97 11.62
C LEU B 638 39.04 20.72 12.75
N LEU B 639 38.66 20.02 13.83
CA LEU B 639 37.99 20.71 14.93
C LEU B 639 38.96 21.64 15.65
N GLN B 640 40.22 21.24 15.78
CA GLN B 640 41.22 22.13 16.37
C GLN B 640 41.40 23.39 15.52
N TYR B 641 41.48 23.25 14.20
CA TYR B 641 41.58 24.44 13.36
C TYR B 641 40.35 25.32 13.51
N LEU B 642 39.16 24.76 13.22
CA LEU B 642 37.95 25.57 13.25
C LEU B 642 37.72 26.25 14.59
N ASN B 643 37.91 25.54 15.70
CA ASN B 643 37.57 26.11 17.00
C ASN B 643 38.33 27.41 17.24
N GLN B 644 39.54 27.53 16.69
CA GLN B 644 40.43 28.66 16.90
C GLN B 644 40.18 29.82 15.95
N ASN B 645 39.95 29.53 14.68
CA ASN B 645 39.86 30.58 13.66
C ASN B 645 38.44 31.07 13.43
N TYR B 646 37.44 30.46 14.06
CA TYR B 646 36.04 30.86 13.87
C TYR B 646 35.39 31.02 15.23
N GLN B 647 35.17 32.28 15.61
CA GLN B 647 34.58 32.63 16.90
C GLN B 647 33.52 33.70 16.71
N LEU B 648 33.58 34.77 17.50
CA LEU B 648 32.60 35.85 17.41
C LEU B 648 32.87 36.77 16.22
N THR C 8 26.07 -40.52 -20.98
CA THR C 8 27.17 -39.78 -20.38
C THR C 8 26.98 -39.60 -18.88
N GLN C 9 28.09 -39.47 -18.15
CA GLN C 9 27.99 -39.24 -16.72
C GLN C 9 27.33 -37.90 -16.42
N ALA C 10 27.61 -36.91 -17.29
CA ALA C 10 27.01 -35.60 -17.14
C ALA C 10 25.49 -35.64 -17.23
N VAL C 11 24.94 -36.48 -18.10
CA VAL C 11 23.49 -36.54 -18.22
C VAL C 11 22.88 -36.90 -16.86
N GLU C 12 23.16 -38.11 -16.37
CA GLU C 12 22.53 -38.57 -15.13
C GLU C 12 23.01 -37.81 -13.90
N ALA C 13 24.20 -37.22 -13.94
CA ALA C 13 24.58 -36.25 -12.92
C ALA C 13 23.58 -35.10 -12.89
N GLY C 14 23.12 -34.66 -14.08
CA GLY C 14 22.15 -33.59 -14.13
C GLY C 14 20.77 -34.05 -13.69
N GLU C 15 20.37 -35.27 -14.06
CA GLU C 15 19.12 -35.82 -13.55
C GLU C 15 19.10 -35.86 -12.03
N LYS C 16 20.26 -36.09 -11.40
CA LYS C 16 20.30 -36.19 -9.95
C LYS C 16 20.22 -34.82 -9.30
N THR C 17 20.65 -33.79 -10.02
CA THR C 17 20.57 -32.43 -9.49
C THR C 17 19.15 -31.89 -9.57
N VAL C 18 18.40 -32.30 -10.59
CA VAL C 18 16.97 -31.99 -10.64
C VAL C 18 16.27 -32.62 -9.43
N GLU C 19 16.35 -33.95 -9.32
CA GLU C 19 15.65 -34.67 -8.27
C GLU C 19 16.04 -34.16 -6.89
N GLN C 20 17.34 -33.99 -6.64
CA GLN C 20 17.79 -33.47 -5.36
C GLN C 20 17.38 -32.02 -5.13
N PHE C 21 17.11 -31.28 -6.20
CA PHE C 21 16.56 -29.93 -6.07
C PHE C 21 15.10 -29.96 -5.68
N VAL C 22 14.29 -30.71 -6.43
CA VAL C 22 12.86 -30.83 -6.12
C VAL C 22 12.67 -31.44 -4.73
N GLN C 23 13.36 -32.56 -4.45
CA GLN C 23 13.22 -33.21 -3.15
C GLN C 23 13.47 -32.22 -2.03
N ALA C 24 14.47 -31.35 -2.20
CA ALA C 24 14.72 -30.30 -1.23
C ALA C 24 13.51 -29.38 -1.07
N LEU C 25 12.69 -29.25 -2.11
CA LEU C 25 11.52 -28.38 -2.05
C LEU C 25 10.35 -29.05 -1.34
N ASN C 26 10.13 -30.35 -1.55
CA ASN C 26 9.15 -31.06 -0.75
C ASN C 26 9.41 -30.87 0.74
N LYS C 27 10.63 -31.17 1.16
CA LYS C 27 11.06 -31.07 2.55
C LYS C 27 11.05 -29.65 3.07
N GLY C 28 10.74 -28.69 2.20
CA GLY C 28 10.69 -27.31 2.62
C GLY C 28 12.05 -26.72 2.93
N ASP C 29 13.12 -27.36 2.46
CA ASP C 29 14.49 -26.90 2.76
C ASP C 29 14.93 -25.92 1.66
N TYR C 30 14.14 -24.86 1.52
CA TYR C 30 14.31 -23.90 0.45
C TYR C 30 15.75 -23.41 0.33
N ASN C 31 16.50 -23.40 1.44
CA ASN C 31 17.88 -22.96 1.39
C ASN C 31 18.78 -23.98 0.71
N LYS C 32 18.57 -25.27 1.00
CA LYS C 32 19.32 -26.31 0.32
C LYS C 32 19.18 -26.19 -1.19
N ALA C 33 17.94 -26.04 -1.66
CA ALA C 33 17.68 -25.94 -3.09
C ALA C 33 18.40 -24.73 -3.70
N ALA C 34 18.27 -23.56 -3.07
CA ALA C 34 18.91 -22.37 -3.61
C ALA C 34 20.43 -22.53 -3.70
N GLY C 35 21.00 -23.44 -2.92
CA GLY C 35 22.42 -23.72 -3.03
C GLY C 35 22.80 -24.43 -4.31
N MET C 36 21.84 -25.10 -4.95
CA MET C 36 22.06 -25.76 -6.23
C MET C 36 21.85 -24.81 -7.40
N ALA C 37 21.88 -23.51 -7.16
CA ALA C 37 21.62 -22.52 -8.20
C ALA C 37 22.95 -21.99 -8.74
N SER C 38 23.05 -21.90 -10.06
CA SER C 38 24.19 -21.24 -10.68
C SER C 38 24.24 -19.78 -10.23
N LYS C 39 25.42 -19.18 -10.39
CA LYS C 39 25.60 -17.78 -10.05
C LYS C 39 24.74 -16.89 -10.94
N LYS C 40 24.52 -15.67 -10.47
CA LYS C 40 23.63 -14.73 -11.14
C LYS C 40 24.29 -14.18 -12.40
N ALA C 41 23.66 -14.44 -13.55
CA ALA C 41 24.18 -14.01 -14.84
C ALA C 41 23.04 -14.06 -15.85
N ALA C 42 23.29 -13.50 -17.03
CA ALA C 42 22.22 -13.35 -18.02
C ALA C 42 21.80 -14.71 -18.59
N ASN C 43 22.76 -15.61 -18.83
CA ASN C 43 22.47 -16.94 -19.34
C ASN C 43 22.67 -18.02 -18.29
N LYS C 44 22.69 -17.66 -17.01
CA LYS C 44 22.72 -18.61 -15.90
C LYS C 44 21.52 -18.36 -15.00
N SER C 45 21.74 -18.25 -13.70
CA SER C 45 20.65 -17.96 -12.78
C SER C 45 20.21 -16.51 -12.94
N ALA C 46 18.98 -16.24 -12.52
CA ALA C 46 18.44 -14.88 -12.56
C ALA C 46 18.55 -14.15 -11.23
N LEU C 47 18.98 -14.85 -10.17
CA LEU C 47 19.01 -14.26 -8.83
C LEU C 47 20.10 -14.90 -8.00
N SER C 48 20.46 -14.21 -6.91
CA SER C 48 21.41 -14.74 -5.94
C SER C 48 20.77 -15.87 -5.14
N GLU C 49 21.58 -16.52 -4.30
CA GLU C 49 21.03 -17.54 -3.42
C GLU C 49 19.92 -16.96 -2.54
N LYS C 50 20.20 -15.82 -1.92
CA LYS C 50 19.25 -15.25 -0.96
C LYS C 50 17.99 -14.74 -1.66
N GLU C 51 18.13 -14.04 -2.79
CA GLU C 51 16.95 -13.60 -3.51
C GLU C 51 16.09 -14.79 -3.92
N ILE C 52 16.71 -15.96 -4.12
CA ILE C 52 15.94 -17.16 -4.44
C ILE C 52 15.30 -17.73 -3.17
N LEU C 53 16.11 -17.91 -2.12
CA LEU C 53 15.59 -18.35 -0.83
C LEU C 53 14.32 -17.59 -0.46
N GLU C 54 14.40 -16.26 -0.49
CA GLU C 54 13.26 -15.43 -0.12
C GLU C 54 12.09 -15.66 -1.07
N LYS C 55 12.36 -15.83 -2.37
CA LYS C 55 11.30 -16.06 -3.33
C LYS C 55 10.50 -17.31 -2.97
N TYR C 56 11.20 -18.44 -2.79
CA TYR C 56 10.52 -19.68 -2.44
C TYR C 56 9.86 -19.61 -1.08
N GLN C 57 10.52 -18.97 -0.10
CA GLN C 57 9.92 -18.79 1.21
C GLN C 57 8.58 -18.05 1.09
N ASN C 58 8.56 -16.98 0.30
CA ASN C 58 7.35 -16.19 0.13
C ASN C 58 6.25 -17.01 -0.55
N ILE C 59 6.53 -17.58 -1.72
CA ILE C 59 5.48 -18.10 -2.58
C ILE C 59 5.17 -19.55 -2.27
N TYR C 60 6.16 -20.43 -2.35
CA TYR C 60 5.93 -21.83 -2.03
C TYR C 60 5.49 -22.00 -0.58
N GLY C 61 5.96 -21.13 0.31
CA GLY C 61 5.50 -21.17 1.70
C GLY C 61 4.08 -20.64 1.84
N ALA C 62 3.83 -19.43 1.34
CA ALA C 62 2.54 -18.77 1.59
C ALA C 62 1.36 -19.56 1.02
N ALA C 63 1.58 -20.39 0.01
CA ALA C 63 0.54 -21.27 -0.50
C ALA C 63 0.64 -22.68 0.08
N ASP C 64 1.55 -22.87 1.03
CA ASP C 64 1.84 -24.18 1.62
C ASP C 64 2.02 -25.23 0.54
N VAL C 65 3.07 -25.04 -0.26
CA VAL C 65 3.43 -25.98 -1.30
C VAL C 65 4.15 -27.14 -0.63
N LYS C 66 3.58 -28.34 -0.74
CA LYS C 66 4.18 -29.55 -0.19
C LYS C 66 3.72 -30.70 -1.06
N GLY C 67 4.46 -31.80 -0.99
CA GLY C 67 4.13 -32.95 -1.79
C GLY C 67 4.30 -32.70 -3.28
N LEU C 68 5.52 -32.39 -3.70
CA LEU C 68 5.82 -32.11 -5.10
C LEU C 68 6.34 -33.40 -5.71
N GLU C 69 5.62 -33.94 -6.68
CA GLU C 69 5.95 -35.21 -7.31
C GLU C 69 6.11 -35.03 -8.81
N ILE C 70 7.24 -35.47 -9.34
CA ILE C 70 7.57 -35.31 -10.73
C ILE C 70 7.39 -36.62 -11.48
N SER C 71 7.38 -36.54 -12.81
CA SER C 71 7.30 -37.70 -13.70
C SER C 71 7.72 -37.22 -15.08
N ASN C 72 7.96 -38.17 -15.99
CA ASN C 72 8.28 -37.85 -17.38
C ASN C 72 9.52 -36.98 -17.51
N LEU C 73 10.51 -37.17 -16.64
CA LEU C 73 11.69 -36.34 -16.65
C LEU C 73 12.53 -36.58 -17.91
N LYS C 74 13.07 -35.50 -18.47
CA LYS C 74 13.96 -35.59 -19.61
C LYS C 74 15.15 -34.64 -19.42
N VAL C 75 16.35 -35.15 -19.72
CA VAL C 75 17.56 -34.33 -19.70
C VAL C 75 18.39 -34.69 -20.93
N ASP C 76 18.56 -33.74 -21.83
CA ASP C 76 19.32 -33.93 -23.06
C ASP C 76 20.44 -32.91 -23.11
N LYS C 77 21.56 -33.31 -23.69
CA LYS C 77 22.67 -32.37 -23.87
C LYS C 77 22.30 -31.37 -24.95
N LYS C 78 22.61 -30.10 -24.71
CA LYS C 78 22.38 -29.06 -25.70
C LYS C 78 23.68 -28.45 -26.22
N ASP C 79 24.59 -28.07 -25.34
CA ASP C 79 25.93 -27.63 -25.73
C ASP C 79 26.92 -28.15 -24.69
N ASP C 80 28.16 -27.67 -24.78
CA ASP C 80 29.23 -28.21 -23.93
C ASP C 80 29.01 -27.96 -22.45
N SER C 81 28.49 -26.79 -22.07
CA SER C 81 28.40 -26.41 -20.67
C SER C 81 26.96 -26.21 -20.21
N THR C 82 26.00 -26.74 -20.97
CA THR C 82 24.59 -26.50 -20.68
C THR C 82 23.77 -27.69 -21.13
N TYR C 83 22.98 -28.24 -20.20
CA TYR C 83 22.06 -29.33 -20.47
C TYR C 83 20.66 -28.83 -20.15
N SER C 84 19.69 -29.21 -20.98
CA SER C 84 18.31 -28.76 -20.82
C SER C 84 17.48 -29.87 -20.19
N PHE C 85 16.66 -29.51 -19.20
CA PHE C 85 15.80 -30.47 -18.52
C PHE C 85 14.35 -30.07 -18.70
N SER C 86 13.46 -31.05 -18.50
CA SER C 86 12.04 -30.86 -18.68
C SER C 86 11.32 -32.00 -17.97
N TYR C 87 10.25 -31.66 -17.25
CA TYR C 87 9.49 -32.69 -16.56
C TYR C 87 8.08 -32.21 -16.28
N LYS C 88 7.22 -33.17 -15.98
CA LYS C 88 5.88 -32.89 -15.45
C LYS C 88 5.94 -32.90 -13.93
N ALA C 89 4.97 -32.24 -13.32
CA ALA C 89 4.92 -32.16 -11.87
C ALA C 89 3.48 -31.94 -11.43
N LYS C 90 3.17 -32.39 -10.22
CA LYS C 90 1.93 -32.03 -9.56
C LYS C 90 2.25 -31.79 -8.09
N MET C 91 1.47 -30.91 -7.47
CA MET C 91 1.73 -30.51 -6.10
C MET C 91 0.41 -30.20 -5.41
N ASN C 92 0.43 -30.33 -4.09
CA ASN C 92 -0.70 -29.94 -3.25
C ASN C 92 -0.43 -28.56 -2.67
N THR C 93 -1.41 -27.67 -2.84
CA THR C 93 -1.39 -26.36 -2.23
C THR C 93 -2.50 -26.27 -1.18
N SER C 94 -2.43 -25.22 -0.37
CA SER C 94 -3.43 -25.04 0.67
C SER C 94 -4.85 -24.93 0.12
N LEU C 95 -5.01 -24.81 -1.19
CA LEU C 95 -6.32 -24.65 -1.81
C LEU C 95 -6.68 -25.78 -2.77
N GLY C 96 -5.80 -26.75 -2.95
CA GLY C 96 -6.06 -27.83 -3.87
C GLY C 96 -4.78 -28.32 -4.49
N GLU C 97 -4.92 -29.27 -5.42
CA GLU C 97 -3.80 -29.93 -6.07
C GLU C 97 -3.63 -29.38 -7.49
N LEU C 98 -2.38 -29.13 -7.86
CA LEU C 98 -2.00 -28.65 -9.19
C LEU C 98 -1.53 -29.82 -10.03
N LYS C 99 -2.12 -29.99 -11.22
CA LYS C 99 -1.93 -31.22 -11.98
C LYS C 99 -1.25 -30.94 -13.31
N ASP C 100 -0.30 -31.81 -13.67
CA ASP C 100 0.34 -31.82 -14.98
C ASP C 100 0.97 -30.46 -15.31
N LEU C 101 1.75 -29.93 -14.36
CA LEU C 101 2.50 -28.73 -14.66
C LEU C 101 3.67 -29.10 -15.57
N SER C 102 4.11 -28.13 -16.35
CA SER C 102 5.15 -28.35 -17.36
C SER C 102 6.32 -27.44 -17.05
N TYR C 103 7.40 -28.03 -16.55
CA TYR C 103 8.59 -27.29 -16.18
C TYR C 103 9.69 -27.51 -17.19
N LYS C 104 10.49 -26.47 -17.40
CA LYS C 104 11.60 -26.50 -18.35
C LYS C 104 12.69 -25.58 -17.81
N GLY C 105 13.93 -25.93 -18.12
CA GLY C 105 15.04 -25.16 -17.64
C GLY C 105 16.35 -25.66 -18.22
N THR C 106 17.44 -25.25 -17.58
CA THR C 106 18.77 -25.62 -18.05
C THR C 106 19.70 -25.79 -16.86
N LEU C 107 20.77 -26.54 -17.06
CA LEU C 107 21.77 -26.78 -16.03
C LEU C 107 23.13 -26.28 -16.53
N ASP C 108 24.06 -26.13 -15.59
CA ASP C 108 25.41 -25.64 -15.90
C ASP C 108 26.43 -26.61 -15.33
N ARG C 109 26.96 -27.50 -16.18
CA ARG C 109 28.09 -28.33 -15.79
C ARG C 109 29.38 -27.53 -15.94
N ASN C 110 30.15 -27.44 -14.85
CA ASN C 110 31.35 -26.60 -14.81
C ASN C 110 32.28 -27.15 -13.74
N ASP C 111 33.46 -27.61 -14.14
CA ASP C 111 34.35 -28.32 -13.24
C ASP C 111 33.64 -29.57 -12.72
N GLY C 112 33.02 -30.29 -13.66
CA GLY C 112 32.30 -31.51 -13.33
C GLY C 112 31.22 -31.33 -12.31
N LYS C 113 30.85 -30.10 -11.99
CA LYS C 113 29.83 -29.81 -10.99
C LYS C 113 28.61 -29.17 -11.64
N THR C 114 27.44 -29.66 -11.25
CA THR C 114 26.18 -29.31 -11.88
C THR C 114 25.37 -28.40 -10.99
N THR C 115 24.90 -27.29 -11.55
CA THR C 115 24.10 -26.31 -10.84
C THR C 115 22.96 -25.89 -11.76
N ILE C 116 21.95 -25.26 -11.17
CA ILE C 116 20.74 -24.93 -11.91
C ILE C 116 20.78 -23.46 -12.32
N ASN C 117 20.39 -23.19 -13.57
CA ASN C 117 20.26 -21.83 -14.08
C ASN C 117 18.85 -21.36 -13.77
N TRP C 118 18.67 -20.91 -12.53
CA TRP C 118 17.34 -20.64 -12.00
C TRP C 118 16.70 -19.46 -12.72
N GLN C 119 15.38 -19.54 -12.86
CA GLN C 119 14.56 -18.50 -13.47
C GLN C 119 13.18 -18.56 -12.85
N PRO C 120 12.42 -17.46 -12.87
CA PRO C 120 11.13 -17.45 -12.18
C PRO C 120 10.20 -18.60 -12.57
N ASN C 121 10.41 -19.18 -13.75
CA ASN C 121 9.57 -20.26 -14.22
C ASN C 121 9.89 -21.61 -13.56
N LEU C 122 10.62 -21.62 -12.44
CA LEU C 122 10.77 -22.82 -11.63
C LEU C 122 10.00 -22.72 -10.32
N VAL C 123 9.36 -21.59 -10.04
CA VAL C 123 8.33 -21.50 -9.00
C VAL C 123 7.07 -22.10 -9.61
N PHE C 124 6.51 -21.43 -10.61
CA PHE C 124 5.44 -21.95 -11.45
C PHE C 124 5.79 -21.75 -12.91
N PRO C 125 5.27 -22.60 -13.80
CA PRO C 125 5.72 -22.54 -15.20
C PRO C 125 5.51 -21.19 -15.86
N GLU C 126 4.41 -20.51 -15.52
CA GLU C 126 3.97 -19.34 -16.27
C GLU C 126 4.57 -18.03 -15.76
N MET C 127 5.50 -18.09 -14.80
CA MET C 127 6.04 -16.88 -14.21
C MET C 127 7.19 -16.33 -15.04
N GLU C 128 7.31 -15.01 -15.03
CA GLU C 128 8.32 -14.29 -15.79
C GLU C 128 8.79 -13.09 -14.99
N GLY C 129 9.97 -12.59 -15.32
CA GLY C 129 10.51 -11.38 -14.73
C GLY C 129 10.24 -11.26 -13.24
N ASN C 130 9.54 -10.20 -12.82
CA ASN C 130 9.22 -10.00 -11.42
C ASN C 130 7.77 -10.38 -11.09
N ASP C 131 7.23 -11.40 -11.76
CA ASP C 131 5.91 -11.88 -11.44
C ASP C 131 5.84 -12.32 -9.98
N LYS C 132 4.64 -12.20 -9.40
CA LYS C 132 4.41 -12.53 -8.01
C LYS C 132 3.21 -13.45 -7.90
N VAL C 133 2.78 -13.76 -6.68
CA VAL C 133 1.65 -14.65 -6.45
C VAL C 133 0.75 -14.05 -5.37
N SER C 134 -0.54 -14.18 -5.59
CA SER C 134 -1.55 -13.76 -4.64
C SER C 134 -2.40 -14.98 -4.25
N LEU C 135 -2.88 -14.98 -3.02
CA LEU C 135 -3.68 -16.09 -2.49
C LEU C 135 -4.79 -15.50 -1.62
N THR C 136 -6.02 -15.66 -2.07
CA THR C 136 -7.18 -15.01 -1.50
C THR C 136 -8.20 -16.03 -1.03
N THR C 137 -8.93 -15.70 0.03
CA THR C 137 -9.97 -16.58 0.56
C THR C 137 -11.23 -15.77 0.87
N GLN C 138 -12.38 -16.41 0.67
CA GLN C 138 -13.70 -15.80 0.90
C GLN C 138 -14.49 -16.79 1.75
N GLU C 139 -14.62 -16.47 3.03
CA GLU C 139 -15.28 -17.37 3.98
C GLU C 139 -16.78 -17.41 3.73
N ALA C 140 -17.37 -18.55 4.05
CA ALA C 140 -18.77 -18.81 3.75
C ALA C 140 -19.69 -18.33 4.85
N THR C 141 -20.97 -18.24 4.52
CA THR C 141 -22.02 -17.80 5.42
C THR C 141 -22.71 -19.02 6.00
N ARG C 142 -22.72 -19.14 7.33
CA ARG C 142 -23.33 -20.31 7.96
C ARG C 142 -24.83 -20.32 7.72
N GLY C 143 -25.34 -21.48 7.33
CA GLY C 143 -26.74 -21.65 7.03
C GLY C 143 -27.63 -21.57 8.24
N ASN C 144 -28.93 -21.76 7.97
CA ASN C 144 -29.96 -21.63 8.99
C ASN C 144 -30.58 -22.99 9.29
N ILE C 145 -31.10 -23.11 10.51
CA ILE C 145 -31.97 -24.21 10.91
C ILE C 145 -33.38 -23.65 11.01
N LEU C 146 -34.32 -24.26 10.30
CA LEU C 146 -35.66 -23.75 10.15
C LEU C 146 -36.68 -24.77 10.64
N ASP C 147 -37.82 -24.26 11.11
CA ASP C 147 -38.93 -25.13 11.49
C ASP C 147 -39.73 -25.49 10.23
N ARG C 148 -40.76 -26.32 10.43
CA ARG C 148 -41.54 -26.82 9.30
C ARG C 148 -42.18 -25.70 8.49
N ASN C 149 -42.44 -24.55 9.11
CA ASN C 149 -43.08 -23.43 8.43
C ASN C 149 -42.11 -22.36 7.98
N GLY C 150 -40.81 -22.65 7.96
CA GLY C 150 -39.82 -21.70 7.50
C GLY C 150 -39.35 -20.71 8.54
N GLU C 151 -40.08 -20.57 9.64
CA GLU C 151 -39.62 -19.71 10.73
C GLU C 151 -38.23 -20.14 11.17
N PRO C 152 -37.36 -19.21 11.55
CA PRO C 152 -35.98 -19.60 11.83
C PRO C 152 -35.75 -19.95 13.29
N LEU C 153 -35.04 -21.06 13.50
CA LEU C 153 -34.65 -21.51 14.84
C LEU C 153 -33.17 -21.31 15.12
N ALA C 154 -32.34 -21.34 14.10
CA ALA C 154 -30.94 -20.96 14.19
C ALA C 154 -30.63 -20.15 12.94
N THR C 155 -30.28 -18.88 13.12
CA THR C 155 -30.04 -17.99 11.99
C THR C 155 -28.82 -17.13 12.30
N THR C 156 -28.20 -16.65 11.22
CA THR C 156 -27.05 -15.76 11.30
C THR C 156 -27.49 -14.38 10.83
N GLY C 157 -27.51 -13.41 11.74
CA GLY C 157 -28.05 -12.10 11.43
C GLY C 157 -27.32 -10.99 12.14
N LYS C 158 -27.77 -9.77 11.84
CA LYS C 158 -27.26 -8.57 12.49
C LYS C 158 -27.94 -8.41 13.84
N LEU C 159 -27.15 -8.07 14.85
CA LEU C 159 -27.65 -7.91 16.21
C LEU C 159 -27.39 -6.50 16.70
N LYS C 160 -28.36 -5.93 17.41
CA LYS C 160 -28.17 -4.59 17.98
C LYS C 160 -27.35 -4.77 19.26
N GLN C 161 -26.05 -4.91 19.06
CA GLN C 161 -25.15 -5.05 20.19
C GLN C 161 -25.16 -3.77 21.01
N LEU C 162 -25.59 -3.88 22.25
CA LEU C 162 -25.61 -2.75 23.18
C LEU C 162 -24.24 -2.63 23.85
N GLY C 163 -23.70 -1.42 23.86
CA GLY C 163 -22.42 -1.19 24.51
C GLY C 163 -22.28 0.26 24.92
N VAL C 164 -21.10 0.58 25.46
CA VAL C 164 -20.80 1.94 25.90
C VAL C 164 -19.33 2.24 25.64
N VAL C 165 -18.98 3.52 25.81
CA VAL C 165 -17.62 3.99 25.64
C VAL C 165 -17.27 4.90 26.83
N ASP C 191 -24.53 -3.52 38.08
CA ASP C 191 -23.48 -4.40 38.55
C ASP C 191 -22.50 -4.74 37.42
N ALA C 192 -22.97 -5.56 36.47
CA ALA C 192 -22.14 -5.95 35.33
C ALA C 192 -21.75 -4.75 34.47
N ILE C 193 -22.40 -3.59 34.64
CA ILE C 193 -21.91 -2.38 34.01
C ILE C 193 -20.49 -2.08 34.50
N ASN C 194 -20.16 -2.55 35.70
CA ASN C 194 -18.97 -2.12 36.42
C ASN C 194 -17.81 -3.09 36.31
N GLN C 195 -18.07 -4.39 36.46
CA GLN C 195 -17.03 -5.39 36.26
C GLN C 195 -16.56 -5.44 34.82
N ALA C 196 -17.37 -4.98 33.87
CA ALA C 196 -17.02 -5.04 32.45
C ALA C 196 -16.08 -3.91 32.06
N ILE C 197 -16.46 -2.65 32.38
CA ILE C 197 -15.67 -1.50 31.96
C ILE C 197 -14.25 -1.57 32.44
N SER C 198 -13.98 -2.37 33.46
CA SER C 198 -12.67 -2.42 34.10
C SER C 198 -11.91 -3.71 33.79
N GLN C 199 -12.35 -4.49 32.81
CA GLN C 199 -11.57 -5.65 32.38
C GLN C 199 -10.20 -5.18 31.87
N SER C 200 -9.27 -6.13 31.78
CA SER C 200 -7.90 -5.79 31.41
C SER C 200 -7.84 -5.16 30.03
N TRP C 201 -8.52 -5.75 29.05
CA TRP C 201 -8.41 -5.36 27.66
C TRP C 201 -8.94 -3.96 27.37
N VAL C 202 -9.61 -3.32 28.32
CA VAL C 202 -10.36 -2.09 28.03
C VAL C 202 -9.41 -0.92 27.90
N GLN C 203 -9.55 -0.15 26.81
CA GLN C 203 -8.83 1.10 26.59
C GLN C 203 -9.84 2.24 26.64
N PRO C 204 -9.43 3.51 26.40
CA PRO C 204 -10.32 4.65 26.67
C PRO C 204 -11.55 4.75 25.77
N ASP C 205 -11.38 4.61 24.46
CA ASP C 205 -12.45 4.88 23.51
C ASP C 205 -13.10 3.62 22.94
N TYR C 206 -12.58 2.44 23.24
CA TYR C 206 -13.14 1.22 22.66
C TYR C 206 -14.62 1.08 23.01
N PHE C 207 -15.35 0.40 22.15
CA PHE C 207 -16.75 0.04 22.39
C PHE C 207 -16.82 -1.24 23.22
N VAL C 208 -17.64 -1.21 24.27
CA VAL C 208 -17.72 -2.28 25.24
C VAL C 208 -19.15 -2.88 25.17
N PRO C 209 -19.29 -4.18 24.95
CA PRO C 209 -20.63 -4.75 24.76
C PRO C 209 -21.40 -4.97 26.05
N LEU C 210 -22.74 -4.93 25.93
CA LEU C 210 -23.62 -5.13 27.10
C LEU C 210 -24.77 -6.10 26.78
N LYS C 211 -25.87 -5.63 26.17
CA LYS C 211 -27.01 -6.49 25.86
C LYS C 211 -26.85 -6.95 24.41
N ILE C 212 -27.33 -8.16 24.12
CA ILE C 212 -27.21 -8.69 22.76
C ILE C 212 -27.94 -7.78 21.77
N ALA C 224 -23.49 5.18 26.34
CA ALA C 224 -24.74 4.96 25.63
C ALA C 224 -24.50 4.83 24.13
N THR C 225 -24.39 3.59 23.65
CA THR C 225 -24.18 3.35 22.23
C THR C 225 -24.73 2.00 21.81
N ILE C 226 -25.09 1.89 20.53
CA ILE C 226 -25.44 0.62 19.90
C ILE C 226 -24.68 0.56 18.58
N GLN C 227 -24.20 -0.64 18.22
CA GLN C 227 -23.54 -0.84 16.94
C GLN C 227 -24.05 -2.14 16.34
N GLU C 228 -24.08 -2.18 15.00
CA GLU C 228 -24.55 -3.37 14.29
C GLU C 228 -23.42 -4.38 14.15
N VAL C 229 -23.68 -5.61 14.59
CA VAL C 229 -22.69 -6.69 14.56
C VAL C 229 -23.33 -7.92 13.91
N ASP C 230 -22.54 -8.62 13.10
CA ASP C 230 -22.95 -9.95 12.62
C ASP C 230 -22.73 -10.99 13.72
N GLY C 231 -23.77 -11.77 14.01
CA GLY C 231 -23.69 -12.80 15.01
C GLY C 231 -24.67 -13.93 14.71
N ARG C 232 -24.64 -14.94 15.57
CA ARG C 232 -25.53 -16.11 15.46
C ARG C 232 -26.61 -16.00 16.52
N TYR C 233 -27.87 -16.10 16.09
CA TYR C 233 -29.01 -15.78 16.95
C TYR C 233 -30.00 -16.93 16.92
N TYR C 234 -30.57 -17.23 18.09
CA TYR C 234 -31.58 -18.28 18.22
C TYR C 234 -32.89 -17.65 18.66
N PRO C 235 -33.86 -17.45 17.76
CA PRO C 235 -35.10 -16.74 18.15
C PRO C 235 -35.78 -17.34 19.38
N LEU C 236 -35.82 -18.65 19.51
CA LEU C 236 -36.53 -19.27 20.63
C LEU C 236 -35.71 -19.30 21.91
N GLY C 237 -34.49 -18.77 21.91
CA GLY C 237 -33.70 -18.71 23.12
C GLY C 237 -33.59 -20.04 23.81
N GLU C 238 -33.91 -20.07 25.10
CA GLU C 238 -33.74 -21.28 25.90
C GLU C 238 -34.83 -22.32 25.64
N ALA C 239 -35.95 -21.93 25.04
CA ALA C 239 -37.06 -22.86 24.87
C ALA C 239 -36.72 -24.02 23.94
N ALA C 240 -35.66 -23.91 23.14
CA ALA C 240 -35.24 -25.01 22.27
C ALA C 240 -33.73 -25.17 22.28
N ALA C 241 -33.08 -24.79 23.39
CA ALA C 241 -31.63 -24.75 23.45
C ALA C 241 -31.00 -26.14 23.31
N GLN C 242 -31.66 -27.17 23.83
CA GLN C 242 -31.05 -28.50 23.83
C GLN C 242 -31.12 -29.15 22.45
N LEU C 243 -32.23 -28.98 21.74
CA LEU C 243 -32.35 -29.53 20.39
C LEU C 243 -31.46 -28.76 19.42
N ILE C 244 -31.58 -27.43 19.41
CA ILE C 244 -30.88 -26.61 18.43
C ILE C 244 -29.40 -26.52 18.78
N GLY C 245 -29.08 -26.36 20.06
CA GLY C 245 -27.71 -26.27 20.50
C GLY C 245 -27.20 -24.84 20.50
N TYR C 246 -25.88 -24.73 20.55
CA TYR C 246 -25.20 -23.44 20.56
C TYR C 246 -23.85 -23.63 19.87
N VAL C 247 -23.17 -22.53 19.61
CA VAL C 247 -21.95 -22.54 18.83
C VAL C 247 -20.92 -21.64 19.51
N GLY C 248 -19.66 -21.97 19.34
CA GLY C 248 -18.59 -21.29 20.04
C GLY C 248 -17.52 -20.81 19.10
N ASP C 249 -16.67 -19.92 19.63
CA ASP C 249 -15.49 -19.48 18.91
C ASP C 249 -14.73 -20.68 18.36
N ILE C 250 -14.23 -20.54 17.14
CA ILE C 250 -13.32 -21.56 16.59
C ILE C 250 -11.97 -21.36 17.24
N THR C 251 -11.40 -22.43 17.77
CA THR C 251 -10.16 -22.37 18.52
C THR C 251 -9.05 -23.07 17.76
N ALA C 252 -7.80 -22.70 18.07
CA ALA C 252 -6.66 -23.38 17.46
C ALA C 252 -6.77 -24.89 17.64
N GLU C 253 -7.21 -25.34 18.81
CA GLU C 253 -7.35 -26.78 19.02
C GLU C 253 -8.32 -27.38 18.03
N ASP C 254 -9.46 -26.70 17.79
CA ASP C 254 -10.42 -27.18 16.81
C ASP C 254 -9.78 -27.32 15.44
N ILE C 255 -8.80 -26.47 15.12
CA ILE C 255 -8.18 -26.54 13.80
C ILE C 255 -7.27 -27.76 13.71
N ASP C 256 -6.60 -28.11 14.82
CA ASP C 256 -5.87 -29.38 14.84
C ASP C 256 -6.79 -30.53 14.49
N LYS C 257 -7.94 -30.59 15.16
CA LYS C 257 -8.92 -31.63 14.88
C LYS C 257 -9.41 -31.55 13.44
N ASN C 258 -9.39 -30.37 12.83
CA ASN C 258 -9.87 -30.17 11.47
C ASN C 258 -9.27 -28.89 10.86
N PRO C 259 -8.16 -28.98 10.13
CA PRO C 259 -7.52 -27.76 9.63
C PRO C 259 -8.23 -27.09 8.46
N GLU C 260 -9.34 -27.64 7.98
CA GLU C 260 -10.11 -26.96 6.94
C GLU C 260 -10.91 -25.79 7.49
N LEU C 261 -10.92 -25.62 8.81
CA LEU C 261 -11.67 -24.53 9.42
C LEU C 261 -10.80 -23.28 9.46
N SER C 262 -11.44 -22.12 9.27
CA SER C 262 -10.78 -20.83 9.39
C SER C 262 -10.93 -20.28 10.79
N SER C 263 -10.00 -19.41 11.18
CA SER C 263 -9.99 -18.86 12.52
C SER C 263 -11.23 -18.03 12.84
N ASN C 264 -12.07 -17.71 11.86
CA ASN C 264 -13.06 -16.65 12.05
C ASN C 264 -14.51 -17.09 12.11
N GLY C 265 -14.84 -18.31 11.70
CA GLY C 265 -16.21 -18.77 11.78
C GLY C 265 -16.62 -19.14 13.19
N LYS C 266 -17.84 -19.66 13.29
CA LYS C 266 -18.28 -20.35 14.49
C LYS C 266 -18.46 -21.83 14.18
N ILE C 267 -18.56 -22.63 15.24
CA ILE C 267 -18.64 -24.08 15.13
C ILE C 267 -19.72 -24.60 16.06
N GLY C 268 -20.43 -25.63 15.60
CA GLY C 268 -21.45 -26.23 16.43
C GLY C 268 -20.81 -26.98 17.58
N ARG C 269 -21.30 -26.74 18.79
CA ARG C 269 -20.77 -27.35 19.99
C ARG C 269 -21.69 -28.40 20.60
N SER C 270 -22.99 -28.34 20.31
CA SER C 270 -23.94 -29.30 20.84
C SER C 270 -25.21 -29.22 20.01
N GLY C 271 -26.10 -30.19 20.22
CA GLY C 271 -27.37 -30.20 19.53
C GLY C 271 -27.22 -30.25 18.03
N LEU C 272 -28.25 -29.74 17.33
CA LEU C 272 -28.27 -29.83 15.88
C LEU C 272 -27.19 -28.96 15.24
N GLU C 273 -26.84 -27.84 15.87
CA GLU C 273 -25.75 -27.02 15.37
C GLU C 273 -24.51 -27.86 15.12
N MET C 274 -24.14 -28.70 16.09
CA MET C 274 -22.95 -29.52 15.96
C MET C 274 -23.21 -30.76 15.11
N ALA C 275 -24.42 -31.32 15.18
CA ALA C 275 -24.70 -32.55 14.45
C ALA C 275 -24.58 -32.36 12.95
N PHE C 276 -24.89 -31.16 12.44
CA PHE C 276 -24.83 -30.89 11.00
C PHE C 276 -23.79 -29.83 10.67
N ASP C 277 -22.77 -29.64 11.51
CA ASP C 277 -21.86 -28.52 11.33
C ASP C 277 -21.26 -28.49 9.93
N LYS C 278 -21.02 -29.66 9.34
CA LYS C 278 -20.48 -29.70 7.98
C LYS C 278 -21.42 -29.02 6.99
N ASP C 279 -22.67 -29.49 6.91
CA ASP C 279 -23.65 -28.90 6.01
C ASP C 279 -23.84 -27.42 6.28
N LEU C 280 -24.00 -27.05 7.56
CA LEU C 280 -24.33 -25.67 7.87
C LEU C 280 -23.17 -24.72 7.60
N ARG C 281 -21.93 -25.18 7.77
CA ARG C 281 -20.79 -24.27 7.73
C ARG C 281 -20.28 -23.98 6.33
N GLY C 282 -20.66 -24.76 5.33
CA GLY C 282 -20.23 -24.51 3.97
C GLY C 282 -18.77 -24.83 3.75
N THR C 283 -18.27 -24.42 2.59
CA THR C 283 -16.86 -24.60 2.25
C THR C 283 -16.29 -23.25 1.85
N THR C 284 -15.11 -22.94 2.36
CA THR C 284 -14.47 -21.65 2.07
C THR C 284 -14.01 -21.63 0.62
N GLY C 285 -14.13 -20.47 0.00
CA GLY C 285 -13.64 -20.27 -1.34
C GLY C 285 -12.25 -19.65 -1.32
N GLY C 286 -11.56 -19.79 -2.45
CA GLY C 286 -10.20 -19.29 -2.52
C GLY C 286 -9.74 -19.23 -3.97
N LYS C 287 -8.64 -18.51 -4.16
CA LYS C 287 -8.16 -18.18 -5.49
C LYS C 287 -6.66 -18.02 -5.45
N LEU C 288 -5.95 -18.84 -6.21
CA LEU C 288 -4.50 -18.77 -6.32
C LEU C 288 -4.17 -18.24 -7.71
N SER C 289 -3.52 -17.08 -7.76
CA SER C 289 -3.30 -16.37 -9.01
C SER C 289 -1.85 -15.96 -9.15
N ILE C 290 -1.41 -15.87 -10.40
CA ILE C 290 -0.12 -15.28 -10.75
C ILE C 290 -0.37 -13.86 -11.22
N THR C 291 0.41 -12.92 -10.71
CA THR C 291 0.24 -11.51 -11.02
C THR C 291 1.53 -10.96 -11.59
N ASP C 292 1.41 -9.84 -12.32
CA ASP C 292 2.58 -9.06 -12.69
C ASP C 292 3.14 -8.47 -11.40
N THR C 293 4.12 -7.57 -11.51
CA THR C 293 4.71 -7.07 -10.27
C THR C 293 3.78 -6.11 -9.54
N ASP C 294 2.55 -5.90 -10.02
CA ASP C 294 1.63 -4.92 -9.44
C ASP C 294 0.31 -5.54 -8.99
N GLY C 295 0.26 -6.85 -8.81
CA GLY C 295 -0.97 -7.48 -8.36
C GLY C 295 -2.07 -7.54 -9.38
N VAL C 296 -1.73 -7.46 -10.66
CA VAL C 296 -2.71 -7.57 -11.74
C VAL C 296 -2.75 -9.03 -12.19
N GLU C 297 -3.90 -9.68 -12.03
CA GLU C 297 -3.96 -11.11 -12.21
C GLU C 297 -3.65 -11.47 -13.66
N LYS C 298 -2.71 -12.40 -13.83
CA LYS C 298 -2.15 -12.79 -15.12
C LYS C 298 -2.50 -14.22 -15.52
N LYS C 299 -2.47 -15.16 -14.58
CA LYS C 299 -3.03 -16.49 -14.81
C LYS C 299 -3.56 -17.00 -13.48
N VAL C 300 -4.78 -17.52 -13.49
CA VAL C 300 -5.39 -18.11 -12.30
C VAL C 300 -5.03 -19.59 -12.28
N LEU C 301 -4.40 -20.03 -11.18
CA LEU C 301 -4.06 -21.43 -11.04
C LEU C 301 -5.21 -22.21 -10.40
N ILE C 302 -5.89 -21.61 -9.43
CA ILE C 302 -6.99 -22.25 -8.75
C ILE C 302 -8.06 -21.21 -8.42
N GLU C 303 -9.32 -21.60 -8.55
CA GLU C 303 -10.44 -20.80 -8.05
C GLU C 303 -11.53 -21.75 -7.61
N HIS C 304 -11.75 -21.84 -6.30
CA HIS C 304 -12.86 -22.60 -5.72
C HIS C 304 -13.83 -21.55 -5.18
N GLU C 305 -14.89 -21.28 -5.93
CA GLU C 305 -15.85 -20.27 -5.51
C GLU C 305 -16.52 -20.66 -4.20
N VAL C 306 -16.68 -19.67 -3.32
CA VAL C 306 -17.27 -19.91 -2.01
C VAL C 306 -18.56 -20.70 -2.15
N GLN C 307 -18.81 -21.58 -1.18
CA GLN C 307 -20.04 -22.35 -1.09
C GLN C 307 -20.68 -22.01 0.25
N ASN C 308 -21.78 -21.25 0.23
CA ASN C 308 -22.42 -20.91 1.49
C ASN C 308 -23.03 -22.16 2.11
N GLY C 309 -23.53 -22.00 3.35
CA GLY C 309 -24.05 -23.13 4.08
C GLY C 309 -25.48 -23.47 3.68
N LYS C 310 -25.79 -24.76 3.74
CA LYS C 310 -27.11 -25.24 3.38
C LYS C 310 -28.10 -24.94 4.50
N ASP C 311 -29.32 -24.61 4.12
CA ASP C 311 -30.43 -24.49 5.07
C ASP C 311 -30.94 -25.88 5.45
N ILE C 312 -31.56 -25.95 6.63
CA ILE C 312 -32.15 -27.20 7.12
C ILE C 312 -33.56 -26.90 7.62
N LYS C 313 -34.54 -27.59 7.05
CA LYS C 313 -35.94 -27.46 7.42
C LYS C 313 -36.30 -28.63 8.33
N LEU C 314 -36.80 -28.34 9.51
CA LEU C 314 -37.17 -29.37 10.47
C LEU C 314 -38.68 -29.57 10.50
N THR C 315 -39.10 -30.59 11.26
CA THR C 315 -40.52 -30.82 11.52
C THR C 315 -41.04 -29.97 12.68
N ILE C 316 -40.16 -29.45 13.54
CA ILE C 316 -40.56 -28.66 14.69
C ILE C 316 -41.56 -27.61 14.23
N ASP C 317 -42.49 -27.24 15.09
CA ASP C 317 -43.43 -26.14 14.86
C ASP C 317 -43.17 -25.14 15.99
N ALA C 318 -42.47 -24.05 15.67
CA ALA C 318 -41.83 -23.24 16.71
C ALA C 318 -42.83 -22.70 17.73
N LYS C 319 -44.09 -22.51 17.34
CA LYS C 319 -45.09 -22.08 18.32
C LYS C 319 -45.37 -23.20 19.31
N ALA C 320 -45.53 -24.43 18.81
CA ALA C 320 -45.66 -25.58 19.69
C ALA C 320 -44.47 -25.72 20.63
N GLN C 321 -43.26 -25.45 20.12
CA GLN C 321 -42.07 -25.60 20.94
C GLN C 321 -42.06 -24.60 22.09
N LYS C 322 -42.30 -23.32 21.78
CA LYS C 322 -42.28 -22.31 22.84
C LYS C 322 -43.40 -22.55 23.84
N THR C 323 -44.56 -23.03 23.36
CA THR C 323 -45.67 -23.33 24.27
C THR C 323 -45.37 -24.55 25.12
N ALA C 324 -44.87 -25.62 24.48
CA ALA C 324 -44.58 -26.84 25.23
C ALA C 324 -43.54 -26.59 26.30
N PHE C 325 -42.52 -25.78 25.99
CA PHE C 325 -41.50 -25.44 26.98
C PHE C 325 -42.08 -24.53 28.06
N ASP C 326 -42.74 -23.44 27.65
CA ASP C 326 -43.32 -22.52 28.62
C ASP C 326 -44.30 -23.22 29.54
N SER C 327 -44.98 -24.26 29.05
CA SER C 327 -45.97 -24.96 29.87
C SER C 327 -45.32 -25.65 31.06
N LEU C 328 -44.06 -26.02 30.96
CA LEU C 328 -43.38 -26.67 32.08
C LEU C 328 -43.03 -25.68 33.18
N GLY C 329 -43.28 -24.38 32.98
CA GLY C 329 -43.07 -23.37 34.00
C GLY C 329 -41.72 -23.41 34.67
N GLY C 330 -40.71 -23.92 33.99
CA GLY C 330 -39.37 -23.95 34.51
C GLY C 330 -39.04 -25.14 35.37
N LYS C 331 -40.02 -25.98 35.67
CA LYS C 331 -39.76 -27.21 36.41
C LYS C 331 -38.97 -28.20 35.54
N ALA C 332 -38.25 -29.10 36.20
CA ALA C 332 -37.60 -30.18 35.48
C ALA C 332 -38.69 -31.05 34.85
N GLY C 333 -38.57 -31.32 33.56
CA GLY C 333 -39.59 -32.08 32.86
C GLY C 333 -39.30 -32.20 31.39
N SER C 334 -40.34 -32.55 30.62
CA SER C 334 -40.13 -32.84 29.20
C SER C 334 -41.47 -32.95 28.48
N THR C 335 -41.51 -32.47 27.24
CA THR C 335 -42.69 -32.60 26.39
C THR C 335 -42.27 -33.05 24.99
N VAL C 336 -43.14 -33.85 24.35
CA VAL C 336 -42.91 -34.34 22.99
C VAL C 336 -44.24 -34.42 22.25
N ALA C 337 -44.33 -33.76 21.10
CA ALA C 337 -45.53 -33.74 20.28
C ALA C 337 -45.20 -34.19 18.86
N THR C 338 -46.07 -35.03 18.27
CA THR C 338 -45.82 -35.57 16.93
C THR C 338 -47.12 -35.69 16.13
N THR C 339 -47.01 -35.57 14.79
CA THR C 339 -48.15 -35.94 13.95
C THR C 339 -48.10 -37.46 13.83
N PRO C 340 -48.92 -38.19 14.60
CA PRO C 340 -48.63 -39.62 14.78
C PRO C 340 -48.74 -40.44 13.51
N LYS C 341 -49.56 -40.03 12.54
CA LYS C 341 -49.67 -40.82 11.33
C LYS C 341 -48.49 -40.63 10.37
N THR C 342 -47.53 -39.75 10.67
CA THR C 342 -46.37 -39.58 9.79
C THR C 342 -45.03 -39.53 10.51
N GLY C 343 -44.99 -39.28 11.81
CA GLY C 343 -43.76 -39.25 12.56
C GLY C 343 -43.20 -37.88 12.84
N ASP C 344 -43.73 -36.83 12.23
CA ASP C 344 -43.23 -35.48 12.45
C ASP C 344 -43.10 -35.18 13.93
N LEU C 345 -41.92 -34.73 14.34
CA LEU C 345 -41.69 -34.27 15.71
C LEU C 345 -42.00 -32.78 15.77
N LEU C 346 -43.12 -32.42 16.42
CA LEU C 346 -43.54 -31.03 16.47
C LEU C 346 -42.85 -30.23 17.56
N ALA C 347 -42.31 -30.88 18.58
CA ALA C 347 -41.66 -30.16 19.66
C ALA C 347 -40.87 -31.16 20.49
N LEU C 348 -39.67 -30.76 20.90
CA LEU C 348 -38.82 -31.55 21.78
C LEU C 348 -38.40 -30.60 22.90
N ALA C 349 -39.27 -30.46 23.89
CA ALA C 349 -39.05 -29.54 24.99
C ALA C 349 -38.33 -30.26 26.12
N SER C 350 -37.39 -29.54 26.74
CA SER C 350 -36.71 -30.00 27.94
C SER C 350 -36.49 -28.80 28.84
N SER C 351 -36.74 -29.00 30.14
CA SER C 351 -36.67 -27.95 31.13
C SER C 351 -36.03 -28.51 32.38
N PRO C 352 -35.23 -27.69 33.10
CA PRO C 352 -34.93 -26.29 32.78
C PRO C 352 -33.94 -26.22 31.63
N SER C 353 -33.59 -25.00 31.21
CA SER C 353 -32.79 -24.82 30.01
C SER C 353 -31.90 -23.61 30.21
N TYR C 354 -31.11 -23.29 29.18
CA TYR C 354 -30.11 -22.25 29.26
C TYR C 354 -30.27 -21.32 28.06
N ASP C 355 -29.62 -20.16 28.15
CA ASP C 355 -29.71 -19.15 27.11
C ASP C 355 -28.66 -19.44 26.06
N PRO C 356 -29.02 -20.08 24.93
CA PRO C 356 -27.99 -20.39 23.92
C PRO C 356 -27.41 -19.14 23.28
N ASN C 357 -28.11 -18.00 23.38
CA ASN C 357 -27.57 -16.76 22.84
C ASN C 357 -26.45 -16.21 23.71
N LYS C 358 -26.60 -16.31 25.03
CA LYS C 358 -25.52 -15.91 25.93
C LYS C 358 -24.28 -16.76 25.70
N MET C 359 -24.45 -18.07 25.48
CA MET C 359 -23.31 -18.94 25.28
C MET C 359 -22.55 -18.57 24.01
N THR C 360 -23.27 -18.25 22.93
CA THR C 360 -22.62 -17.95 21.66
C THR C 360 -22.00 -16.55 21.65
N ASN C 361 -22.68 -15.56 22.22
CA ASN C 361 -22.30 -14.17 22.06
C ASN C 361 -21.81 -13.50 23.33
N GLY C 362 -21.74 -14.22 24.45
CA GLY C 362 -21.26 -13.63 25.68
C GLY C 362 -22.14 -13.93 26.86
N ILE C 363 -21.54 -14.46 27.92
CA ILE C 363 -22.24 -14.90 29.12
C ILE C 363 -21.40 -14.51 30.32
N SER C 364 -22.00 -13.79 31.26
CA SER C 364 -21.29 -13.40 32.48
C SER C 364 -20.75 -14.62 33.20
N GLN C 365 -19.68 -14.41 33.97
CA GLN C 365 -19.10 -15.49 34.77
C GLN C 365 -20.07 -16.09 35.77
N GLU C 366 -21.16 -15.40 36.07
CA GLU C 366 -22.14 -15.91 37.04
C GLU C 366 -23.16 -16.83 36.39
N ASP C 367 -23.93 -16.31 35.43
CA ASP C 367 -24.92 -17.13 34.74
C ASP C 367 -24.34 -18.45 34.24
N TYR C 368 -23.02 -18.53 34.03
CA TYR C 368 -22.40 -19.75 33.55
C TYR C 368 -22.23 -20.78 34.68
N LYS C 369 -21.54 -20.39 35.76
CA LYS C 369 -21.46 -21.30 36.90
C LYS C 369 -22.85 -21.63 37.42
N ALA C 370 -23.83 -20.76 37.20
CA ALA C 370 -25.21 -21.08 37.53
C ALA C 370 -25.64 -22.35 36.80
N TYR C 371 -25.60 -22.31 35.47
CA TYR C 371 -26.00 -23.47 34.67
C TYR C 371 -25.22 -24.72 35.04
N GLU C 372 -23.90 -24.58 35.23
CA GLU C 372 -23.05 -25.76 35.41
C GLU C 372 -23.32 -26.45 36.74
N GLU C 373 -23.59 -25.68 37.79
CA GLU C 373 -23.77 -26.22 39.13
C GLU C 373 -25.23 -26.30 39.55
N ASN C 374 -26.16 -25.87 38.71
CA ASN C 374 -27.57 -26.15 38.94
C ASN C 374 -27.73 -27.67 38.98
N PRO C 375 -28.16 -28.26 40.10
CA PRO C 375 -28.21 -29.72 40.19
C PRO C 375 -29.36 -30.35 39.43
N GLU C 376 -30.31 -29.56 38.95
CA GLU C 376 -31.37 -30.07 38.09
C GLU C 376 -30.94 -30.18 36.63
N GLN C 377 -29.67 -29.86 36.34
CA GLN C 377 -29.02 -30.14 35.07
C GLN C 377 -29.78 -29.56 33.89
N PRO C 378 -29.62 -28.27 33.60
CA PRO C 378 -30.33 -27.69 32.46
C PRO C 378 -29.82 -28.19 31.11
N PHE C 379 -28.52 -28.47 30.99
CA PHE C 379 -27.96 -28.81 29.68
C PHE C 379 -28.42 -30.19 29.17
N ILE C 380 -29.12 -30.97 29.98
CA ILE C 380 -29.52 -32.32 29.58
C ILE C 380 -30.78 -32.26 28.72
N SER C 381 -30.75 -33.01 27.61
CA SER C 381 -31.89 -33.12 26.70
C SER C 381 -32.81 -34.23 27.21
N ARG C 382 -33.72 -33.86 28.11
CA ARG C 382 -34.59 -34.84 28.74
C ARG C 382 -35.42 -35.61 27.71
N PHE C 383 -35.81 -34.98 26.61
CA PHE C 383 -36.61 -35.67 25.61
C PHE C 383 -35.88 -36.84 24.96
N ALA C 384 -34.59 -37.04 25.26
CA ALA C 384 -33.87 -38.23 24.84
C ALA C 384 -33.40 -39.09 26.01
N THR C 385 -33.57 -38.62 27.24
CA THR C 385 -33.25 -39.42 28.42
C THR C 385 -34.27 -40.54 28.63
N GLY C 386 -33.76 -41.73 28.96
CA GLY C 386 -34.62 -42.88 29.19
C GLY C 386 -35.19 -42.89 30.60
N TYR C 387 -36.50 -43.09 30.69
CA TYR C 387 -37.23 -43.11 31.94
C TYR C 387 -38.03 -44.40 32.06
N ALA C 388 -38.57 -44.63 33.26
CA ALA C 388 -39.57 -45.68 33.47
C ALA C 388 -40.94 -45.10 33.14
N PRO C 389 -41.62 -45.56 32.09
CA PRO C 389 -42.79 -44.80 31.60
C PRO C 389 -43.95 -44.74 32.57
N GLY C 390 -44.09 -45.72 33.46
CA GLY C 390 -45.18 -45.71 34.42
C GLY C 390 -46.50 -46.15 33.82
N SER C 391 -47.56 -45.93 34.60
CA SER C 391 -48.90 -46.40 34.25
C SER C 391 -49.26 -46.17 32.79
N THR C 392 -48.76 -45.08 32.21
CA THR C 392 -49.04 -44.81 30.80
C THR C 392 -48.76 -46.03 29.95
N PHE C 393 -47.76 -46.84 30.34
CA PHE C 393 -47.37 -48.01 29.55
C PHE C 393 -48.45 -49.09 29.54
N LYS C 394 -49.32 -49.11 30.56
CA LYS C 394 -50.29 -50.20 30.66
C LYS C 394 -51.08 -50.40 29.37
N MET C 395 -51.23 -49.35 28.57
CA MET C 395 -51.98 -49.51 27.33
C MET C 395 -51.27 -50.43 26.34
N ILE C 396 -50.00 -50.75 26.57
CA ILE C 396 -49.32 -51.78 25.78
C ILE C 396 -49.70 -53.17 26.30
N THR C 397 -49.36 -53.44 27.57
CA THR C 397 -49.73 -54.71 28.19
C THR C 397 -51.15 -55.11 27.83
N ALA C 398 -52.08 -54.17 27.94
CA ALA C 398 -53.45 -54.43 27.53
C ALA C 398 -53.51 -54.88 26.08
N ALA C 399 -52.83 -54.15 25.19
CA ALA C 399 -52.89 -54.46 23.76
C ALA C 399 -52.31 -55.83 23.45
N ILE C 400 -51.30 -56.28 24.20
CA ILE C 400 -50.75 -57.61 23.99
C ILE C 400 -51.71 -58.68 24.50
N GLY C 401 -52.11 -58.56 25.78
CA GLY C 401 -53.11 -59.44 26.35
C GLY C 401 -54.31 -59.61 25.43
N LEU C 402 -54.81 -58.50 24.87
CA LEU C 402 -55.92 -58.59 23.93
C LEU C 402 -55.52 -59.34 22.67
N ASP C 403 -54.27 -59.19 22.22
CA ASP C 403 -53.88 -59.80 20.95
C ASP C 403 -53.84 -61.32 21.03
N ASN C 404 -53.32 -61.86 22.14
CA ASN C 404 -53.07 -63.29 22.27
C ASN C 404 -54.12 -64.01 23.12
N GLY C 405 -55.22 -63.36 23.44
CA GLY C 405 -56.32 -63.99 24.14
C GLY C 405 -56.24 -63.97 25.65
N THR C 406 -55.07 -63.72 26.23
CA THR C 406 -54.94 -63.77 27.69
C THR C 406 -56.03 -62.95 28.36
N ILE C 407 -56.29 -61.75 27.84
CA ILE C 407 -57.18 -60.80 28.48
C ILE C 407 -58.55 -60.88 27.81
N ASP C 408 -59.58 -61.17 28.59
CA ASP C 408 -60.95 -61.03 28.15
C ASP C 408 -61.45 -59.68 28.64
N PRO C 409 -61.77 -58.73 27.75
CA PRO C 409 -62.15 -57.39 28.22
C PRO C 409 -63.17 -57.40 29.35
N ASN C 410 -64.14 -58.30 29.30
CA ASN C 410 -65.26 -58.28 30.24
C ASN C 410 -65.01 -59.09 31.49
N GLU C 411 -64.12 -60.08 31.46
CA GLU C 411 -63.80 -60.82 32.66
C GLU C 411 -63.49 -59.85 33.80
N VAL C 412 -64.25 -59.96 34.88
CA VAL C 412 -64.15 -59.06 36.02
C VAL C 412 -63.33 -59.74 37.10
N LEU C 413 -62.18 -59.16 37.41
CA LEU C 413 -61.41 -59.58 38.56
C LEU C 413 -62.03 -58.97 39.83
N THR C 414 -61.82 -59.63 40.94
CA THR C 414 -62.32 -59.16 42.23
C THR C 414 -61.10 -58.75 43.06
N ILE C 415 -61.04 -57.46 43.40
CA ILE C 415 -59.82 -56.84 43.91
C ILE C 415 -60.17 -56.09 45.19
N ASN C 416 -59.51 -56.47 46.28
CA ASN C 416 -59.86 -56.03 47.63
C ASN C 416 -58.71 -55.26 48.24
N GLY C 417 -58.99 -54.07 48.75
CA GLY C 417 -57.96 -53.28 49.37
C GLY C 417 -57.11 -52.59 48.33
N LEU C 418 -56.02 -51.97 48.79
CA LEU C 418 -55.15 -51.24 47.89
C LEU C 418 -53.89 -52.00 47.52
N LYS C 419 -53.46 -52.97 48.32
CA LYS C 419 -52.23 -53.71 48.10
C LYS C 419 -52.55 -55.15 47.69
N TRP C 420 -51.53 -55.83 47.17
CA TRP C 420 -51.71 -57.15 46.59
C TRP C 420 -50.36 -57.82 46.37
N GLN C 421 -50.37 -59.16 46.37
CA GLN C 421 -49.21 -59.91 45.90
C GLN C 421 -49.63 -61.34 45.58
N LYS C 422 -48.75 -62.04 44.85
CA LYS C 422 -49.03 -63.40 44.39
C LYS C 422 -49.22 -64.35 45.55
N ASP C 423 -48.34 -64.30 46.53
CA ASP C 423 -48.42 -65.09 47.75
C ASP C 423 -47.36 -64.53 48.68
N SER C 424 -47.28 -65.09 49.89
CA SER C 424 -46.40 -64.53 50.90
C SER C 424 -44.92 -64.62 50.51
N SER C 425 -44.57 -65.35 49.46
CA SER C 425 -43.17 -65.45 49.06
C SER C 425 -42.66 -64.19 48.37
N TRP C 426 -43.49 -63.15 48.27
CA TRP C 426 -43.08 -61.84 47.77
C TRP C 426 -42.69 -60.88 48.90
N GLY C 427 -42.40 -61.41 50.10
CA GLY C 427 -42.01 -60.57 51.21
C GLY C 427 -42.85 -59.31 51.37
N SER C 428 -42.25 -58.16 51.09
CA SER C 428 -42.91 -56.87 51.23
C SER C 428 -43.24 -56.24 49.88
N TYR C 429 -43.08 -56.98 48.79
CA TYR C 429 -43.30 -56.45 47.45
C TYR C 429 -44.78 -56.57 47.13
N GLN C 430 -45.50 -55.45 47.23
CA GLN C 430 -46.93 -55.43 46.98
C GLN C 430 -47.24 -54.47 45.83
N VAL C 431 -48.14 -54.89 44.95
CA VAL C 431 -48.67 -54.01 43.92
C VAL C 431 -49.79 -53.19 44.56
N THR C 432 -49.62 -51.87 44.58
CA THR C 432 -50.57 -50.98 45.23
C THR C 432 -51.25 -50.08 44.21
N ARG C 433 -52.52 -49.76 44.50
CA ARG C 433 -53.31 -48.80 43.73
C ARG C 433 -53.87 -47.81 44.73
N VAL C 434 -54.70 -46.87 44.31
CA VAL C 434 -55.24 -45.85 45.19
C VAL C 434 -56.74 -45.81 45.22
N SER C 435 -57.41 -46.33 44.21
CA SER C 435 -58.86 -46.33 44.12
C SER C 435 -59.31 -47.77 44.27
N ASP C 436 -59.96 -48.04 45.40
CA ASP C 436 -60.37 -49.39 45.80
C ASP C 436 -61.66 -49.81 45.09
N VAL C 437 -61.61 -49.85 43.75
CA VAL C 437 -62.70 -50.45 43.01
C VAL C 437 -62.66 -51.96 43.18
N SER C 438 -63.83 -52.56 43.35
CA SER C 438 -63.91 -53.97 43.71
C SER C 438 -64.00 -54.87 42.49
N HIS C 439 -64.95 -54.61 41.61
CA HIS C 439 -65.11 -55.36 40.37
C HIS C 439 -64.53 -54.58 39.20
N VAL C 440 -63.47 -55.12 38.63
CA VAL C 440 -62.65 -54.46 37.61
C VAL C 440 -62.67 -55.29 36.33
N ASP C 441 -63.16 -54.67 35.26
CA ASP C 441 -62.93 -55.12 33.89
C ASP C 441 -61.86 -54.22 33.27
N LEU C 442 -61.36 -54.62 32.11
CA LEU C 442 -60.24 -53.90 31.51
C LEU C 442 -60.52 -52.40 31.47
N LYS C 443 -61.67 -52.00 30.91
CA LYS C 443 -61.99 -50.58 30.84
C LYS C 443 -61.82 -49.90 32.20
N THR C 444 -62.40 -50.49 33.25
CA THR C 444 -62.27 -49.89 34.56
C THR C 444 -60.81 -49.82 34.99
N ALA C 445 -60.00 -50.80 34.57
CA ALA C 445 -58.59 -50.78 34.93
C ALA C 445 -57.91 -49.54 34.37
N LEU C 446 -58.20 -49.19 33.12
CA LEU C 446 -57.58 -48.03 32.49
C LEU C 446 -58.19 -46.71 32.97
N ILE C 447 -59.48 -46.69 33.28
CA ILE C 447 -60.11 -45.46 33.74
C ILE C 447 -59.54 -45.06 35.10
N TYR C 448 -59.19 -46.03 35.94
CA TYR C 448 -58.67 -45.75 37.28
C TYR C 448 -57.15 -45.92 37.39
N SER C 449 -56.49 -46.49 36.38
CA SER C 449 -55.08 -46.81 36.46
C SER C 449 -54.82 -47.80 37.60
N ASP C 450 -55.36 -48.99 37.41
CA ASP C 450 -55.32 -50.06 38.41
C ASP C 450 -54.06 -50.88 38.21
N ASN C 451 -53.01 -50.57 38.98
CA ASN C 451 -51.80 -51.38 38.94
C ASN C 451 -52.12 -52.85 39.10
N ILE C 452 -53.00 -53.19 40.04
CA ILE C 452 -53.24 -54.59 40.40
C ILE C 452 -53.84 -55.35 39.24
N TYR C 453 -54.96 -54.87 38.69
CA TYR C 453 -55.56 -55.54 37.55
C TYR C 453 -54.52 -55.88 36.49
N MET C 454 -53.64 -54.92 36.18
CA MET C 454 -52.66 -55.11 35.12
C MET C 454 -51.56 -56.08 35.57
N ALA C 455 -51.06 -55.90 36.79
CA ALA C 455 -50.07 -56.82 37.34
C ALA C 455 -50.58 -58.26 37.28
N GLN C 456 -51.88 -58.45 37.51
CA GLN C 456 -52.45 -59.80 37.52
C GLN C 456 -52.55 -60.35 36.10
N GLU C 457 -53.26 -59.65 35.22
CA GLU C 457 -53.39 -60.09 33.84
C GLU C 457 -52.03 -60.30 33.17
N THR C 458 -50.96 -59.70 33.72
CA THR C 458 -49.62 -59.90 33.15
C THR C 458 -49.10 -61.30 33.46
N LEU C 459 -49.00 -61.65 34.74
CA LEU C 459 -48.56 -62.99 35.14
C LEU C 459 -49.39 -64.06 34.44
N LYS C 460 -50.70 -63.83 34.32
CA LYS C 460 -51.58 -64.70 33.55
C LYS C 460 -51.05 -64.89 32.14
N MET C 461 -50.26 -63.96 31.64
CA MET C 461 -49.70 -64.00 30.29
C MET C 461 -48.28 -64.54 30.25
N GLY C 462 -47.45 -64.19 31.24
CA GLY C 462 -46.15 -64.82 31.34
C GLY C 462 -45.10 -64.26 30.41
N GLU C 463 -43.86 -64.27 30.87
CA GLU C 463 -42.74 -63.66 30.14
C GLU C 463 -42.77 -63.95 28.64
N LYS C 464 -43.01 -65.21 28.26
CA LYS C 464 -42.92 -65.59 26.86
C LYS C 464 -43.88 -64.80 25.99
N ASN C 465 -45.16 -64.80 26.33
CA ASN C 465 -46.16 -64.10 25.51
C ASN C 465 -46.14 -62.59 25.72
N PHE C 466 -45.62 -62.11 26.85
CA PHE C 466 -45.43 -60.68 27.03
C PHE C 466 -44.30 -60.18 26.14
N ARG C 467 -43.14 -60.84 26.18
CA ARG C 467 -42.03 -60.45 25.33
C ARG C 467 -42.34 -60.66 23.86
N ALA C 468 -43.11 -61.72 23.54
CA ALA C 468 -43.52 -61.94 22.16
C ALA C 468 -44.17 -60.71 21.57
N GLY C 469 -44.91 -59.96 22.39
CA GLY C 469 -45.54 -58.73 21.94
C GLY C 469 -44.59 -57.55 22.01
N LEU C 470 -43.89 -57.40 23.14
CA LEU C 470 -42.93 -56.32 23.27
C LEU C 470 -41.89 -56.36 22.17
N ASP C 471 -41.35 -57.55 21.89
CA ASP C 471 -40.32 -57.68 20.87
C ASP C 471 -40.82 -57.26 19.49
N LYS C 472 -42.13 -57.11 19.33
CA LYS C 472 -42.68 -56.59 18.08
C LYS C 472 -42.54 -55.08 17.96
N PHE C 473 -41.99 -54.42 18.98
CA PHE C 473 -41.89 -52.97 19.00
C PHE C 473 -40.48 -52.58 18.56
N ILE C 474 -39.88 -51.58 19.20
CA ILE C 474 -38.61 -51.03 18.71
C ILE C 474 -37.56 -51.02 19.82
N PHE C 475 -37.75 -51.88 20.82
CA PHE C 475 -36.72 -52.04 21.83
C PHE C 475 -35.42 -52.45 21.16
N GLY C 476 -34.31 -51.90 21.63
CA GLY C 476 -33.03 -52.17 21.01
C GLY C 476 -32.75 -51.36 19.76
N GLU C 477 -33.75 -51.17 18.91
CA GLU C 477 -33.54 -50.45 17.67
C GLU C 477 -33.03 -49.04 17.93
N ASP C 478 -32.21 -48.55 17.01
CA ASP C 478 -31.79 -47.15 16.99
C ASP C 478 -32.49 -46.46 15.83
N LEU C 479 -33.09 -45.31 16.11
CA LEU C 479 -33.79 -44.56 15.08
C LEU C 479 -32.81 -43.73 14.27
N ASP C 480 -33.21 -43.41 13.04
CA ASP C 480 -32.37 -42.64 12.13
C ASP C 480 -32.59 -41.14 12.34
N LEU C 481 -32.32 -40.71 13.58
CA LEU C 481 -32.50 -39.32 13.99
C LEU C 481 -31.18 -38.71 14.43
N PRO C 482 -30.99 -37.38 14.21
CA PRO C 482 -29.78 -36.69 14.65
C PRO C 482 -29.81 -36.29 16.13
N ILE C 483 -30.16 -37.24 16.99
CA ILE C 483 -30.14 -37.05 18.43
C ILE C 483 -29.47 -38.26 19.04
N SER C 484 -28.46 -38.03 19.88
CA SER C 484 -27.71 -39.10 20.50
C SER C 484 -28.51 -39.66 21.66
N MET C 485 -28.78 -40.97 21.64
CA MET C 485 -29.71 -41.57 22.58
C MET C 485 -29.55 -43.08 22.54
N ASN C 486 -29.53 -43.69 23.73
CA ASN C 486 -29.47 -45.14 23.84
C ASN C 486 -30.83 -45.75 23.47
N PRO C 487 -30.85 -46.95 22.92
CA PRO C 487 -32.13 -47.57 22.54
C PRO C 487 -32.94 -47.91 23.79
N ALA C 488 -34.19 -48.32 23.56
CA ALA C 488 -35.08 -48.69 24.65
C ALA C 488 -34.82 -50.14 25.06
N GLN C 489 -34.85 -50.40 26.37
CA GLN C 489 -34.64 -51.73 26.89
C GLN C 489 -35.88 -52.19 27.64
N ILE C 490 -36.13 -53.50 27.57
CA ILE C 490 -37.19 -54.10 28.39
C ILE C 490 -36.67 -54.39 29.78
N SER C 491 -35.44 -54.90 29.86
CA SER C 491 -34.80 -55.26 31.11
C SER C 491 -33.32 -55.37 30.83
N ASN C 492 -32.53 -55.53 31.90
CA ASN C 492 -31.09 -55.65 31.76
C ASN C 492 -30.68 -57.01 31.19
N GLU C 493 -31.61 -57.97 31.13
CA GLU C 493 -31.34 -59.31 30.58
C GLU C 493 -32.49 -59.79 29.71
N GLU C 494 -32.24 -60.90 29.00
CA GLU C 494 -33.25 -61.53 28.15
C GLU C 494 -34.27 -62.32 28.97
N SER C 495 -34.15 -62.28 30.30
CA SER C 495 -35.12 -62.86 31.20
C SER C 495 -35.33 -61.89 32.35
N PHE C 496 -36.51 -61.94 32.95
CA PHE C 496 -36.80 -61.06 34.07
C PHE C 496 -36.09 -61.52 35.33
N ASN C 497 -35.89 -62.82 35.50
CA ASN C 497 -35.20 -63.35 36.67
C ASN C 497 -35.95 -62.99 37.94
N SER C 498 -37.28 -63.05 37.87
CA SER C 498 -38.17 -62.75 38.99
C SER C 498 -39.62 -62.75 38.51
N ASP C 499 -40.55 -63.13 39.38
CA ASP C 499 -41.97 -62.90 39.10
C ASP C 499 -42.33 -61.43 39.32
N ILE C 500 -41.90 -60.90 40.46
CA ILE C 500 -42.24 -59.52 40.83
C ILE C 500 -41.87 -58.57 39.71
N LEU C 501 -40.70 -58.74 39.11
CA LEU C 501 -40.28 -57.84 38.04
C LEU C 501 -41.20 -57.93 36.84
N LEU C 502 -41.62 -59.15 36.47
CA LEU C 502 -42.56 -59.31 35.37
C LEU C 502 -43.84 -58.52 35.57
N ALA C 503 -44.28 -58.37 36.83
CA ALA C 503 -45.49 -57.60 37.10
C ALA C 503 -45.19 -56.11 37.04
N ASP C 504 -44.22 -55.66 37.84
CA ASP C 504 -43.76 -54.27 37.79
C ASP C 504 -43.61 -53.80 36.35
N THR C 505 -43.00 -54.62 35.50
CA THR C 505 -42.81 -54.25 34.11
C THR C 505 -44.14 -54.12 33.37
N GLY C 506 -45.15 -54.89 33.79
CA GLY C 506 -46.43 -54.86 33.12
C GLY C 506 -47.16 -53.55 33.29
N TYR C 507 -46.92 -52.83 34.38
CA TYR C 507 -47.57 -51.54 34.62
C TYR C 507 -46.56 -50.39 34.63
N GLY C 508 -45.49 -50.51 33.86
CA GLY C 508 -44.68 -49.37 33.49
C GLY C 508 -43.48 -49.06 34.35
N GLN C 509 -42.99 -50.02 35.14
CA GLN C 509 -41.81 -49.79 35.96
C GLN C 509 -40.79 -50.90 35.73
N GLY C 510 -40.20 -51.42 36.81
CA GLY C 510 -39.18 -52.44 36.65
C GLY C 510 -37.93 -51.90 35.98
N GLU C 511 -37.31 -52.73 35.14
CA GLU C 511 -36.10 -52.35 34.44
C GLU C 511 -36.37 -51.79 33.05
N LEU C 512 -37.51 -51.12 32.88
CA LEU C 512 -37.82 -50.44 31.63
C LEU C 512 -37.07 -49.12 31.55
N LEU C 513 -36.59 -48.79 30.36
CA LEU C 513 -36.00 -47.48 30.11
C LEU C 513 -36.43 -47.05 28.71
N ILE C 514 -37.32 -46.07 28.63
CA ILE C 514 -37.77 -45.49 27.38
C ILE C 514 -37.74 -43.98 27.52
N ASN C 515 -37.23 -43.30 26.51
CA ASN C 515 -37.16 -41.85 26.50
C ASN C 515 -38.34 -41.27 25.73
N PRO C 516 -38.70 -40.03 26.03
CA PRO C 516 -39.98 -39.49 25.52
C PRO C 516 -40.18 -39.62 24.01
N ILE C 517 -39.10 -39.62 23.23
CA ILE C 517 -39.25 -39.79 21.79
C ILE C 517 -39.55 -41.25 21.46
N GLN C 518 -38.92 -42.19 22.16
CA GLN C 518 -39.20 -43.61 21.93
C GLN C 518 -40.59 -43.98 22.39
N GLN C 519 -41.04 -43.44 23.54
CA GLN C 519 -42.42 -43.65 23.97
C GLN C 519 -43.40 -43.22 22.88
N ALA C 520 -43.27 -41.99 22.41
CA ALA C 520 -44.19 -41.45 21.40
C ALA C 520 -44.21 -42.30 20.13
N ALA C 521 -43.16 -43.08 19.89
CA ALA C 521 -43.14 -43.95 18.72
C ALA C 521 -43.95 -45.22 18.99
N MET C 522 -43.78 -45.81 20.17
CA MET C 522 -44.50 -47.03 20.49
C MET C 522 -46.00 -46.77 20.58
N TYR C 523 -46.40 -45.63 21.14
CA TYR C 523 -47.81 -45.33 21.30
C TYR C 523 -48.49 -44.92 19.98
N SER C 524 -47.72 -44.68 18.92
CA SER C 524 -48.32 -44.32 17.64
C SER C 524 -49.21 -45.42 17.09
N VAL C 525 -49.04 -46.66 17.55
CA VAL C 525 -49.85 -47.77 17.07
C VAL C 525 -51.34 -47.51 17.32
N PHE C 526 -51.66 -46.71 18.34
CA PHE C 526 -53.06 -46.46 18.66
C PHE C 526 -53.69 -45.41 17.76
N ALA C 527 -52.90 -44.76 16.90
CA ALA C 527 -53.43 -43.88 15.87
C ALA C 527 -53.32 -44.49 14.48
N ASN C 528 -52.89 -45.75 14.38
CA ASN C 528 -52.64 -46.36 13.07
C ASN C 528 -53.06 -47.83 13.06
N ASN C 529 -54.19 -48.15 13.69
CA ASN C 529 -54.72 -49.50 13.73
C ASN C 529 -53.62 -50.54 14.00
N GLY C 530 -52.69 -50.22 14.89
CA GLY C 530 -51.66 -51.15 15.27
C GLY C 530 -50.37 -51.09 14.48
N THR C 531 -50.27 -50.25 13.47
CA THR C 531 -49.00 -50.04 12.78
C THR C 531 -48.21 -48.95 13.50
N LEU C 532 -46.92 -49.21 13.70
CA LEU C 532 -46.02 -48.23 14.31
C LEU C 532 -45.44 -47.32 13.25
N VAL C 533 -45.39 -46.04 13.55
CA VAL C 533 -44.86 -45.02 12.65
C VAL C 533 -43.64 -44.41 13.33
N TYR C 534 -42.48 -44.57 12.69
CA TYR C 534 -41.25 -44.09 13.31
C TYR C 534 -41.23 -42.57 13.33
N PRO C 535 -40.66 -41.96 14.36
CA PRO C 535 -40.63 -40.49 14.41
C PRO C 535 -39.69 -39.92 13.36
N LYS C 536 -39.99 -38.68 12.96
CA LYS C 536 -39.33 -38.00 11.87
C LYS C 536 -38.95 -36.59 12.32
N LEU C 537 -37.68 -36.24 12.18
CA LEU C 537 -37.23 -34.90 12.55
C LEU C 537 -36.76 -34.05 11.38
N ILE C 538 -36.30 -34.65 10.29
CA ILE C 538 -35.91 -33.90 9.11
C ILE C 538 -37.14 -33.73 8.22
N ALA C 539 -37.38 -32.49 7.79
CA ALA C 539 -38.64 -32.15 7.13
C ALA C 539 -38.87 -32.98 5.88
N ASP C 540 -37.80 -33.30 5.14
CA ASP C 540 -37.94 -33.93 3.83
C ASP C 540 -37.98 -35.45 3.90
N LYS C 541 -37.31 -36.07 4.87
CA LYS C 541 -37.18 -37.51 4.90
C LYS C 541 -38.53 -38.19 4.71
N GLU C 542 -38.49 -39.39 4.12
CA GLU C 542 -39.70 -40.16 3.84
C GLU C 542 -40.24 -40.81 5.10
N THR C 543 -41.57 -40.89 5.20
CA THR C 543 -42.19 -41.61 6.31
C THR C 543 -41.92 -43.10 6.16
N LYS C 544 -41.69 -43.75 7.30
CA LYS C 544 -41.43 -45.19 7.35
C LYS C 544 -42.09 -45.79 8.58
N ASP C 545 -42.74 -46.94 8.40
CA ASP C 545 -43.55 -47.54 9.45
C ASP C 545 -43.26 -49.04 9.58
N LYS C 546 -44.03 -49.70 10.46
CA LYS C 546 -43.77 -51.10 10.82
C LYS C 546 -45.12 -51.73 11.14
N LYS C 547 -45.68 -52.48 10.18
CA LYS C 547 -47.07 -52.89 10.23
C LYS C 547 -47.30 -54.04 11.20
N ASN C 548 -48.57 -54.19 11.58
CA ASN C 548 -49.06 -55.28 12.43
C ASN C 548 -48.15 -55.49 13.63
N VAL C 549 -48.00 -54.42 14.40
CA VAL C 549 -47.34 -54.52 15.71
C VAL C 549 -48.34 -54.93 16.79
N ILE C 550 -49.58 -54.49 16.68
CA ILE C 550 -50.67 -54.98 17.52
C ILE C 550 -51.92 -55.13 16.64
N GLY C 551 -52.95 -55.73 17.22
CA GLY C 551 -54.13 -56.06 16.45
C GLY C 551 -55.05 -54.87 16.30
N GLU C 552 -55.62 -54.72 15.10
CA GLU C 552 -56.61 -53.68 14.86
C GLU C 552 -57.72 -53.76 15.89
N THR C 553 -58.06 -54.98 16.33
CA THR C 553 -59.10 -55.15 17.34
C THR C 553 -58.62 -54.69 18.72
N ALA C 554 -57.35 -54.97 19.05
CA ALA C 554 -56.81 -54.51 20.32
C ALA C 554 -56.77 -52.99 20.38
N VAL C 555 -56.59 -52.34 19.23
CA VAL C 555 -56.64 -50.88 19.17
C VAL C 555 -58.04 -50.38 19.47
N GLN C 556 -59.03 -50.85 18.72
CA GLN C 556 -60.41 -50.39 18.85
C GLN C 556 -61.03 -50.79 20.17
N THR C 557 -60.52 -51.84 20.81
CA THR C 557 -60.94 -52.15 22.17
C THR C 557 -60.41 -51.11 23.16
N ILE C 558 -59.13 -50.77 23.04
CA ILE C 558 -58.44 -49.98 24.06
C ILE C 558 -58.77 -48.50 23.95
N VAL C 559 -58.83 -47.97 22.73
CA VAL C 559 -58.96 -46.52 22.55
C VAL C 559 -60.21 -45.99 23.25
N PRO C 560 -61.42 -46.49 22.94
CA PRO C 560 -62.60 -45.93 23.60
C PRO C 560 -62.54 -46.05 25.11
N ASP C 561 -61.81 -47.03 25.64
CA ASP C 561 -61.53 -47.06 27.07
C ASP C 561 -60.65 -45.87 27.47
N LEU C 562 -59.78 -45.41 26.57
CA LEU C 562 -58.91 -44.29 26.89
C LEU C 562 -59.65 -42.96 26.81
N ARG C 563 -60.68 -42.85 25.96
CA ARG C 563 -61.53 -41.67 26.00
C ARG C 563 -62.14 -41.49 27.38
N GLU C 564 -62.67 -42.57 27.96
CA GLU C 564 -63.36 -42.49 29.26
C GLU C 564 -62.40 -42.20 30.40
N VAL C 565 -61.09 -42.32 30.17
CA VAL C 565 -60.11 -41.77 31.09
C VAL C 565 -60.30 -40.26 31.21
N VAL C 566 -60.96 -39.64 30.23
CA VAL C 566 -61.21 -38.20 30.24
C VAL C 566 -62.64 -37.91 30.70
N GLN C 567 -63.64 -38.45 30.00
CA GLN C 567 -65.03 -38.08 30.29
C GLN C 567 -65.46 -38.46 31.70
N ASP C 568 -65.35 -39.76 32.04
CA ASP C 568 -65.85 -40.25 33.32
C ASP C 568 -65.37 -39.39 34.48
N VAL C 569 -66.30 -39.05 35.38
CA VAL C 569 -65.98 -38.18 36.50
C VAL C 569 -64.83 -38.77 37.32
N ASN C 570 -64.71 -40.09 37.35
CA ASN C 570 -63.66 -40.73 38.14
C ASN C 570 -62.37 -40.97 37.35
N GLY C 571 -62.35 -40.63 36.05
CA GLY C 571 -61.14 -40.81 35.28
C GLY C 571 -59.96 -40.06 35.86
N THR C 572 -58.78 -40.67 35.72
CA THR C 572 -57.56 -40.03 36.20
C THR C 572 -57.27 -38.73 35.47
N ALA C 573 -57.82 -38.55 34.26
CA ALA C 573 -57.57 -37.38 33.44
C ALA C 573 -58.87 -36.64 33.15
N HIS C 574 -59.74 -36.58 34.15
CA HIS C 574 -61.02 -35.89 33.98
C HIS C 574 -60.84 -34.39 33.81
N SER C 575 -59.81 -33.80 34.44
CA SER C 575 -59.64 -32.36 34.38
C SER C 575 -59.48 -31.83 32.96
N LEU C 576 -59.10 -32.69 32.01
CA LEU C 576 -58.94 -32.25 30.63
C LEU C 576 -60.26 -32.25 29.86
N SER C 577 -61.33 -32.80 30.45
CA SER C 577 -62.63 -32.78 29.79
C SER C 577 -63.23 -31.38 29.73
N ALA C 578 -62.78 -30.47 30.60
CA ALA C 578 -63.29 -29.11 30.58
C ALA C 578 -63.09 -28.43 29.22
N LEU C 579 -62.07 -28.85 28.48
CA LEU C 579 -61.68 -28.11 27.27
C LEU C 579 -62.70 -28.28 26.14
N GLY C 580 -63.34 -29.44 26.05
CA GLY C 580 -64.29 -29.66 24.99
C GLY C 580 -63.66 -30.12 23.69
N ILE C 581 -62.54 -30.82 23.76
CA ILE C 581 -61.81 -31.26 22.56
C ILE C 581 -61.75 -32.79 22.58
N PRO C 582 -61.88 -33.45 21.43
CA PRO C 582 -61.76 -34.92 21.41
C PRO C 582 -60.39 -35.41 21.86
N LEU C 583 -60.34 -36.04 23.03
CA LEU C 583 -59.11 -36.56 23.62
C LEU C 583 -59.24 -38.03 23.98
N ALA C 584 -58.16 -38.75 23.78
CA ALA C 584 -57.92 -40.06 24.40
C ALA C 584 -56.62 -39.91 25.19
N ALA C 585 -56.61 -40.38 26.43
CA ALA C 585 -55.45 -40.12 27.27
C ALA C 585 -55.26 -41.22 28.30
N LYS C 586 -54.02 -41.34 28.76
CA LYS C 586 -53.64 -42.19 29.88
C LYS C 586 -52.61 -41.39 30.68
N THR C 587 -52.59 -41.62 31.98
CA THR C 587 -51.72 -40.85 32.86
C THR C 587 -50.70 -41.75 33.54
N GLY C 588 -49.91 -41.16 34.43
CA GLY C 588 -48.93 -41.91 35.19
C GLY C 588 -48.46 -41.13 36.40
N THR C 589 -47.89 -41.87 37.35
CA THR C 589 -47.27 -41.30 38.52
C THR C 589 -46.34 -42.36 39.08
N ALA C 590 -45.28 -41.93 39.76
CA ALA C 590 -44.26 -42.86 40.20
C ALA C 590 -43.75 -42.49 41.58
N GLU C 591 -43.25 -43.51 42.28
CA GLU C 591 -42.68 -43.35 43.61
C GLU C 591 -41.17 -43.57 43.56
N ILE C 592 -40.43 -42.75 44.29
CA ILE C 592 -39.00 -42.97 44.45
C ILE C 592 -38.54 -42.58 45.85
N LYS C 601 -40.16 -38.59 46.51
CA LYS C 601 -40.09 -38.11 45.14
C LYS C 601 -41.02 -38.87 44.20
N GLU C 602 -41.77 -38.12 43.38
CA GLU C 602 -42.77 -38.71 42.51
C GLU C 602 -42.79 -37.94 41.19
N ASN C 603 -42.65 -38.67 40.09
CA ASN C 603 -42.80 -38.15 38.75
C ASN C 603 -44.26 -38.22 38.32
N SER C 604 -44.59 -37.45 37.28
CA SER C 604 -45.95 -37.44 36.74
C SER C 604 -45.87 -37.47 35.23
N PHE C 605 -46.77 -38.22 34.61
CA PHE C 605 -46.75 -38.47 33.18
C PHE C 605 -48.10 -38.11 32.58
N LEU C 606 -48.11 -37.99 31.25
CA LEU C 606 -49.36 -37.82 30.52
C LEU C 606 -49.14 -38.20 29.06
N PHE C 607 -50.06 -38.97 28.52
CA PHE C 607 -50.16 -39.30 27.11
C PHE C 607 -51.52 -38.88 26.61
N ALA C 608 -51.55 -38.25 25.43
CA ALA C 608 -52.79 -37.71 24.89
C ALA C 608 -52.67 -37.61 23.38
N PHE C 609 -53.79 -37.85 22.69
CA PHE C 609 -53.84 -37.68 21.24
C PHE C 609 -55.30 -37.53 20.85
N ASN C 610 -55.53 -37.21 19.58
CA ASN C 610 -56.87 -36.91 19.11
C ASN C 610 -57.41 -38.11 18.35
N PRO C 611 -58.43 -38.81 18.87
CA PRO C 611 -58.91 -40.03 18.21
C PRO C 611 -59.87 -39.81 17.06
N ASP C 612 -60.37 -38.59 16.86
CA ASP C 612 -61.27 -38.34 15.74
C ASP C 612 -60.50 -38.23 14.44
N ASN C 613 -59.37 -37.51 14.45
CA ASN C 613 -58.60 -37.23 13.26
C ASN C 613 -57.13 -37.63 13.34
N GLN C 614 -56.63 -38.01 14.53
CA GLN C 614 -55.25 -38.48 14.67
C GLN C 614 -54.25 -37.39 14.27
N GLY C 615 -54.63 -36.13 14.45
CA GLY C 615 -53.80 -35.04 13.99
C GLY C 615 -52.59 -34.76 14.86
N TYR C 616 -52.65 -35.15 16.13
CA TYR C 616 -51.54 -34.93 17.04
C TYR C 616 -51.49 -36.05 18.07
N MET C 617 -50.41 -36.03 18.85
CA MET C 617 -50.15 -36.96 19.93
C MET C 617 -49.04 -36.35 20.77
N MET C 618 -49.17 -36.44 22.09
CA MET C 618 -48.17 -35.82 22.96
C MET C 618 -47.82 -36.76 24.09
N VAL C 619 -46.62 -36.54 24.63
CA VAL C 619 -46.08 -37.31 25.74
C VAL C 619 -45.32 -36.33 26.61
N SER C 620 -45.85 -36.05 27.79
CA SER C 620 -45.30 -35.03 28.66
C SER C 620 -44.94 -35.66 30.00
N MET C 621 -43.77 -35.32 30.51
CA MET C 621 -43.32 -35.79 31.81
C MET C 621 -43.08 -34.59 32.71
N LEU C 622 -43.02 -34.85 34.00
CA LEU C 622 -42.76 -33.82 35.00
C LEU C 622 -41.93 -34.50 36.08
N GLU C 623 -40.62 -34.28 36.02
CA GLU C 623 -39.67 -34.96 36.89
C GLU C 623 -39.75 -34.34 38.28
N ASN C 624 -40.09 -35.18 39.27
CA ASN C 624 -40.08 -34.77 40.68
C ASN C 624 -41.08 -33.63 40.91
N LYS C 625 -42.36 -34.00 40.85
CA LYS C 625 -43.44 -33.03 40.98
C LYS C 625 -43.62 -32.58 42.44
N GLU C 626 -44.41 -31.51 42.58
CA GLU C 626 -44.83 -30.96 43.86
C GLU C 626 -46.32 -31.21 44.11
N ASP C 627 -46.74 -30.92 45.35
CA ASP C 627 -48.12 -31.12 45.76
C ASP C 627 -49.12 -30.50 44.79
N ASP C 628 -50.16 -31.26 44.47
CA ASP C 628 -51.32 -30.83 43.69
C ASP C 628 -50.95 -30.30 42.30
N ASP C 629 -49.71 -30.48 41.88
CA ASP C 629 -49.26 -30.19 40.53
C ASP C 629 -49.17 -31.51 39.77
N SER C 630 -49.20 -31.44 38.45
CA SER C 630 -49.12 -32.67 37.68
C SER C 630 -48.86 -32.33 36.22
N ALA C 631 -48.33 -33.33 35.50
CA ALA C 631 -48.16 -33.18 34.05
C ALA C 631 -49.51 -32.87 33.39
N THR C 632 -50.59 -33.46 33.91
CA THR C 632 -51.91 -33.22 33.34
C THR C 632 -52.40 -31.80 33.62
N LYS C 633 -52.04 -31.23 34.78
CA LYS C 633 -52.52 -29.90 35.13
C LYS C 633 -51.88 -28.80 34.29
N ARG C 634 -50.79 -29.12 33.59
CA ARG C 634 -50.07 -28.17 32.76
C ARG C 634 -50.29 -28.36 31.27
N ALA C 635 -51.00 -29.40 30.87
CA ALA C 635 -51.13 -29.74 29.45
C ALA C 635 -52.07 -28.88 28.62
N PRO C 636 -53.09 -28.24 29.19
CA PRO C 636 -54.14 -27.65 28.33
C PRO C 636 -53.58 -26.78 27.21
N GLU C 637 -52.69 -25.83 27.54
CA GLU C 637 -52.29 -24.83 26.57
C GLU C 637 -51.68 -25.46 25.32
N LEU C 638 -50.81 -26.47 25.50
CA LEU C 638 -50.20 -27.12 24.34
C LEU C 638 -51.21 -27.95 23.58
N LEU C 639 -52.17 -28.57 24.27
CA LEU C 639 -53.17 -29.40 23.62
C LEU C 639 -54.12 -28.56 22.79
N GLN C 640 -54.47 -27.37 23.28
CA GLN C 640 -55.37 -26.49 22.55
C GLN C 640 -54.77 -26.10 21.22
N TYR C 641 -53.48 -25.74 21.23
CA TYR C 641 -52.79 -25.39 19.99
C TYR C 641 -52.79 -26.58 19.03
N LEU C 642 -52.27 -27.72 19.48
CA LEU C 642 -52.15 -28.90 18.63
C LEU C 642 -53.49 -29.29 18.03
N ASN C 643 -54.55 -29.29 18.85
CA ASN C 643 -55.86 -29.74 18.38
C ASN C 643 -56.39 -28.91 17.23
N GLN C 644 -56.06 -27.62 17.20
CA GLN C 644 -56.61 -26.69 16.22
C GLN C 644 -55.80 -26.67 14.94
N ASN C 645 -54.48 -26.76 15.05
CA ASN C 645 -53.59 -26.61 13.92
C ASN C 645 -53.25 -27.93 13.23
N TYR C 646 -53.64 -29.07 13.78
CA TYR C 646 -53.30 -30.38 13.22
C TYR C 646 -54.53 -31.27 13.14
N GLN C 647 -55.00 -31.51 11.92
CA GLN C 647 -56.19 -32.34 11.72
C GLN C 647 -56.01 -33.37 10.61
N LEU C 648 -57.02 -33.50 9.75
CA LEU C 648 -56.95 -34.43 8.62
C LEU C 648 -56.18 -33.81 7.46
OAX RB6 D . 8.56 29.38 -33.05
CAW RB6 D . 7.83 28.52 -32.62
CAY RB6 D . 8.09 27.24 -32.84
CBB RB6 D . 9.32 26.64 -32.21
NBF RB6 D . 10.21 27.31 -31.35
SBE RB6 D . 11.35 26.38 -31.06
CBD RB6 D . 11.17 25.11 -31.90
NBG RB6 D . 11.85 23.98 -31.91
NBC RB6 D . 10.09 25.39 -32.70
NAZ RB6 D . 7.63 26.68 -33.87
OBA RB6 D . 6.50 27.15 -34.51
N RB6 D . 6.76 28.78 -31.88
CA RB6 D . 6.71 30.04 -31.11
C RB6 D . 6.45 29.83 -29.65
O RB6 D . 6.30 28.71 -29.20
CB RB6 D . 5.63 30.92 -31.71
SAS RB6 D . 5.87 31.13 -33.43
CAR RB6 D . 5.21 29.66 -34.10
NAC RB6 D . 4.36 30.24 -31.42
CAD RB6 D . 3.47 29.72 -32.30
CBH RB6 D . 2.26 29.49 -31.80
OBI RB6 D . 2.06 29.78 -30.60
OBJ RB6 D . 1.33 29.01 -32.49
CAE RB6 D . 3.82 29.47 -33.58
CAF RB6 D . 2.87 29.03 -34.60
CAG RB6 D . 2.17 30.01 -35.21
CAH RB6 D . 1.30 29.78 -36.16
OAI RB6 D . 1.07 28.68 -36.61
CAQ RB6 D . 2.31 31.47 -34.86
CAP RB6 D . 1.29 32.15 -35.79
NAJ RB6 D . 0.83 30.99 -36.52
CAK RB6 D . -0.07 31.28 -37.63
CAL RB6 D . -0.64 29.98 -38.18
CAM RB6 D . -0.65 30.15 -39.69
NAN RB6 D . 0.36 31.18 -40.01
CAO RB6 D . 0.84 31.79 -38.75
S SO4 E . 25.55 38.69 -18.19
O1 SO4 E . 26.63 37.75 -17.84
O2 SO4 E . 24.29 37.95 -18.29
O3 SO4 E . 25.84 39.32 -19.47
O4 SO4 E . 25.45 39.71 -17.15
OAX RB6 F . 21.79 1.61 15.49
CAW RB6 F . 22.67 2.10 14.79
CAY RB6 F . 22.99 1.57 13.62
CBB RB6 F . 21.98 1.51 12.51
NBF RB6 F . 20.64 1.94 12.56
SBE RB6 F . 19.99 1.56 11.25
CBD RB6 F . 20.98 0.74 10.43
NBG RB6 F . 20.92 0.29 9.18
NBC RB6 F . 22.04 0.56 11.28
NAZ RB6 F . 23.96 0.77 13.56
OBA RB6 F . 24.92 0.78 14.57
N RB6 F . 23.34 3.20 15.12
CA RB6 F . 22.72 4.26 15.90
C RB6 F . 22.82 5.55 15.10
O RB6 F . 23.31 5.53 13.98
CB RB6 F . 23.41 4.38 17.25
SAS RB6 F . 23.68 2.79 17.96
CAR RB6 F . 25.06 2.22 17.05
NAC RB6 F . 24.65 5.03 16.88
CAD RB6 F . 25.90 4.58 16.94
CBH RB6 F . 26.81 5.55 16.80
OBI RB6 F . 26.40 6.73 16.67
OBJ RB6 F . 28.03 5.31 16.80
CAE RB6 F . 26.15 3.26 17.07
CAF RB6 F . 27.50 2.75 17.28
CAG RB6 F . 27.91 2.78 18.54
CAH RB6 F . 29.08 2.34 18.97
OAI RB6 F . 29.92 1.83 18.24
CAQ RB6 F . 27.05 3.34 19.66
CAP RB6 F . 27.97 3.25 20.89
NAJ RB6 F . 29.13 2.62 20.27
CAK RB6 F . 30.20 2.29 21.21
CAL RB6 F . 30.83 0.99 20.73
CAM RB6 F . 31.16 0.20 21.99
NAN RB6 F . 30.26 0.70 23.05
CAO RB6 F . 29.55 1.88 22.53
S SO4 G . -1.36 9.61 12.48
O1 SO4 G . -0.47 8.90 11.57
O2 SO4 G . -0.72 10.83 12.95
O3 SO4 G . -1.67 8.76 13.62
O4 SO4 G . -2.60 9.95 11.77
OAX RB6 H . -49.31 -46.50 41.51
CAW RB6 H . -48.68 -45.68 40.86
CAY RB6 H . -47.53 -45.21 41.31
CBB RB6 H . -46.31 -46.08 41.20
NBF RB6 H . -46.26 -47.37 40.64
SBE RB6 H . -44.87 -47.91 40.86
CBD RB6 H . -44.10 -46.90 41.71
NBG RB6 H . -42.81 -46.87 42.05
NBC RB6 H . -45.02 -45.94 42.05
NAZ RB6 H . -47.54 -44.29 42.17
OBA RB6 H . -48.65 -43.45 42.31
N RB6 H . -49.10 -45.18 39.71
CA RB6 H . -49.86 -45.97 38.75
C RB6 H . -49.27 -45.96 37.37
O RB6 H . -48.26 -45.33 37.15
CB RB6 H . -51.29 -45.43 38.71
SAS RB6 H . -51.91 -45.38 40.35
CAR RB6 H . -51.29 -43.86 40.98
NAC RB6 H . -51.26 -44.08 38.11
CAD RB6 H . -51.58 -42.89 38.69
CBH RB6 H . -51.86 -41.87 37.85
OBI RB6 H . -51.79 -42.05 36.62
OBJ RB6 H . -52.17 -40.73 38.27
CAE RB6 H . -51.65 -42.76 40.03
CAF RB6 H . -52.11 -41.54 40.74
CAG RB6 H . -53.42 -41.31 40.96
CAH RB6 H . -53.85 -40.24 41.60
OAI RB6 H . -53.13 -39.38 42.09
CAQ RB6 H . -54.55 -42.20 40.52
CAP RB6 H . -55.82 -41.43 40.94
NAJ RB6 H . -55.17 -40.30 41.59
CAK RB6 H . -56.04 -39.28 42.17
CAL RB6 H . -55.64 -39.13 43.62
CAM RB6 H . -56.96 -38.92 44.36
NAN RB6 H . -58.03 -39.50 43.52
CAO RB6 H . -57.45 -39.86 42.21
S SO4 I . -43.30 -68.45 31.01
O1 SO4 I . -43.35 -69.49 29.97
O2 SO4 I . -41.95 -68.40 31.57
O3 SO4 I . -44.24 -68.79 32.07
O4 SO4 I . -43.64 -67.16 30.43
#